data_4ZQV
# 
_entry.id   4ZQV 
# 
_audit_conform.dict_name       mmcif_pdbx.dic 
_audit_conform.dict_version    5.379 
_audit_conform.dict_location   http://mmcif.pdb.org/dictionaries/ascii/mmcif_pdbx.dic 
# 
loop_
_database_2.database_id 
_database_2.database_code 
_database_2.pdbx_database_accession 
_database_2.pdbx_DOI 
PDB   4ZQV         pdb_00004zqv 10.2210/pdb4zqv/pdb 
WWPDB D_1000201393 ?            ?                   
# 
_pdbx_database_status.status_code                     REL 
_pdbx_database_status.status_code_sf                  REL 
_pdbx_database_status.status_code_mr                  ? 
_pdbx_database_status.entry_id                        4ZQV 
_pdbx_database_status.recvd_initial_deposition_date   2015-05-11 
_pdbx_database_status.SG_entry                        N 
_pdbx_database_status.deposit_site                    RCSB 
_pdbx_database_status.process_site                    RCSB 
_pdbx_database_status.status_code_cs                  ? 
_pdbx_database_status.methods_development_category    ? 
_pdbx_database_status.pdb_format_compatible           Y 
_pdbx_database_status.status_code_nmr_data            ? 
# 
loop_
_audit_author.name 
_audit_author.pdbx_ordinal 
'Morse, R.P.'    1 
'Goulding, C.W.' 2 
# 
_citation.abstract                  ? 
_citation.abstract_id_CAS           ? 
_citation.book_id_ISBN              ? 
_citation.book_publisher            ? 
_citation.book_publisher_city       ? 
_citation.book_title                ? 
_citation.coordinate_linkage        ? 
_citation.country                   UK 
_citation.database_id_Medline       ? 
_citation.details                   ? 
_citation.id                        primary 
_citation.journal_abbrev            J.Mol.Biol. 
_citation.journal_id_ASTM           JMOBAK 
_citation.journal_id_CSD            0070 
_citation.journal_id_ISSN           1089-8638 
_citation.journal_full              ? 
_citation.journal_issue             ? 
_citation.journal_volume            427 
_citation.language                  ? 
_citation.page_first                3766 
_citation.page_last                 3784 
_citation.title                     'Diversification of beta-Augmentation Interactions between CDI Toxin/Immunity Proteins.' 
_citation.year                      2015 
_citation.database_id_CSD           ? 
_citation.pdbx_database_id_DOI      10.1016/j.jmb.2015.09.020 
_citation.pdbx_database_id_PubMed   26449640 
_citation.unpublished_flag          ? 
# 
loop_
_citation_author.citation_id 
_citation_author.name 
_citation_author.ordinal 
_citation_author.identifier_ORCID 
primary 'Morse, R.P.'    1 ? 
primary 'Willett, J.L.'  2 ? 
primary 'Johnson, P.M.'  3 ? 
primary 'Zheng, J.'      4 ? 
primary 'Credali, A.'    5 ? 
primary 'Iniguez, A.'    6 ? 
primary 'Nowick, J.S.'   7 ? 
primary 'Hayes, C.S.'    8 ? 
primary 'Goulding, C.W.' 9 ? 
# 
_cell.angle_alpha                  90.00 
_cell.angle_alpha_esd              ? 
_cell.angle_beta                   90.00 
_cell.angle_beta_esd               ? 
_cell.angle_gamma                  120.00 
_cell.angle_gamma_esd              ? 
_cell.entry_id                     4ZQV 
_cell.details                      ? 
_cell.formula_units_Z              ? 
_cell.length_a                     54.448 
_cell.length_a_esd                 ? 
_cell.length_b                     54.448 
_cell.length_b_esd                 ? 
_cell.length_c                     54.472 
_cell.length_c_esd                 ? 
_cell.volume                       ? 
_cell.volume_esd                   ? 
_cell.Z_PDB                        3 
_cell.reciprocal_angle_alpha       ? 
_cell.reciprocal_angle_beta        ? 
_cell.reciprocal_angle_gamma       ? 
_cell.reciprocal_angle_alpha_esd   ? 
_cell.reciprocal_angle_beta_esd    ? 
_cell.reciprocal_angle_gamma_esd   ? 
_cell.reciprocal_length_a          ? 
_cell.reciprocal_length_b          ? 
_cell.reciprocal_length_c          ? 
_cell.reciprocal_length_a_esd      ? 
_cell.reciprocal_length_b_esd      ? 
_cell.reciprocal_length_c_esd      ? 
_cell.pdbx_unique_axis             ? 
# 
_symmetry.entry_id                         4ZQV 
_symmetry.cell_setting                     ? 
_symmetry.Int_Tables_number                144 
_symmetry.space_group_name_Hall            ? 
_symmetry.space_group_name_H-M             'P 31' 
_symmetry.pdbx_full_space_group_name_H-M   ? 
# 
loop_
_entity.id 
_entity.type 
_entity.src_method 
_entity.pdbx_description 
_entity.formula_weight 
_entity.pdbx_number_of_molecules 
_entity.pdbx_ec 
_entity.pdbx_mutation 
_entity.pdbx_fragment 
_entity.details 
1 polymer man 'CdiI Immunity protein' 19845.387 1   ? ? ? ? 
2 water   nat water                   18.015    130 ? ? ? ? 
# 
_entity_poly.entity_id                      1 
_entity_poly.type                           'polypeptide(L)' 
_entity_poly.nstd_linkage                   no 
_entity_poly.nstd_monomer                   no 
_entity_poly.pdbx_seq_one_letter_code       
;MFNKDQDYWVSVYSTKDFLSVETDSGLGRVRRDPLFPSHLLPPDADNQTIGDAVLIALSNSRTLSLEESADFFDLETGKE
QYATWIAMLMEKYGYKTKRALFKDMKNCSIHCINDLITISPTRHEKLEAWSGRGIKESDDVVIPADSIPEEIGAALRLAL
SRCKGTSLEHHHHHH
;
_entity_poly.pdbx_seq_one_letter_code_can   
;MFNKDQDYWVSVYSTKDFLSVETDSGLGRVRRDPLFPSHLLPPDADNQTIGDAVLIALSNSRTLSLEESADFFDLETGKE
QYATWIAMLMEKYGYKTKRALFKDMKNCSIHCINDLITISPTRHEKLEAWSGRGIKESDDVVIPADSIPEEIGAALRLAL
SRCKGTSLEHHHHHH
;
_entity_poly.pdbx_strand_id                 A 
_entity_poly.pdbx_target_identifier         ? 
# 
loop_
_entity_poly_seq.entity_id 
_entity_poly_seq.num 
_entity_poly_seq.mon_id 
_entity_poly_seq.hetero 
1 1   MET n 
1 2   PHE n 
1 3   ASN n 
1 4   LYS n 
1 5   ASP n 
1 6   GLN n 
1 7   ASP n 
1 8   TYR n 
1 9   TRP n 
1 10  VAL n 
1 11  SER n 
1 12  VAL n 
1 13  TYR n 
1 14  SER n 
1 15  THR n 
1 16  LYS n 
1 17  ASP n 
1 18  PHE n 
1 19  LEU n 
1 20  SER n 
1 21  VAL n 
1 22  GLU n 
1 23  THR n 
1 24  ASP n 
1 25  SER n 
1 26  GLY n 
1 27  LEU n 
1 28  GLY n 
1 29  ARG n 
1 30  VAL n 
1 31  ARG n 
1 32  ARG n 
1 33  ASP n 
1 34  PRO n 
1 35  LEU n 
1 36  PHE n 
1 37  PRO n 
1 38  SER n 
1 39  HIS n 
1 40  LEU n 
1 41  LEU n 
1 42  PRO n 
1 43  PRO n 
1 44  ASP n 
1 45  ALA n 
1 46  ASP n 
1 47  ASN n 
1 48  GLN n 
1 49  THR n 
1 50  ILE n 
1 51  GLY n 
1 52  ASP n 
1 53  ALA n 
1 54  VAL n 
1 55  LEU n 
1 56  ILE n 
1 57  ALA n 
1 58  LEU n 
1 59  SER n 
1 60  ASN n 
1 61  SER n 
1 62  ARG n 
1 63  THR n 
1 64  LEU n 
1 65  SER n 
1 66  LEU n 
1 67  GLU n 
1 68  GLU n 
1 69  SER n 
1 70  ALA n 
1 71  ASP n 
1 72  PHE n 
1 73  PHE n 
1 74  ASP n 
1 75  LEU n 
1 76  GLU n 
1 77  THR n 
1 78  GLY n 
1 79  LYS n 
1 80  GLU n 
1 81  GLN n 
1 82  TYR n 
1 83  ALA n 
1 84  THR n 
1 85  TRP n 
1 86  ILE n 
1 87  ALA n 
1 88  MET n 
1 89  LEU n 
1 90  MET n 
1 91  GLU n 
1 92  LYS n 
1 93  TYR n 
1 94  GLY n 
1 95  TYR n 
1 96  LYS n 
1 97  THR n 
1 98  LYS n 
1 99  ARG n 
1 100 ALA n 
1 101 LEU n 
1 102 PHE n 
1 103 LYS n 
1 104 ASP n 
1 105 MET n 
1 106 LYS n 
1 107 ASN n 
1 108 CYS n 
1 109 SER n 
1 110 ILE n 
1 111 HIS n 
1 112 CYS n 
1 113 ILE n 
1 114 ASN n 
1 115 ASP n 
1 116 LEU n 
1 117 ILE n 
1 118 THR n 
1 119 ILE n 
1 120 SER n 
1 121 PRO n 
1 122 THR n 
1 123 ARG n 
1 124 HIS n 
1 125 GLU n 
1 126 LYS n 
1 127 LEU n 
1 128 GLU n 
1 129 ALA n 
1 130 TRP n 
1 131 SER n 
1 132 GLY n 
1 133 ARG n 
1 134 GLY n 
1 135 ILE n 
1 136 LYS n 
1 137 GLU n 
1 138 SER n 
1 139 ASP n 
1 140 ASP n 
1 141 VAL n 
1 142 VAL n 
1 143 ILE n 
1 144 PRO n 
1 145 ALA n 
1 146 ASP n 
1 147 SER n 
1 148 ILE n 
1 149 PRO n 
1 150 GLU n 
1 151 GLU n 
1 152 ILE n 
1 153 GLY n 
1 154 ALA n 
1 155 ALA n 
1 156 LEU n 
1 157 ARG n 
1 158 LEU n 
1 159 ALA n 
1 160 LEU n 
1 161 SER n 
1 162 ARG n 
1 163 CYS n 
1 164 LYS n 
1 165 GLY n 
1 166 THR n 
1 167 SER n 
1 168 LEU n 
1 169 GLU n 
1 170 HIS n 
1 171 HIS n 
1 172 HIS n 
1 173 HIS n 
1 174 HIS n 
1 175 HIS n 
# 
_entity_src_gen.entity_id                          1 
_entity_src_gen.pdbx_src_id                        1 
_entity_src_gen.pdbx_alt_source_flag               sample 
_entity_src_gen.pdbx_seq_type                      'Biological sequence' 
_entity_src_gen.pdbx_beg_seq_num                   1 
_entity_src_gen.pdbx_end_seq_num                   175 
_entity_src_gen.gene_src_common_name               ? 
_entity_src_gen.gene_src_genus                     ? 
_entity_src_gen.pdbx_gene_src_gene                 ykris0001_10740 
_entity_src_gen.gene_src_species                   ? 
_entity_src_gen.gene_src_strain                    ? 
_entity_src_gen.gene_src_tissue                    ? 
_entity_src_gen.gene_src_tissue_fraction           ? 
_entity_src_gen.gene_src_details                   ? 
_entity_src_gen.pdbx_gene_src_fragment             ? 
_entity_src_gen.pdbx_gene_src_scientific_name      'Yersinia kristensenii ATCC 33638' 
_entity_src_gen.pdbx_gene_src_ncbi_taxonomy_id     527012 
_entity_src_gen.pdbx_gene_src_variant              ? 
_entity_src_gen.pdbx_gene_src_cell_line            ? 
_entity_src_gen.pdbx_gene_src_atcc                 ? 
_entity_src_gen.pdbx_gene_src_organ                ? 
_entity_src_gen.pdbx_gene_src_organelle            ? 
_entity_src_gen.pdbx_gene_src_cell                 ? 
_entity_src_gen.pdbx_gene_src_cellular_location    ? 
_entity_src_gen.host_org_common_name               ? 
_entity_src_gen.pdbx_host_org_scientific_name      'Escherichia coli BL21(DE3)' 
_entity_src_gen.pdbx_host_org_ncbi_taxonomy_id     469008 
_entity_src_gen.host_org_genus                     ? 
_entity_src_gen.pdbx_host_org_gene                 ? 
_entity_src_gen.pdbx_host_org_organ                ? 
_entity_src_gen.host_org_species                   ? 
_entity_src_gen.pdbx_host_org_tissue               ? 
_entity_src_gen.pdbx_host_org_tissue_fraction      ? 
_entity_src_gen.pdbx_host_org_strain               ? 
_entity_src_gen.pdbx_host_org_variant              ? 
_entity_src_gen.pdbx_host_org_cell_line            ? 
_entity_src_gen.pdbx_host_org_atcc                 ? 
_entity_src_gen.pdbx_host_org_culture_collection   ? 
_entity_src_gen.pdbx_host_org_cell                 ? 
_entity_src_gen.pdbx_host_org_organelle            ? 
_entity_src_gen.pdbx_host_org_cellular_location    ? 
_entity_src_gen.pdbx_host_org_vector_type          ? 
_entity_src_gen.pdbx_host_org_vector               ? 
_entity_src_gen.host_org_details                   ? 
_entity_src_gen.expression_system_id               ? 
_entity_src_gen.plasmid_name                       ? 
_entity_src_gen.plasmid_details                    ? 
_entity_src_gen.pdbx_description                   ? 
# 
_struct_ref.db_code                    C4TS51_YERKR 
_struct_ref.db_name                    UNP 
_struct_ref.details                    ? 
_struct_ref.entity_id                  1 
_struct_ref.id                         1 
_struct_ref.seq_align                  ? 
_struct_ref.seq_dif                    ? 
_struct_ref.pdbx_db_accession          C4TS51 
_struct_ref.pdbx_db_isoform            ? 
_struct_ref.pdbx_seq_one_letter_code   
;MFNKDQDYWVSVYSTKDFLSVETDSGLGRVRRDPLFPSHLLPPDADNQTIGDAVLIALSNSRTLSLEESADFFDLETGKE
QYAAWIAMLMEKYGYKTKRALFKDMKNCSIHCINDLITISPTRHEKLEAWSGRGIKESDDVVIPADSIPEEIGAALRLAL
SRCKG
;
_struct_ref.pdbx_align_begin           1 
_struct_ref.pdbx_align_end             ? 
# 
_struct_ref_seq.align_id                      1 
_struct_ref_seq.ref_id                        1 
_struct_ref_seq.pdbx_PDB_id_code              4ZQV 
_struct_ref_seq.pdbx_strand_id                A 
_struct_ref_seq.seq_align_beg                 1 
_struct_ref_seq.pdbx_seq_align_beg_ins_code   ? 
_struct_ref_seq.seq_align_end                 165 
_struct_ref_seq.pdbx_seq_align_end_ins_code   ? 
_struct_ref_seq.pdbx_db_accession             C4TS51 
_struct_ref_seq.db_align_beg                  1 
_struct_ref_seq.pdbx_db_align_beg_ins_code    ? 
_struct_ref_seq.db_align_end                  165 
_struct_ref_seq.pdbx_db_align_end_ins_code    ? 
_struct_ref_seq.pdbx_auth_seq_align_beg       1 
_struct_ref_seq.pdbx_auth_seq_align_end       165 
# 
loop_
_struct_ref_seq_dif.align_id 
_struct_ref_seq_dif.pdbx_pdb_id_code 
_struct_ref_seq_dif.mon_id 
_struct_ref_seq_dif.pdbx_pdb_strand_id 
_struct_ref_seq_dif.seq_num 
_struct_ref_seq_dif.pdbx_pdb_ins_code 
_struct_ref_seq_dif.pdbx_seq_db_name 
_struct_ref_seq_dif.pdbx_seq_db_accession_code 
_struct_ref_seq_dif.db_mon_id 
_struct_ref_seq_dif.pdbx_seq_db_seq_num 
_struct_ref_seq_dif.details 
_struct_ref_seq_dif.pdbx_auth_seq_num 
_struct_ref_seq_dif.pdbx_ordinal 
1 4ZQV THR A 84  ? UNP C4TS51 ALA 84 conflict         84  1  
1 4ZQV THR A 166 ? UNP C4TS51 ?   ?  'expression tag' 166 2  
1 4ZQV SER A 167 ? UNP C4TS51 ?   ?  'expression tag' 167 3  
1 4ZQV LEU A 168 ? UNP C4TS51 ?   ?  'expression tag' 168 4  
1 4ZQV GLU A 169 ? UNP C4TS51 ?   ?  'expression tag' 169 5  
1 4ZQV HIS A 170 ? UNP C4TS51 ?   ?  'expression tag' 170 6  
1 4ZQV HIS A 171 ? UNP C4TS51 ?   ?  'expression tag' 171 7  
1 4ZQV HIS A 172 ? UNP C4TS51 ?   ?  'expression tag' 172 8  
1 4ZQV HIS A 173 ? UNP C4TS51 ?   ?  'expression tag' 173 9  
1 4ZQV HIS A 174 ? UNP C4TS51 ?   ?  'expression tag' 174 10 
1 4ZQV HIS A 175 ? UNP C4TS51 ?   ?  'expression tag' 175 11 
# 
loop_
_chem_comp.id 
_chem_comp.type 
_chem_comp.mon_nstd_flag 
_chem_comp.name 
_chem_comp.pdbx_synonyms 
_chem_comp.formula 
_chem_comp.formula_weight 
ALA 'L-peptide linking' y ALANINE         ? 'C3 H7 N O2'     89.093  
ARG 'L-peptide linking' y ARGININE        ? 'C6 H15 N4 O2 1' 175.209 
ASN 'L-peptide linking' y ASPARAGINE      ? 'C4 H8 N2 O3'    132.118 
ASP 'L-peptide linking' y 'ASPARTIC ACID' ? 'C4 H7 N O4'     133.103 
CYS 'L-peptide linking' y CYSTEINE        ? 'C3 H7 N O2 S'   121.158 
GLN 'L-peptide linking' y GLUTAMINE       ? 'C5 H10 N2 O3'   146.144 
GLU 'L-peptide linking' y 'GLUTAMIC ACID' ? 'C5 H9 N O4'     147.129 
GLY 'peptide linking'   y GLYCINE         ? 'C2 H5 N O2'     75.067  
HIS 'L-peptide linking' y HISTIDINE       ? 'C6 H10 N3 O2 1' 156.162 
HOH non-polymer         . WATER           ? 'H2 O'           18.015  
ILE 'L-peptide linking' y ISOLEUCINE      ? 'C6 H13 N O2'    131.173 
LEU 'L-peptide linking' y LEUCINE         ? 'C6 H13 N O2'    131.173 
LYS 'L-peptide linking' y LYSINE          ? 'C6 H15 N2 O2 1' 147.195 
MET 'L-peptide linking' y METHIONINE      ? 'C5 H11 N O2 S'  149.211 
PHE 'L-peptide linking' y PHENYLALANINE   ? 'C9 H11 N O2'    165.189 
PRO 'L-peptide linking' y PROLINE         ? 'C5 H9 N O2'     115.130 
SER 'L-peptide linking' y SERINE          ? 'C3 H7 N O3'     105.093 
THR 'L-peptide linking' y THREONINE       ? 'C4 H9 N O3'     119.119 
TRP 'L-peptide linking' y TRYPTOPHAN      ? 'C11 H12 N2 O2'  204.225 
TYR 'L-peptide linking' y TYROSINE        ? 'C9 H11 N O3'    181.189 
VAL 'L-peptide linking' y VALINE          ? 'C5 H11 N O2'    117.146 
# 
_exptl.absorpt_coefficient_mu     ? 
_exptl.absorpt_correction_T_max   ? 
_exptl.absorpt_correction_T_min   ? 
_exptl.absorpt_correction_type    ? 
_exptl.absorpt_process_details    ? 
_exptl.entry_id                   4ZQV 
_exptl.crystals_number            ? 
_exptl.details                    ? 
_exptl.method                     'X-RAY DIFFRACTION' 
_exptl.method_details             ? 
# 
_exptl_crystal.colour                      ? 
_exptl_crystal.density_diffrn              ? 
_exptl_crystal.density_Matthews            2.35 
_exptl_crystal.density_method              ? 
_exptl_crystal.density_percent_sol         47.64 
_exptl_crystal.description                 ? 
_exptl_crystal.F_000                       ? 
_exptl_crystal.id                          1 
_exptl_crystal.preparation                 ? 
_exptl_crystal.size_max                    ? 
_exptl_crystal.size_mid                    ? 
_exptl_crystal.size_min                    ? 
_exptl_crystal.size_rad                    ? 
_exptl_crystal.colour_lustre               ? 
_exptl_crystal.colour_modifier             ? 
_exptl_crystal.colour_primary              ? 
_exptl_crystal.density_meas                ? 
_exptl_crystal.density_meas_esd            ? 
_exptl_crystal.density_meas_gt             ? 
_exptl_crystal.density_meas_lt             ? 
_exptl_crystal.density_meas_temp           ? 
_exptl_crystal.density_meas_temp_esd       ? 
_exptl_crystal.density_meas_temp_gt        ? 
_exptl_crystal.density_meas_temp_lt        ? 
_exptl_crystal.pdbx_crystal_image_url      ? 
_exptl_crystal.pdbx_crystal_image_format   ? 
_exptl_crystal.pdbx_mosaicity              ? 
_exptl_crystal.pdbx_mosaicity_esd          ? 
# 
_exptl_crystal_grow.apparatus       ? 
_exptl_crystal_grow.atmosphere      ? 
_exptl_crystal_grow.crystal_id      1 
_exptl_crystal_grow.details         ? 
_exptl_crystal_grow.method          'VAPOR DIFFUSION, HANGING DROP' 
_exptl_crystal_grow.method_ref      ? 
_exptl_crystal_grow.pH              7.4 
_exptl_crystal_grow.pressure        ? 
_exptl_crystal_grow.pressure_esd    ? 
_exptl_crystal_grow.seeding         ? 
_exptl_crystal_grow.seeding_ref     ? 
_exptl_crystal_grow.temp            298 
_exptl_crystal_grow.temp_details    ? 
_exptl_crystal_grow.temp_esd        ? 
_exptl_crystal_grow.time            ? 
_exptl_crystal_grow.pdbx_details    '0.2 M Ammonium Sulfate, 20% PEG 3350' 
_exptl_crystal_grow.pdbx_pH_range   ? 
# 
_diffrn.ambient_environment    ? 
_diffrn.ambient_temp           100 
_diffrn.ambient_temp_details   ? 
_diffrn.ambient_temp_esd       ? 
_diffrn.crystal_id             1 
_diffrn.crystal_support        ? 
_diffrn.crystal_treatment      ? 
_diffrn.details                ? 
_diffrn.id                     1 
_diffrn.ambient_pressure       ? 
_diffrn.ambient_pressure_esd   ? 
_diffrn.ambient_pressure_gt    ? 
_diffrn.ambient_pressure_lt    ? 
_diffrn.ambient_temp_gt        ? 
_diffrn.ambient_temp_lt        ? 
# 
_diffrn_detector.details                      ? 
_diffrn_detector.detector                     CCD 
_diffrn_detector.diffrn_id                    1 
_diffrn_detector.type                         'ADSC QUANTUM 315r' 
_diffrn_detector.area_resol_mean              ? 
_diffrn_detector.dtime                        ? 
_diffrn_detector.pdbx_frames_total            ? 
_diffrn_detector.pdbx_collection_time_total   ? 
_diffrn_detector.pdbx_collection_date         2013-03-16 
# 
_diffrn_radiation.collimation                      ? 
_diffrn_radiation.diffrn_id                        1 
_diffrn_radiation.filter_edge                      ? 
_diffrn_radiation.inhomogeneity                    ? 
_diffrn_radiation.monochromator                    ? 
_diffrn_radiation.polarisn_norm                    ? 
_diffrn_radiation.polarisn_ratio                   ? 
_diffrn_radiation.probe                            ? 
_diffrn_radiation.type                             ? 
_diffrn_radiation.xray_symbol                      ? 
_diffrn_radiation.wavelength_id                    1 
_diffrn_radiation.pdbx_monochromatic_or_laue_m_l   M 
_diffrn_radiation.pdbx_wavelength_list             ? 
_diffrn_radiation.pdbx_wavelength                  ? 
_diffrn_radiation.pdbx_diffrn_protocol             'SINGLE WAVELENGTH' 
_diffrn_radiation.pdbx_analyzer                    ? 
_diffrn_radiation.pdbx_scattering_type             x-ray 
# 
_diffrn_radiation_wavelength.id           1 
_diffrn_radiation_wavelength.wavelength   1.0 
_diffrn_radiation_wavelength.wt           1.0 
# 
_diffrn_source.current                     ? 
_diffrn_source.details                     ? 
_diffrn_source.diffrn_id                   1 
_diffrn_source.power                       ? 
_diffrn_source.size                        ? 
_diffrn_source.source                      SYNCHROTRON 
_diffrn_source.target                      ? 
_diffrn_source.type                        'SSRL BEAMLINE BL7-1' 
_diffrn_source.voltage                     ? 
_diffrn_source.take-off_angle              ? 
_diffrn_source.pdbx_wavelength_list        1.0 
_diffrn_source.pdbx_wavelength             ? 
_diffrn_source.pdbx_synchrotron_beamline   BL7-1 
_diffrn_source.pdbx_synchrotron_site       SSRL 
# 
_reflns.B_iso_Wilson_estimate            ? 
_reflns.entry_id                         4ZQV 
_reflns.data_reduction_details           ? 
_reflns.data_reduction_method            ? 
_reflns.d_resolution_high                1.8 
_reflns.d_resolution_low                 50 
_reflns.details                          ? 
_reflns.limit_h_max                      ? 
_reflns.limit_h_min                      ? 
_reflns.limit_k_max                      ? 
_reflns.limit_k_min                      ? 
_reflns.limit_l_max                      ? 
_reflns.limit_l_min                      ? 
_reflns.number_all                       ? 
_reflns.number_obs                       16618 
_reflns.observed_criterion               ? 
_reflns.observed_criterion_F_max         ? 
_reflns.observed_criterion_F_min         ? 
_reflns.observed_criterion_I_max         ? 
_reflns.observed_criterion_I_min         ? 
_reflns.observed_criterion_sigma_F       ? 
_reflns.observed_criterion_sigma_I       ? 
_reflns.percent_possible_obs             99.7 
_reflns.R_free_details                   ? 
_reflns.Rmerge_F_all                     ? 
_reflns.Rmerge_F_obs                     ? 
_reflns.Friedel_coverage                 ? 
_reflns.number_gt                        ? 
_reflns.threshold_expression             ? 
_reflns.pdbx_redundancy                  5.4 
_reflns.pdbx_Rmerge_I_obs                ? 
_reflns.pdbx_Rmerge_I_all                ? 
_reflns.pdbx_Rsym_value                  ? 
_reflns.pdbx_netI_over_av_sigmaI         ? 
_reflns.pdbx_netI_over_sigmaI            9.48 
_reflns.pdbx_res_netI_over_av_sigmaI_2   ? 
_reflns.pdbx_res_netI_over_sigmaI_2      ? 
_reflns.pdbx_chi_squared                 ? 
_reflns.pdbx_scaling_rejects             ? 
_reflns.pdbx_d_res_high_opt              ? 
_reflns.pdbx_d_res_low_opt               ? 
_reflns.pdbx_d_res_opt_method            ? 
_reflns.phase_calculation_details        ? 
_reflns.pdbx_Rrim_I_all                  ? 
_reflns.pdbx_Rpim_I_all                  ? 
_reflns.pdbx_d_opt                       ? 
_reflns.pdbx_number_measured_all         ? 
_reflns.pdbx_diffrn_id                   1 
_reflns.pdbx_ordinal                     1 
_reflns.pdbx_CC_half                     ? 
_reflns.pdbx_R_split                     ? 
# 
_refine.aniso_B[1][1]                            ? 
_refine.aniso_B[1][2]                            ? 
_refine.aniso_B[1][3]                            ? 
_refine.aniso_B[2][2]                            ? 
_refine.aniso_B[2][3]                            ? 
_refine.aniso_B[3][3]                            ? 
_refine.B_iso_max                                ? 
_refine.B_iso_mean                               ? 
_refine.B_iso_min                                ? 
_refine.correlation_coeff_Fo_to_Fc               ? 
_refine.correlation_coeff_Fo_to_Fc_free          ? 
_refine.details                                  ? 
_refine.diff_density_max                         ? 
_refine.diff_density_max_esd                     ? 
_refine.diff_density_min                         ? 
_refine.diff_density_min_esd                     ? 
_refine.diff_density_rms                         ? 
_refine.diff_density_rms_esd                     ? 
_refine.entry_id                                 4ZQV 
_refine.pdbx_refine_id                           'X-RAY DIFFRACTION' 
_refine.ls_abs_structure_details                 ? 
_refine.ls_abs_structure_Flack                   ? 
_refine.ls_abs_structure_Flack_esd               ? 
_refine.ls_abs_structure_Rogers                  ? 
_refine.ls_abs_structure_Rogers_esd              ? 
_refine.ls_d_res_high                            1.803 
_refine.ls_d_res_low                             23.584 
_refine.ls_extinction_coef                       ? 
_refine.ls_extinction_coef_esd                   ? 
_refine.ls_extinction_expression                 ? 
_refine.ls_extinction_method                     ? 
_refine.ls_goodness_of_fit_all                   ? 
_refine.ls_goodness_of_fit_all_esd               ? 
_refine.ls_goodness_of_fit_obs                   ? 
_refine.ls_goodness_of_fit_obs_esd               ? 
_refine.ls_hydrogen_treatment                    ? 
_refine.ls_matrix_type                           ? 
_refine.ls_number_constraints                    ? 
_refine.ls_number_parameters                     ? 
_refine.ls_number_reflns_all                     ? 
_refine.ls_number_reflns_obs                     16580 
_refine.ls_number_reflns_R_free                  1673 
_refine.ls_number_reflns_R_work                  ? 
_refine.ls_number_restraints                     ? 
_refine.ls_percent_reflns_obs                    99.60 
_refine.ls_percent_reflns_R_free                 10.09 
_refine.ls_R_factor_all                          ? 
_refine.ls_R_factor_obs                          0.1853 
_refine.ls_R_factor_R_free                       0.2214 
_refine.ls_R_factor_R_free_error                 ? 
_refine.ls_R_factor_R_free_error_details         ? 
_refine.ls_R_factor_R_work                       0.1813 
_refine.ls_R_Fsqd_factor_obs                     ? 
_refine.ls_R_I_factor_obs                        ? 
_refine.ls_redundancy_reflns_all                 ? 
_refine.ls_redundancy_reflns_obs                 ? 
_refine.ls_restrained_S_all                      ? 
_refine.ls_restrained_S_obs                      ? 
_refine.ls_shift_over_esd_max                    ? 
_refine.ls_shift_over_esd_mean                   ? 
_refine.ls_structure_factor_coef                 ? 
_refine.ls_weighting_details                     ? 
_refine.ls_weighting_scheme                      ? 
_refine.ls_wR_factor_all                         ? 
_refine.ls_wR_factor_obs                         ? 
_refine.ls_wR_factor_R_free                      ? 
_refine.ls_wR_factor_R_work                      ? 
_refine.occupancy_max                            ? 
_refine.occupancy_min                            ? 
_refine.solvent_model_details                    'FLAT BULK SOLVENT MODEL' 
_refine.solvent_model_param_bsol                 ? 
_refine.solvent_model_param_ksol                 ? 
_refine.ls_R_factor_gt                           ? 
_refine.ls_goodness_of_fit_gt                    ? 
_refine.ls_goodness_of_fit_ref                   ? 
_refine.ls_shift_over_su_max                     ? 
_refine.ls_shift_over_su_max_lt                  ? 
_refine.ls_shift_over_su_mean                    ? 
_refine.ls_shift_over_su_mean_lt                 ? 
_refine.pdbx_ls_sigma_I                          ? 
_refine.pdbx_ls_sigma_F                          1.96 
_refine.pdbx_ls_sigma_Fsqd                       ? 
_refine.pdbx_data_cutoff_high_absF               ? 
_refine.pdbx_data_cutoff_high_rms_absF           ? 
_refine.pdbx_data_cutoff_low_absF                ? 
_refine.pdbx_isotropic_thermal_model             ? 
_refine.pdbx_ls_cross_valid_method               NONE 
_refine.pdbx_method_to_determine_struct          'MOLECULAR REPLACEMENT' 
_refine.pdbx_starting_model                      4G6U 
_refine.pdbx_stereochemistry_target_values       ML 
_refine.pdbx_R_Free_selection_details            ? 
_refine.pdbx_stereochem_target_val_spec_case     ? 
_refine.pdbx_overall_ESU_R                       ? 
_refine.pdbx_overall_ESU_R_Free                  ? 
_refine.pdbx_solvent_vdw_probe_radii             1.11 
_refine.pdbx_solvent_ion_probe_radii             ? 
_refine.pdbx_solvent_shrinkage_radii             0.90 
_refine.pdbx_real_space_R                        ? 
_refine.pdbx_density_correlation                 ? 
_refine.pdbx_pd_number_of_powder_patterns        ? 
_refine.pdbx_pd_number_of_points                 ? 
_refine.pdbx_pd_meas_number_of_points            ? 
_refine.pdbx_pd_proc_ls_prof_R_factor            ? 
_refine.pdbx_pd_proc_ls_prof_wR_factor           ? 
_refine.pdbx_pd_Marquardt_correlation_coeff      ? 
_refine.pdbx_pd_Fsqrd_R_factor                   ? 
_refine.pdbx_pd_ls_matrix_band_width             ? 
_refine.pdbx_overall_phase_error                 25.11 
_refine.pdbx_overall_SU_R_free_Cruickshank_DPI   ? 
_refine.pdbx_overall_SU_R_free_Blow_DPI          ? 
_refine.pdbx_overall_SU_R_Blow_DPI               ? 
_refine.pdbx_TLS_residual_ADP_flag               ? 
_refine.pdbx_diffrn_id                           1 
_refine.overall_SU_B                             ? 
_refine.overall_SU_ML                            0.23 
_refine.overall_SU_R_Cruickshank_DPI             ? 
_refine.overall_SU_R_free                        ? 
_refine.overall_FOM_free_R_set                   ? 
_refine.overall_FOM_work_R_set                   ? 
_refine.pdbx_average_fsc_overall                 ? 
_refine.pdbx_average_fsc_work                    ? 
_refine.pdbx_average_fsc_free                    ? 
# 
_refine_hist.pdbx_refine_id                   'X-RAY DIFFRACTION' 
_refine_hist.cycle_id                         LAST 
_refine_hist.pdbx_number_atoms_protein        1283 
_refine_hist.pdbx_number_atoms_nucleic_acid   0 
_refine_hist.pdbx_number_atoms_ligand         0 
_refine_hist.number_atoms_solvent             130 
_refine_hist.number_atoms_total               1413 
_refine_hist.d_res_high                       1.803 
_refine_hist.d_res_low                        23.584 
# 
loop_
_refine_ls_restr.pdbx_refine_id 
_refine_ls_restr.criterion 
_refine_ls_restr.dev_ideal 
_refine_ls_restr.dev_ideal_target 
_refine_ls_restr.number 
_refine_ls_restr.rejects 
_refine_ls_restr.type 
_refine_ls_restr.weight 
_refine_ls_restr.pdbx_restraint_function 
'X-RAY DIFFRACTION' ? 0.007  ? 1309 ? f_bond_d           ? ? 
'X-RAY DIFFRACTION' ? 0.998  ? 1776 ? f_angle_d          ? ? 
'X-RAY DIFFRACTION' ? 10.713 ? 478  ? f_dihedral_angle_d ? ? 
'X-RAY DIFFRACTION' ? 0.040  ? 200  ? f_chiral_restr     ? ? 
'X-RAY DIFFRACTION' ? 0.005  ? 230  ? f_plane_restr      ? ? 
# 
_refine_ls_shell.pdbx_refine_id                   'X-RAY DIFFRACTION' 
_refine_ls_shell.d_res_high                       1.8031 
_refine_ls_shell.d_res_low                        1.8561 
_refine_ls_shell.number_reflns_all                ? 
_refine_ls_shell.number_reflns_obs                ? 
_refine_ls_shell.number_reflns_R_free             142 
_refine_ls_shell.number_reflns_R_work             1223 
_refine_ls_shell.percent_reflns_obs               100.00 
_refine_ls_shell.percent_reflns_R_free            ? 
_refine_ls_shell.R_factor_all                     ? 
_refine_ls_shell.R_factor_obs                     ? 
_refine_ls_shell.R_factor_R_free                  0.2804 
_refine_ls_shell.R_factor_R_free_error            ? 
_refine_ls_shell.R_factor_R_work                  0.2239 
_refine_ls_shell.redundancy_reflns_all            ? 
_refine_ls_shell.redundancy_reflns_obs            ? 
_refine_ls_shell.wR_factor_all                    ? 
_refine_ls_shell.wR_factor_obs                    ? 
_refine_ls_shell.wR_factor_R_free                 ? 
_refine_ls_shell.wR_factor_R_work                 ? 
_refine_ls_shell.pdbx_total_number_of_bins_used   ? 
_refine_ls_shell.pdbx_phase_error                 ? 
_refine_ls_shell.pdbx_fsc_work                    ? 
_refine_ls_shell.pdbx_fsc_free                    ? 
# 
_struct.entry_id                     4ZQV 
_struct.title                        'CdiI Immunity protein from Yersinia kristensenii' 
_struct.pdbx_model_details           ? 
_struct.pdbx_formula_weight          ? 
_struct.pdbx_formula_weight_method   ? 
_struct.pdbx_model_type_details      ? 
_struct.pdbx_CASP_flag               ? 
# 
_struct_keywords.entry_id        4ZQV 
_struct_keywords.text            'Immunity, IMMUNE SYSTEM' 
_struct_keywords.pdbx_keywords   'IMMUNE SYSTEM' 
# 
loop_
_struct_asym.id 
_struct_asym.pdbx_blank_PDB_chainid_flag 
_struct_asym.pdbx_modified 
_struct_asym.entity_id 
_struct_asym.details 
A N N 1 ? 
B N N 2 ? 
# 
loop_
_struct_conf.conf_type_id 
_struct_conf.id 
_struct_conf.pdbx_PDB_helix_id 
_struct_conf.beg_label_comp_id 
_struct_conf.beg_label_asym_id 
_struct_conf.beg_label_seq_id 
_struct_conf.pdbx_beg_PDB_ins_code 
_struct_conf.end_label_comp_id 
_struct_conf.end_label_asym_id 
_struct_conf.end_label_seq_id 
_struct_conf.pdbx_end_PDB_ins_code 
_struct_conf.beg_auth_comp_id 
_struct_conf.beg_auth_asym_id 
_struct_conf.beg_auth_seq_id 
_struct_conf.end_auth_comp_id 
_struct_conf.end_auth_asym_id 
_struct_conf.end_auth_seq_id 
_struct_conf.pdbx_PDB_helix_class 
_struct_conf.details 
_struct_conf.pdbx_PDB_helix_length 
HELX_P HELX_P1 AA1 ASP A 46  ? SER A 61  ? ASP A 46  SER A 61  1 ? 16 
HELX_P HELX_P2 AA2 SER A 65  ? PHE A 73  ? SER A 65  PHE A 73  1 ? 9  
HELX_P HELX_P3 AA3 ASP A 74  ? GLY A 94  ? ASP A 74  GLY A 94  1 ? 21 
HELX_P HELX_P4 AA4 THR A 97  ? LYS A 103 ? THR A 97  LYS A 103 1 ? 7  
HELX_P HELX_P5 AA5 LYS A 136 ? ASP A 140 ? LYS A 136 ASP A 140 5 ? 5  
HELX_P HELX_P6 AA6 ILE A 148 ? ARG A 162 ? ILE A 148 ARG A 162 1 ? 15 
# 
_struct_conf_type.id          HELX_P 
_struct_conf_type.criteria    ? 
_struct_conf_type.reference   ? 
# 
loop_
_struct_sheet.id 
_struct_sheet.type 
_struct_sheet.number_strands 
_struct_sheet.details 
AA1 ? 3 ? 
AA2 ? 6 ? 
AA3 ? 2 ? 
# 
loop_
_struct_sheet_order.sheet_id 
_struct_sheet_order.range_id_1 
_struct_sheet_order.range_id_2 
_struct_sheet_order.offset 
_struct_sheet_order.sense 
AA1 1 2 ? anti-parallel 
AA1 2 3 ? anti-parallel 
AA2 1 2 ? anti-parallel 
AA2 2 3 ? anti-parallel 
AA2 3 4 ? anti-parallel 
AA2 4 5 ? anti-parallel 
AA2 5 6 ? anti-parallel 
AA3 1 2 ? anti-parallel 
# 
loop_
_struct_sheet_range.sheet_id 
_struct_sheet_range.id 
_struct_sheet_range.beg_label_comp_id 
_struct_sheet_range.beg_label_asym_id 
_struct_sheet_range.beg_label_seq_id 
_struct_sheet_range.pdbx_beg_PDB_ins_code 
_struct_sheet_range.end_label_comp_id 
_struct_sheet_range.end_label_asym_id 
_struct_sheet_range.end_label_seq_id 
_struct_sheet_range.pdbx_end_PDB_ins_code 
_struct_sheet_range.beg_auth_comp_id 
_struct_sheet_range.beg_auth_asym_id 
_struct_sheet_range.beg_auth_seq_id 
_struct_sheet_range.end_auth_comp_id 
_struct_sheet_range.end_auth_asym_id 
_struct_sheet_range.end_auth_seq_id 
AA1 1 VAL A 30  ? ARG A 32  ? VAL A 30  ARG A 32  
AA1 2 LEU A 19  ? GLY A 26  ? LEU A 19  GLY A 26  
AA1 3 HIS A 39  ? LEU A 41  ? HIS A 39  LEU A 41  
AA2 1 VAL A 30  ? ARG A 32  ? VAL A 30  ARG A 32  
AA2 2 LEU A 19  ? GLY A 26  ? LEU A 19  GLY A 26  
AA2 3 TYR A 8   ? SER A 14  ? TYR A 8   SER A 14  
AA2 4 LYS A 106 ? ILE A 113 ? LYS A 106 ILE A 113 
AA2 5 LEU A 116 ? SER A 120 ? LEU A 116 SER A 120 
AA2 6 VAL A 141 ? PRO A 144 ? VAL A 141 PRO A 144 
AA3 1 ARG A 123 ? HIS A 124 ? ARG A 123 HIS A 124 
AA3 2 TRP A 130 ? SER A 131 ? TRP A 130 SER A 131 
# 
loop_
_pdbx_struct_sheet_hbond.sheet_id 
_pdbx_struct_sheet_hbond.range_id_1 
_pdbx_struct_sheet_hbond.range_id_2 
_pdbx_struct_sheet_hbond.range_1_label_atom_id 
_pdbx_struct_sheet_hbond.range_1_label_comp_id 
_pdbx_struct_sheet_hbond.range_1_label_asym_id 
_pdbx_struct_sheet_hbond.range_1_label_seq_id 
_pdbx_struct_sheet_hbond.range_1_PDB_ins_code 
_pdbx_struct_sheet_hbond.range_1_auth_atom_id 
_pdbx_struct_sheet_hbond.range_1_auth_comp_id 
_pdbx_struct_sheet_hbond.range_1_auth_asym_id 
_pdbx_struct_sheet_hbond.range_1_auth_seq_id 
_pdbx_struct_sheet_hbond.range_2_label_atom_id 
_pdbx_struct_sheet_hbond.range_2_label_comp_id 
_pdbx_struct_sheet_hbond.range_2_label_asym_id 
_pdbx_struct_sheet_hbond.range_2_label_seq_id 
_pdbx_struct_sheet_hbond.range_2_PDB_ins_code 
_pdbx_struct_sheet_hbond.range_2_auth_atom_id 
_pdbx_struct_sheet_hbond.range_2_auth_comp_id 
_pdbx_struct_sheet_hbond.range_2_auth_asym_id 
_pdbx_struct_sheet_hbond.range_2_auth_seq_id 
AA1 1 2 O ARG A 31  ? O ARG A 31  N SER A 25  ? N SER A 25  
AA1 2 3 N LEU A 19  ? N LEU A 19  O LEU A 41  ? O LEU A 41  
AA2 1 2 O ARG A 31  ? O ARG A 31  N SER A 25  ? N SER A 25  
AA2 2 3 O SER A 20  ? O SER A 20  N TYR A 13  ? N TYR A 13  
AA2 3 4 N VAL A 10  ? N VAL A 10  O ILE A 110 ? O ILE A 110 
AA2 4 5 N HIS A 111 ? N HIS A 111 O THR A 118 ? O THR A 118 
AA2 5 6 N ILE A 117 ? N ILE A 117 O ILE A 143 ? O ILE A 143 
AA3 1 2 N ARG A 123 ? N ARG A 123 O SER A 131 ? O SER A 131 
# 
_atom_sites.entry_id                    4ZQV 
_atom_sites.fract_transf_matrix[1][1]   -0.00894670 
_atom_sites.fract_transf_matrix[1][2]   -0.00860752 
_atom_sites.fract_transf_matrix[1][3]   -0.01719366 
_atom_sites.fract_transf_matrix[2][1]   -0.02110450 
_atom_sites.fract_transf_matrix[2][2]   -0.00164897 
_atom_sites.fract_transf_matrix[2][3]   -0.00127197 
_atom_sites.fract_transf_matrix[3][1]   -0.00082028 
_atom_sites.fract_transf_matrix[3][2]   0.01656672 
_atom_sites.fract_transf_matrix[3][3]   -0.00786683 
_atom_sites.fract_transf_vector[1]      -0.259276 
_atom_sites.fract_transf_vector[2]      0.109845 
_atom_sites.fract_transf_vector[3]      -0.020100 
# 
loop_
_atom_type.symbol 
C 
N 
O 
S 
# 
loop_
_atom_site.group_PDB 
_atom_site.id 
_atom_site.type_symbol 
_atom_site.label_atom_id 
_atom_site.label_alt_id 
_atom_site.label_comp_id 
_atom_site.label_asym_id 
_atom_site.label_entity_id 
_atom_site.label_seq_id 
_atom_site.pdbx_PDB_ins_code 
_atom_site.Cartn_x 
_atom_site.Cartn_y 
_atom_site.Cartn_z 
_atom_site.occupancy 
_atom_site.B_iso_or_equiv 
_atom_site.pdbx_formal_charge 
_atom_site.auth_seq_id 
_atom_site.auth_comp_id 
_atom_site.auth_asym_id 
_atom_site.auth_atom_id 
_atom_site.pdbx_PDB_model_num 
ATOM   1    N N   . MET A 1 1   ? -18.865 -2.450  -0.761  1.00 42.57 ? 1   MET A N   1 
ATOM   2    C CA  . MET A 1 1   ? -19.001 -3.897  -0.839  1.00 37.98 ? 1   MET A CA  1 
ATOM   3    C C   . MET A 1 1   ? -17.999 -4.481  -1.830  1.00 40.00 ? 1   MET A C   1 
ATOM   4    O O   . MET A 1 1   ? -17.854 -3.977  -2.956  1.00 34.19 ? 1   MET A O   1 
ATOM   5    C CB  . MET A 1 1   ? -20.429 -4.271  -1.248  1.00 40.43 ? 1   MET A CB  1 
ATOM   6    C CG  . MET A 1 1   ? -20.762 -5.742  -1.079  1.00 45.09 ? 1   MET A CG  1 
ATOM   7    S SD  . MET A 1 1   ? -21.798 -6.318  -2.425  0.82 53.16 ? 1   MET A SD  1 
ATOM   8    C CE  . MET A 1 1   ? -20.635 -6.136  -3.783  1.00 37.84 ? 1   MET A CE  1 
ATOM   9    N N   . PHE A 1 2   ? -17.320 -5.545  -1.404  1.00 34.10 ? 2   PHE A N   1 
ATOM   10   C CA  . PHE A 1 2   ? -16.388 -6.285  -2.252  1.00 35.73 ? 2   PHE A CA  1 
ATOM   11   C C   . PHE A 1 2   ? -17.056 -7.486  -2.914  1.00 34.23 ? 2   PHE A C   1 
ATOM   12   O O   . PHE A 1 2   ? -17.844 -8.185  -2.280  1.00 35.04 ? 2   PHE A O   1 
ATOM   13   C CB  . PHE A 1 2   ? -15.192 -6.764  -1.437  1.00 33.66 ? 2   PHE A CB  1 
ATOM   14   C CG  . PHE A 1 2   ? -14.479 -5.669  -0.737  1.00 30.00 ? 2   PHE A CG  1 
ATOM   15   C CD1 . PHE A 1 2   ? -13.710 -4.768  -1.456  1.00 31.67 ? 2   PHE A CD1 1 
ATOM   16   C CD2 . PHE A 1 2   ? -14.581 -5.526  0.638   1.00 32.99 ? 2   PHE A CD2 1 
ATOM   17   C CE1 . PHE A 1 2   ? -13.052 -3.741  -0.816  1.00 30.69 ? 2   PHE A CE1 1 
ATOM   18   C CE2 . PHE A 1 2   ? -13.930 -4.499  1.285   1.00 28.20 ? 2   PHE A CE2 1 
ATOM   19   C CZ  . PHE A 1 2   ? -13.157 -3.601  0.550   1.00 28.27 ? 2   PHE A CZ  1 
ATOM   20   N N   . ASN A 1 3   ? -16.724 -7.717  -4.179  1.00 33.54 ? 3   ASN A N   1 
ATOM   21   C CA  . ASN A 1 3   ? -17.252 -8.854  -4.938  1.00 36.35 ? 3   ASN A CA  1 
ATOM   22   C C   . ASN A 1 3   ? -16.569 -10.162 -4.576  1.00 38.30 ? 3   ASN A C   1 
ATOM   23   O O   . ASN A 1 3   ? -15.355 -10.190 -4.333  1.00 33.97 ? 3   ASN A O   1 
ATOM   24   C CB  . ASN A 1 3   ? -17.102 -8.613  -6.438  1.00 37.18 ? 3   ASN A CB  1 
ATOM   25   C CG  . ASN A 1 3   ? -17.895 -7.423  -6.915  1.00 40.13 ? 3   ASN A CG  1 
ATOM   26   O OD1 . ASN A 1 3   ? -18.993 -7.162  -6.422  1.00 36.88 ? 3   ASN A OD1 1 
ATOM   27   N ND2 . ASN A 1 3   ? -17.339 -6.683  -7.875  1.00 37.27 ? 3   ASN A ND2 1 
ATOM   28   N N   . LYS A 1 4   ? -17.352 -11.244 -4.557  1.00 41.65 ? 4   LYS A N   1 
ATOM   29   C CA  . LYS A 1 4   ? -16.831 -12.579 -4.280  1.00 35.89 ? 4   LYS A CA  1 
ATOM   30   C C   . LYS A 1 4   ? -15.803 -12.984 -5.328  1.00 34.41 ? 4   LYS A C   1 
ATOM   31   O O   . LYS A 1 4   ? -15.980 -12.717 -6.516  1.00 31.61 ? 4   LYS A O   1 
ATOM   32   C CB  . LYS A 1 4   ? -17.962 -13.595 -4.231  1.00 37.31 ? 4   LYS A CB  1 
ATOM   33   N N   . ASP A 1 5   ? -14.718 -13.598 -4.861  1.00 34.62 ? 5   ASP A N   1 
ATOM   34   C CA  . ASP A 1 5   ? -13.656 -14.130 -5.717  1.00 35.19 ? 5   ASP A CA  1 
ATOM   35   C C   . ASP A 1 5   ? -12.831 -13.056 -6.429  1.00 33.86 ? 5   ASP A C   1 
ATOM   36   O O   . ASP A 1 5   ? -11.972 -13.381 -7.238  1.00 38.82 ? 5   ASP A O   1 
ATOM   37   C CB  . ASP A 1 5   ? -14.235 -15.091 -6.762  1.00 37.31 ? 5   ASP A CB  1 
ATOM   38   C CG  . ASP A 1 5   ? -15.078 -16.184 -6.140  1.00 37.87 ? 5   ASP A CG  1 
ATOM   39   O OD1 . ASP A 1 5   ? -14.570 -16.887 -5.236  1.00 41.74 ? 5   ASP A OD1 1 
ATOM   40   O OD2 . ASP A 1 5   ? -16.252 -16.325 -6.545  1.00 42.34 ? 5   ASP A OD2 1 
ATOM   41   N N   . GLN A 1 6   ? -13.076 -11.787 -6.126  1.00 30.86 ? 6   GLN A N   1 
ATOM   42   C CA  . GLN A 1 6   ? -12.292 -10.712 -6.731  1.00 28.46 ? 6   GLN A CA  1 
ATOM   43   C C   . GLN A 1 6   ? -11.173 -10.250 -5.793  1.00 28.85 ? 6   GLN A C   1 
ATOM   44   O O   . GLN A 1 6   ? -11.383 -10.107 -4.583  1.00 27.38 ? 6   GLN A O   1 
ATOM   45   C CB  . GLN A 1 6   ? -13.205 -9.546  -7.105  1.00 28.60 ? 6   GLN A CB  1 
ATOM   46   C CG  . GLN A 1 6   ? -12.514 -8.399  -7.849  1.00 30.47 ? 6   GLN A CG  1 
ATOM   47   C CD  . GLN A 1 6   ? -13.516 -7.445  -8.467  1.00 34.36 ? 6   GLN A CD  1 
ATOM   48   O OE1 . GLN A 1 6   ? -14.692 -7.785  -8.625  1.00 35.78 ? 6   GLN A OE1 1 
ATOM   49   N NE2 . GLN A 1 6   ? -13.062 -6.239  -8.813  1.00 30.75 ? 6   GLN A NE2 1 
ATOM   50   N N   . ASP A 1 7   ? -9.979  -10.044 -6.349  1.00 26.61 ? 7   ASP A N   1 
ATOM   51   C CA  . ASP A 1 7   ? -8.859  -9.534  -5.567  1.00 24.86 ? 7   ASP A CA  1 
ATOM   52   C C   . ASP A 1 7   ? -8.858  -8.007  -5.507  1.00 24.32 ? 7   ASP A C   1 
ATOM   53   O O   . ASP A 1 7   ? -9.060  -7.343  -6.515  1.00 26.91 ? 7   ASP A O   1 
ATOM   54   C CB  . ASP A 1 7   ? -7.526  -10.006 -6.143  1.00 28.09 ? 7   ASP A CB  1 
ATOM   55   C CG  . ASP A 1 7   ? -7.351  -11.502 -6.040  1.00 30.63 ? 7   ASP A CG  1 
ATOM   56   O OD1 . ASP A 1 7   ? -7.106  -11.987 -4.916  1.00 29.18 ? 7   ASP A OD1 1 
ATOM   57   O OD2 . ASP A 1 7   ? -7.457  -12.180 -7.080  1.00 30.24 ? 7   ASP A OD2 1 
ATOM   58   N N   . TYR A 1 8   ? -8.604  -7.479  -4.319  1.00 23.43 ? 8   TYR A N   1 
ATOM   59   C CA  . TYR A 1 8   ? -8.442  -6.049  -4.098  1.00 25.63 ? 8   TYR A CA  1 
ATOM   60   C C   . TYR A 1 8   ? -7.106  -5.826  -3.377  1.00 23.90 ? 8   TYR A C   1 
ATOM   61   O O   . TYR A 1 8   ? -6.822  -6.485  -2.383  1.00 24.54 ? 8   TYR A O   1 
ATOM   62   C CB  . TYR A 1 8   ? -9.603  -5.492  -3.278  1.00 23.31 ? 8   TYR A CB  1 
ATOM   63   C CG  . TYR A 1 8   ? -10.961 -5.706  -3.919  1.00 26.15 ? 8   TYR A CG  1 
ATOM   64   C CD1 . TYR A 1 8   ? -11.668 -6.885  -3.711  1.00 29.77 ? 8   TYR A CD1 1 
ATOM   65   C CD2 . TYR A 1 8   ? -11.537 -4.733  -4.718  1.00 24.41 ? 8   TYR A CD2 1 
ATOM   66   C CE1 . TYR A 1 8   ? -12.898 -7.091  -4.290  1.00 30.58 ? 8   TYR A CE1 1 
ATOM   67   C CE2 . TYR A 1 8   ? -12.784 -4.928  -5.300  1.00 27.90 ? 8   TYR A CE2 1 
ATOM   68   C CZ  . TYR A 1 8   ? -13.454 -6.115  -5.087  1.00 27.72 ? 8   TYR A CZ  1 
ATOM   69   O OH  . TYR A 1 8   ? -14.692 -6.329  -5.651  1.00 33.35 ? 8   TYR A OH  1 
ATOM   70   N N   . TRP A 1 9   ? -6.290  -4.906  -3.883  1.00 21.50 ? 9   TRP A N   1 
ATOM   71   C CA  . TRP A 1 9   ? -4.926  -4.757  -3.395  1.00 23.48 ? 9   TRP A CA  1 
ATOM   72   C C   . TRP A 1 9   ? -4.607  -3.323  -3.017  1.00 21.46 ? 9   TRP A C   1 
ATOM   73   O O   . TRP A 1 9   ? -5.052  -2.405  -3.690  1.00 20.93 ? 9   TRP A O   1 
ATOM   74   C CB  . TRP A 1 9   ? -3.916  -5.225  -4.448  1.00 23.00 ? 9   TRP A CB  1 
ATOM   75   C CG  . TRP A 1 9   ? -3.905  -6.712  -4.699  1.00 21.18 ? 9   TRP A CG  1 
ATOM   76   C CD1 . TRP A 1 9   ? -4.584  -7.387  -5.677  1.00 25.00 ? 9   TRP A CD1 1 
ATOM   77   C CD2 . TRP A 1 9   ? -3.158  -7.701  -3.975  1.00 25.52 ? 9   TRP A CD2 1 
ATOM   78   N NE1 . TRP A 1 9   ? -4.321  -8.735  -5.594  1.00 24.60 ? 9   TRP A NE1 1 
ATOM   79   C CE2 . TRP A 1 9   ? -3.443  -8.953  -4.563  1.00 26.80 ? 9   TRP A CE2 1 
ATOM   80   C CE3 . TRP A 1 9   ? -2.273  -7.647  -2.892  1.00 28.75 ? 9   TRP A CE3 1 
ATOM   81   C CZ2 . TRP A 1 9   ? -2.880  -10.143 -4.096  1.00 26.94 ? 9   TRP A CZ2 1 
ATOM   82   C CZ3 . TRP A 1 9   ? -1.713  -8.827  -2.430  1.00 28.15 ? 9   TRP A CZ3 1 
ATOM   83   C CH2 . TRP A 1 9   ? -2.021  -10.058 -3.033  1.00 25.25 ? 9   TRP A CH2 1 
ATOM   84   N N   . VAL A 1 10  ? -3.810  -3.155  -1.962  1.00 21.63 ? 10  VAL A N   1 
ATOM   85   C CA  . VAL A 1 10  ? -3.368  -1.845  -1.477  1.00 21.11 ? 10  VAL A CA  1 
ATOM   86   C C   . VAL A 1 10  ? -1.914  -1.952  -1.041  1.00 21.97 ? 10  VAL A C   1 
ATOM   87   O O   . VAL A 1 10  ? -1.488  -3.003  -0.546  1.00 20.56 ? 10  VAL A O   1 
ATOM   88   C CB  . VAL A 1 10  ? -4.246  -1.339  -0.289  1.00 20.07 ? 10  VAL A CB  1 
ATOM   89   C CG1 . VAL A 1 10  ? -3.479  -0.415  0.671   1.00 18.90 ? 10  VAL A CG1 1 
ATOM   90   C CG2 . VAL A 1 10  ? -5.484  -0.618  -0.802  1.00 20.81 ? 10  VAL A CG2 1 
ATOM   91   N N   . SER A 1 11  ? -1.156  -0.879  -1.250  1.00 21.18 ? 11  SER A N   1 
ATOM   92   C CA  . SER A 1 11  ? 0.169   -0.724  -0.653  1.00 22.03 ? 11  SER A CA  1 
ATOM   93   C C   . SER A 1 11  ? 0.147   0.383   0.390   1.00 22.13 ? 11  SER A C   1 
ATOM   94   O O   . SER A 1 11  ? -0.471  1.440   0.171   1.00 21.14 ? 11  SER A O   1 
ATOM   95   C CB  . SER A 1 11  ? 1.224   -0.383  -1.722  1.00 21.91 ? 11  SER A CB  1 
ATOM   96   O OG  . SER A 1 11  ? 1.553   -1.506  -2.526  1.00 20.67 ? 11  SER A OG  1 
ATOM   97   N N   . VAL A 1 12  ? 0.832   0.143   1.508   1.00 21.62 ? 12  VAL A N   1 
ATOM   98   C CA  . VAL A 1 12  ? 1.019   1.154   2.548   1.00 18.56 ? 12  VAL A CA  1 
ATOM   99   C C   . VAL A 1 12  ? 2.491   1.501   2.681   1.00 21.43 ? 12  VAL A C   1 
ATOM   100  O O   . VAL A 1 12  ? 3.336   0.607   2.766   1.00 24.86 ? 12  VAL A O   1 
ATOM   101  C CB  . VAL A 1 12  ? 0.481   0.668   3.914   1.00 17.90 ? 12  VAL A CB  1 
ATOM   102  C CG1 . VAL A 1 12  ? 0.774   1.709   5.008   1.00 22.46 ? 12  VAL A CG1 1 
ATOM   103  C CG2 . VAL A 1 12  ? -1.015  0.384   3.819   1.00 20.11 ? 12  VAL A CG2 1 
ATOM   104  N N   . TYR A 1 13  ? 2.790   2.795   2.654   1.00 23.37 ? 13  TYR A N   1 
ATOM   105  C CA  . TYR A 1 13  ? 4.141   3.310   2.865   1.00 23.58 ? 13  TYR A CA  1 
ATOM   106  C C   . TYR A 1 13  ? 4.114   4.253   4.066   1.00 25.45 ? 13  TYR A C   1 
ATOM   107  O O   . TYR A 1 13  ? 3.259   5.126   4.160   1.00 24.10 ? 13  TYR A O   1 
ATOM   108  C CB  . TYR A 1 13  ? 4.670   4.026   1.611   1.00 23.01 ? 13  TYR A CB  1 
ATOM   109  C CG  . TYR A 1 13  ? 4.846   3.092   0.425   1.00 21.87 ? 13  TYR A CG  1 
ATOM   110  C CD1 . TYR A 1 13  ? 5.972   2.273   0.319   1.00 25.70 ? 13  TYR A CD1 1 
ATOM   111  C CD2 . TYR A 1 13  ? 3.889   3.016   -0.571  1.00 17.88 ? 13  TYR A CD2 1 
ATOM   112  C CE1 . TYR A 1 13  ? 6.132   1.398   -0.764  1.00 22.98 ? 13  TYR A CE1 1 
ATOM   113  C CE2 . TYR A 1 13  ? 4.037   2.159   -1.649  1.00 21.95 ? 13  TYR A CE2 1 
ATOM   114  C CZ  . TYR A 1 13  ? 5.159   1.340   -1.733  1.00 25.07 ? 13  TYR A CZ  1 
ATOM   115  O OH  . TYR A 1 13  ? 5.304   0.473   -2.805  1.00 26.13 ? 13  TYR A OH  1 
ATOM   116  N N   . SER A 1 14  ? 5.043   4.050   4.991   1.00 25.83 ? 14  SER A N   1 
ATOM   117  C CA  . SER A 1 14  ? 5.028   4.775   6.253   1.00 27.12 ? 14  SER A CA  1 
ATOM   118  C C   . SER A 1 14  ? 6.386   5.406   6.554   1.00 26.38 ? 14  SER A C   1 
ATOM   119  O O   . SER A 1 14  ? 7.393   4.718   6.500   1.00 29.02 ? 14  SER A O   1 
ATOM   120  C CB  . SER A 1 14  ? 4.634   3.820   7.385   1.00 22.38 ? 14  SER A CB  1 
ATOM   121  O OG  . SER A 1 14  ? 4.851   4.413   8.643   1.00 26.99 ? 14  SER A OG  1 
ATOM   122  N N   . THR A 1 15  ? 6.408   6.713   6.830   1.00 26.85 ? 15  THR A N   1 
ATOM   123  C CA  . THR A 1 15  ? 7.603   7.391   7.339   1.00 30.93 ? 15  THR A CA  1 
ATOM   124  C C   . THR A 1 15  ? 7.234   8.166   8.600   1.00 34.63 ? 15  THR A C   1 
ATOM   125  O O   . THR A 1 15  ? 6.072   8.195   9.001   1.00 29.98 ? 15  THR A O   1 
ATOM   126  C CB  . THR A 1 15  ? 8.217   8.382   6.322   1.00 29.45 ? 15  THR A CB  1 
ATOM   127  O OG1 . THR A 1 15  ? 7.349   9.510   6.173   1.00 28.17 ? 15  THR A OG1 1 
ATOM   128  C CG2 . THR A 1 15  ? 8.439   7.721   4.971   1.00 31.20 ? 15  THR A CG2 1 
ATOM   129  N N   . LYS A 1 16  ? 8.215   8.819   9.207   1.00 35.09 ? 16  LYS A N   1 
ATOM   130  C CA  . LYS A 1 16  ? 7.943   9.672   10.351  1.00 33.35 ? 16  LYS A CA  1 
ATOM   131  C C   . LYS A 1 16  ? 6.994   10.833  10.002  1.00 33.76 ? 16  LYS A C   1 
ATOM   132  O O   . LYS A 1 16  ? 6.282   11.329  10.878  1.00 35.75 ? 16  LYS A O   1 
ATOM   133  C CB  . LYS A 1 16  ? 9.261   10.195  10.927  1.00 38.53 ? 16  LYS A CB  1 
ATOM   134  C CG  . LYS A 1 16  ? 10.188  9.059   11.365  1.00 45.00 ? 16  LYS A CG  1 
ATOM   135  C CD  . LYS A 1 16  ? 11.490  9.557   11.986  1.00 51.63 ? 16  LYS A CD  1 
ATOM   136  C CE  . LYS A 1 16  ? 12.437  8.395   12.267  1.00 49.83 ? 16  LYS A CE  1 
ATOM   137  N NZ  . LYS A 1 16  ? 11.795  7.331   13.101  1.00 60.12 ? 16  LYS A NZ  1 
ATOM   138  N N   . ASP A 1 17  ? 6.938   11.227  8.730   1.00 29.13 ? 17  ASP A N   1 
ATOM   139  C CA  . ASP A 1 17  ? 6.171   12.414  8.333   1.00 29.87 ? 17  ASP A CA  1 
ATOM   140  C C   . ASP A 1 17  ? 4.831   12.157  7.640   1.00 31.67 ? 17  ASP A C   1 
ATOM   141  O O   . ASP A 1 17  ? 4.019   13.070  7.496   1.00 29.47 ? 17  ASP A O   1 
ATOM   142  C CB  . ASP A 1 17  ? 7.029   13.275  7.409   1.00 30.47 ? 17  ASP A CB  1 
ATOM   143  C CG  . ASP A 1 17  ? 8.279   13.758  8.086   1.00 38.47 ? 17  ASP A CG  1 
ATOM   144  O OD1 . ASP A 1 17  ? 8.182   14.231  9.238   1.00 39.82 ? 17  ASP A OD1 1 
ATOM   145  O OD2 . ASP A 1 17  ? 9.357   13.632  7.479   1.00 44.05 ? 17  ASP A OD2 1 
ATOM   146  N N   . PHE A 1 18  ? 4.609   10.939  7.170   1.00 27.53 ? 18  PHE A N   1 
ATOM   147  C CA  . PHE A 1 18  ? 3.326   10.612  6.557   1.00 27.45 ? 18  PHE A CA  1 
ATOM   148  C C   . PHE A 1 18  ? 3.024   9.115   6.611   1.00 23.95 ? 18  PHE A C   1 
ATOM   149  O O   . PHE A 1 18  ? 3.923   8.283   6.701   1.00 29.68 ? 18  PHE A O   1 
ATOM   150  C CB  . PHE A 1 18  ? 3.271   11.080  5.090   1.00 26.02 ? 18  PHE A CB  1 
ATOM   151  C CG  . PHE A 1 18  ? 4.264   10.389  4.189   1.00 30.59 ? 18  PHE A CG  1 
ATOM   152  C CD1 . PHE A 1 18  ? 3.987   9.132   3.644   1.00 28.78 ? 18  PHE A CD1 1 
ATOM   153  C CD2 . PHE A 1 18  ? 5.470   10.995  3.883   1.00 29.53 ? 18  PHE A CD2 1 
ATOM   154  C CE1 . PHE A 1 18  ? 4.906   8.497   2.810   1.00 23.65 ? 18  PHE A CE1 1 
ATOM   155  C CE2 . PHE A 1 18  ? 6.395   10.368  3.049   1.00 28.24 ? 18  PHE A CE2 1 
ATOM   156  C CZ  . PHE A 1 18  ? 6.113   9.119   2.513   1.00 32.27 ? 18  PHE A CZ  1 
ATOM   157  N N   . LEU A 1 19  ? 1.741   8.799   6.544   1.00 26.02 ? 19  LEU A N   1 
ATOM   158  C CA  . LEU A 1 19  ? 1.289   7.437   6.352   1.00 22.94 ? 19  LEU A CA  1 
ATOM   159  C C   . LEU A 1 19  ? 0.518   7.448   5.048   1.00 26.01 ? 19  LEU A C   1 
ATOM   160  O O   . LEU A 1 19  ? -0.471  8.178   4.927   1.00 27.15 ? 19  LEU A O   1 
ATOM   161  C CB  . LEU A 1 19  ? 0.408   6.981   7.516   1.00 27.62 ? 19  LEU A CB  1 
ATOM   162  C CG  . LEU A 1 19  ? -0.205  5.592   7.407   1.00 28.68 ? 19  LEU A CG  1 
ATOM   163  C CD1 . LEU A 1 19  ? 0.898   4.539   7.330   1.00 23.96 ? 19  LEU A CD1 1 
ATOM   164  C CD2 . LEU A 1 19  ? -1.152  5.329   8.594   1.00 22.43 ? 19  LEU A CD2 1 
ATOM   165  N N   . SER A 1 20  ? 0.984   6.691   4.058   1.00 26.46 ? 20  SER A N   1 
ATOM   166  C CA  . SER A 1 20  ? 0.333   6.686   2.750   1.00 23.20 ? 20  SER A CA  1 
ATOM   167  C C   . SER A 1 20  ? -0.344  5.361   2.443   1.00 24.03 ? 20  SER A C   1 
ATOM   168  O O   . SER A 1 20  ? 0.295   4.314   2.466   1.00 24.38 ? 20  SER A O   1 
ATOM   169  C CB  . SER A 1 20  ? 1.339   6.984   1.647   1.00 21.12 ? 20  SER A CB  1 
ATOM   170  O OG  . SER A 1 20  ? 0.670   6.969   0.413   1.00 24.34 ? 20  SER A OG  1 
ATOM   171  N N   . VAL A 1 21  ? -1.633  5.425   2.132   1.00 22.66 ? 21  VAL A N   1 
ATOM   172  C CA  . VAL A 1 21  ? -2.417  4.242   1.807   1.00 22.14 ? 21  VAL A CA  1 
ATOM   173  C C   . VAL A 1 21  ? -2.766  4.358   0.335   1.00 21.88 ? 21  VAL A C   1 
ATOM   174  O O   . VAL A 1 21  ? -3.367  5.360   -0.072  1.00 19.95 ? 21  VAL A O   1 
ATOM   175  C CB  . VAL A 1 21  ? -3.699  4.148   2.674   1.00 23.99 ? 21  VAL A CB  1 
ATOM   176  C CG1 . VAL A 1 21  ? -4.576  2.985   2.223   1.00 21.11 ? 21  VAL A CG1 1 
ATOM   177  C CG2 . VAL A 1 21  ? -3.336  4.025   4.164   1.00 23.76 ? 21  VAL A CG2 1 
ATOM   178  N N   . GLU A 1 22  ? -2.367  3.368   -0.468  1.00 21.29 ? 22  GLU A N   1 
ATOM   179  C CA  . GLU A 1 22  ? -2.439  3.503   -1.927  1.00 18.82 ? 22  GLU A CA  1 
ATOM   180  C C   . GLU A 1 22  ? -3.134  2.329   -2.612  1.00 20.15 ? 22  GLU A C   1 
ATOM   181  O O   . GLU A 1 22  ? -2.806  1.171   -2.389  1.00 22.24 ? 22  GLU A O   1 
ATOM   182  C CB  . GLU A 1 22  ? -1.028  3.672   -2.516  1.00 21.49 ? 22  GLU A CB  1 
ATOM   183  C CG  . GLU A 1 22  ? -0.234  4.768   -1.801  1.00 22.05 ? 22  GLU A CG  1 
ATOM   184  C CD  . GLU A 1 22  ? 1.144   5.034   -2.393  1.00 23.08 ? 22  GLU A CD  1 
ATOM   185  O OE1 . GLU A 1 22  ? 1.680   4.175   -3.130  1.00 22.63 ? 22  GLU A OE1 1 
ATOM   186  O OE2 . GLU A 1 22  ? 1.690   6.114   -2.097  1.00 22.48 ? 22  GLU A OE2 1 
ATOM   187  N N   . THR A 1 23  ? -4.084  2.657   -3.469  1.00 20.62 ? 23  THR A N   1 
ATOM   188  C CA  . THR A 1 23  ? -4.706  1.672   -4.338  1.00 20.41 ? 23  THR A CA  1 
ATOM   189  C C   . THR A 1 23  ? -3.695  1.063   -5.290  1.00 19.10 ? 23  THR A C   1 
ATOM   190  O O   . THR A 1 23  ? -3.021  1.790   -6.012  1.00 22.90 ? 23  THR A O   1 
ATOM   191  C CB  . THR A 1 23  ? -5.817  2.312   -5.154  1.00 18.11 ? 23  THR A CB  1 
ATOM   192  O OG1 . THR A 1 23  ? -6.835  2.778   -4.264  1.00 22.10 ? 23  THR A OG1 1 
ATOM   193  C CG2 . THR A 1 23  ? -6.402  1.275   -6.128  1.00 19.16 ? 23  THR A CG2 1 
ATOM   194  N N   . ASP A 1 24  ? -3.578  -0.265  -5.287  1.00 20.21 ? 24  ASP A N   1 
ATOM   195  C CA  . ASP A 1 24  ? -2.827  -0.979  -6.320  1.00 22.41 ? 24  ASP A CA  1 
ATOM   196  C C   . ASP A 1 24  ? -3.803  -1.699  -7.266  1.00 24.30 ? 24  ASP A C   1 
ATOM   197  O O   . ASP A 1 24  ? -4.861  -2.172  -6.839  1.00 24.84 ? 24  ASP A O   1 
ATOM   198  C CB  . ASP A 1 24  ? -1.860  -2.016  -5.733  1.00 22.63 ? 24  ASP A CB  1 
ATOM   199  C CG  . ASP A 1 24  ? -0.737  -1.405  -4.917  1.00 25.73 ? 24  ASP A CG  1 
ATOM   200  O OD1 . ASP A 1 24  ? -0.525  -0.183  -4.955  1.00 24.25 ? 24  ASP A OD1 1 
ATOM   201  O OD2 . ASP A 1 24  ? -0.047  -2.183  -4.226  1.00 25.96 ? 24  ASP A OD2 1 
ATOM   202  N N   . SER A 1 25  ? -3.454  -1.774  -8.548  1.00 22.96 ? 25  SER A N   1 
ATOM   203  C CA  . SER A 1 25  ? -4.309  -2.455  -9.525  1.00 22.03 ? 25  SER A CA  1 
ATOM   204  C C   . SER A 1 25  ? -3.458  -3.234  -10.505 1.00 22.63 ? 25  SER A C   1 
ATOM   205  O O   . SER A 1 25  ? -2.236  -3.056  -10.543 1.00 24.70 ? 25  SER A O   1 
ATOM   206  C CB  . SER A 1 25  ? -5.181  -1.456  -10.292 1.00 21.26 ? 25  SER A CB  1 
ATOM   207  O OG  . SER A 1 25  ? -5.997  -0.695  -9.414  1.00 23.14 ? 25  SER A OG  1 
ATOM   208  N N   . GLY A 1 26  ? -4.094  -4.090  -11.303 1.00 23.23 ? 26  GLY A N   1 
ATOM   209  C CA  . GLY A 1 26  ? -3.369  -4.854  -12.307 1.00 21.75 ? 26  GLY A CA  1 
ATOM   210  C C   . GLY A 1 26  ? -4.112  -6.088  -12.764 1.00 25.45 ? 26  GLY A C   1 
ATOM   211  O O   . GLY A 1 26  ? -5.332  -6.072  -12.900 1.00 23.74 ? 26  GLY A O   1 
ATOM   212  N N   . LEU A 1 27  ? -3.360  -7.159  -12.990 1.00 22.90 ? 27  LEU A N   1 
ATOM   213  C CA  . LEU A 1 27  ? -3.887  -8.404  -13.510 1.00 23.16 ? 27  LEU A CA  1 
ATOM   214  C C   . LEU A 1 27  ? -2.862  -9.468  -13.148 1.00 26.05 ? 27  LEU A C   1 
ATOM   215  O O   . LEU A 1 27  ? -1.897  -9.685  -13.887 1.00 26.23 ? 27  LEU A O   1 
ATOM   216  C CB  . LEU A 1 27  ? -4.108  -8.317  -15.018 1.00 24.91 ? 27  LEU A CB  1 
ATOM   217  C CG  . LEU A 1 27  ? -4.800  -9.489  -15.709 1.00 27.91 ? 27  LEU A CG  1 
ATOM   218  C CD1 . LEU A 1 27  ? -6.153  -9.753  -15.062 1.00 22.91 ? 27  LEU A CD1 1 
ATOM   219  C CD2 . LEU A 1 27  ? -4.948  -9.155  -17.200 1.00 26.76 ? 27  LEU A CD2 1 
ATOM   220  N N   . GLY A 1 28  ? -3.063  -10.073 -11.977 1.00 28.02 ? 28  GLY A N   1 
ATOM   221  C CA  . GLY A 1 28  ? -2.115  -10.989 -11.369 1.00 28.78 ? 28  GLY A CA  1 
ATOM   222  C C   . GLY A 1 28  ? -0.969  -10.218 -10.743 1.00 26.58 ? 28  GLY A C   1 
ATOM   223  O O   . GLY A 1 28  ? -0.771  -10.255 -9.522  1.00 28.92 ? 28  GLY A O   1 
ATOM   224  N N   . ARG A 1 29  ? -0.189  -9.551  -11.587 1.00 24.58 ? 29  ARG A N   1 
ATOM   225  C CA  . ARG A 1 29  ? 0.800   -8.592  -11.113 1.00 26.14 ? 29  ARG A CA  1 
ATOM   226  C C   . ARG A 1 29  ? 0.079   -7.273  -10.815 1.00 25.45 ? 29  ARG A C   1 
ATOM   227  O O   . ARG A 1 29  ? -0.727  -6.817  -11.621 1.00 23.72 ? 29  ARG A O   1 
ATOM   228  C CB  . ARG A 1 29  ? 1.903   -8.396  -12.154 1.00 27.83 ? 29  ARG A CB  1 
ATOM   229  C CG  . ARG A 1 29  ? 2.854   -7.242  -11.848 1.00 30.60 ? 29  ARG A CG  1 
ATOM   230  C CD  . ARG A 1 29  ? 4.181   -7.416  -12.561 1.00 39.21 ? 29  ARG A CD  1 
ATOM   231  N NE  . ARG A 1 29  ? 4.033   -7.520  -14.010 1.00 38.86 ? 29  ARG A NE  1 
ATOM   232  C CZ  . ARG A 1 29  ? 4.419   -6.579  -14.867 1.00 48.83 ? 29  ARG A CZ  1 
ATOM   233  N NH1 . ARG A 1 29  ? 4.975   -5.459  -14.416 1.00 43.40 ? 29  ARG A NH1 1 
ATOM   234  N NH2 . ARG A 1 29  ? 4.252   -6.759  -16.177 1.00 41.62 ? 29  ARG A NH2 1 
ATOM   235  N N   . VAL A 1 30  ? 0.328   -6.666  -9.658  1.00 23.57 ? 30  VAL A N   1 
ATOM   236  C CA  . VAL A 1 30  ? -0.283  -5.358  -9.405  1.00 23.53 ? 30  VAL A CA  1 
ATOM   237  C C   . VAL A 1 30  ? 0.764   -4.313  -9.074  1.00 27.33 ? 30  VAL A C   1 
ATOM   238  O O   . VAL A 1 30  ? 1.886   -4.648  -8.694  1.00 24.48 ? 30  VAL A O   1 
ATOM   239  C CB  . VAL A 1 30  ? -1.329  -5.418  -8.269  1.00 26.29 ? 30  VAL A CB  1 
ATOM   240  C CG1 . VAL A 1 30  ? -2.439  -6.382  -8.651  1.00 26.28 ? 30  VAL A CG1 1 
ATOM   241  C CG2 . VAL A 1 30  ? -0.667  -5.825  -6.926  1.00 23.66 ? 30  VAL A CG2 1 
ATOM   242  N N   . ARG A 1 31  ? 0.387   -3.048  -9.247  1.00 22.30 ? 31  ARG A N   1 
ATOM   243  C CA  . ARG A 1 31  ? 1.256   -1.913  -8.959  1.00 26.61 ? 31  ARG A CA  1 
ATOM   244  C C   . ARG A 1 31  ? 0.408   -0.694  -8.595  1.00 25.27 ? 31  ARG A C   1 
ATOM   245  O O   . ARG A 1 31  ? -0.817  -0.713  -8.731  1.00 23.35 ? 31  ARG A O   1 
ATOM   246  C CB  . ARG A 1 31  ? 2.161   -1.594  -10.152 1.00 24.19 ? 31  ARG A CB  1 
ATOM   247  C CG  . ARG A 1 31  ? 1.424   -1.054  -11.356 1.00 25.83 ? 31  ARG A CG  1 
ATOM   248  C CD  . ARG A 1 31  ? 2.361   -0.697  -12.518 1.00 26.43 ? 31  ARG A CD  1 
ATOM   249  N NE  . ARG A 1 31  ? 1.634   0.099   -13.498 1.00 32.92 ? 31  ARG A NE  1 
ATOM   250  C CZ  . ARG A 1 31  ? 1.746   1.415   -13.617 1.00 30.85 ? 31  ARG A CZ  1 
ATOM   251  N NH1 . ARG A 1 31  ? 2.605   2.077   -12.847 1.00 29.09 ? 31  ARG A NH1 1 
ATOM   252  N NH2 . ARG A 1 31  ? 1.026   2.064   -14.530 1.00 34.23 ? 31  ARG A NH2 1 
ATOM   253  N N   . ARG A 1 32  ? 1.074   0.352   -8.129  1.00 24.24 ? 32  ARG A N   1 
ATOM   254  C CA  . ARG A 1 32  ? 0.435   1.636   -7.837  1.00 22.27 ? 32  ARG A CA  1 
ATOM   255  C C   . ARG A 1 32  ? -0.456  2.109   -8.986  1.00 21.84 ? 32  ARG A C   1 
ATOM   256  O O   . ARG A 1 32  ? 0.009   2.271   -10.119 1.00 22.65 ? 32  ARG A O   1 
ATOM   257  C CB  . ARG A 1 32  ? 1.512   2.681   -7.545  1.00 20.17 ? 32  ARG A CB  1 
ATOM   258  C CG  . ARG A 1 32  ? 0.979   4.079   -7.228  1.00 21.36 ? 32  ARG A CG  1 
ATOM   259  C CD  . ARG A 1 32  ? 2.105   5.019   -6.792  1.00 23.71 ? 32  ARG A CD  1 
ATOM   260  N NE  . ARG A 1 32  ? 2.851   4.472   -5.660  1.00 21.50 ? 32  ARG A NE  1 
ATOM   261  C CZ  . ARG A 1 32  ? 4.046   3.899   -5.754  1.00 22.97 ? 32  ARG A CZ  1 
ATOM   262  N NH1 . ARG A 1 32  ? 4.659   3.819   -6.928  1.00 20.58 ? 32  ARG A NH1 1 
ATOM   263  N NH2 . ARG A 1 32  ? 4.637   3.415   -4.667  1.00 23.67 ? 32  ARG A NH2 1 
ATOM   264  N N   . ASP A 1 33  ? -1.734  2.328   -8.695  1.00 21.34 ? 33  ASP A N   1 
ATOM   265  C CA  . ASP A 1 33  ? -2.689  2.717   -9.721  1.00 22.38 ? 33  ASP A CA  1 
ATOM   266  C C   . ASP A 1 33  ? -2.692  4.228   -9.902  1.00 22.25 ? 33  ASP A C   1 
ATOM   267  O O   . ASP A 1 33  ? -3.062  4.946   -8.994  1.00 23.75 ? 33  ASP A O   1 
ATOM   268  C CB  . ASP A 1 33  ? -4.096  2.222   -9.359  1.00 22.99 ? 33  ASP A CB  1 
ATOM   269  C CG  . ASP A 1 33  ? -5.095  2.386   -10.502 1.00 27.20 ? 33  ASP A CG  1 
ATOM   270  O OD1 . ASP A 1 33  ? -4.856  3.212   -11.412 1.00 25.76 ? 33  ASP A OD1 1 
ATOM   271  O OD2 . ASP A 1 33  ? -6.137  1.694   -10.467 1.00 22.80 ? 33  ASP A OD2 1 
ATOM   272  N N   . PRO A 1 34  ? -2.295  4.700   -11.088 1.00 21.40 ? 34  PRO A N   1 
ATOM   273  C CA  . PRO A 1 34  ? -2.132  6.128   -11.365 1.00 24.27 ? 34  PRO A CA  1 
ATOM   274  C C   . PRO A 1 34  ? -3.469  6.865   -11.441 1.00 27.57 ? 34  PRO A C   1 
ATOM   275  O O   . PRO A 1 34  ? -3.489  8.099   -11.431 1.00 28.45 ? 34  PRO A O   1 
ATOM   276  C CB  . PRO A 1 34  ? -1.416  6.137   -12.722 1.00 27.84 ? 34  PRO A CB  1 
ATOM   277  C CG  . PRO A 1 34  ? -1.858  4.876   -13.379 1.00 27.42 ? 34  PRO A CG  1 
ATOM   278  C CD  . PRO A 1 34  ? -1.933  3.871   -12.252 1.00 23.71 ? 34  PRO A CD  1 
ATOM   279  N N   . LEU A 1 35  ? -4.569  6.126   -11.508 1.00 23.71 ? 35  LEU A N   1 
ATOM   280  C CA  . LEU A 1 35  ? -5.882  6.757   -11.554 1.00 26.74 ? 35  LEU A CA  1 
ATOM   281  C C   . LEU A 1 35  ? -6.289  7.288   -10.187 1.00 26.11 ? 35  LEU A C   1 
ATOM   282  O O   . LEU A 1 35  ? -7.182  8.118   -10.085 1.00 27.59 ? 35  LEU A O   1 
ATOM   283  C CB  . LEU A 1 35  ? -6.942  5.777   -12.054 1.00 27.76 ? 35  LEU A CB  1 
ATOM   284  C CG  . LEU A 1 35  ? -6.882  5.448   -13.541 1.00 28.38 ? 35  LEU A CG  1 
ATOM   285  C CD1 . LEU A 1 35  ? -8.106  4.642   -13.929 1.00 30.74 ? 35  LEU A CD1 1 
ATOM   286  C CD2 . LEU A 1 35  ? -6.799  6.745   -14.355 1.00 30.63 ? 35  LEU A CD2 1 
ATOM   287  N N   . PHE A 1 36  ? -5.646  6.800   -9.131  1.00 26.87 ? 36  PHE A N   1 
ATOM   288  C CA  . PHE A 1 36  ? -6.032  7.190   -7.778  1.00 22.70 ? 36  PHE A CA  1 
ATOM   289  C C   . PHE A 1 36  ? -4.876  7.791   -7.007  1.00 23.16 ? 36  PHE A C   1 
ATOM   290  O O   . PHE A 1 36  ? -3.842  7.164   -6.852  1.00 25.54 ? 36  PHE A O   1 
ATOM   291  C CB  . PHE A 1 36  ? -6.611  5.982   -7.030  1.00 24.83 ? 36  PHE A CB  1 
ATOM   292  C CG  . PHE A 1 36  ? -7.774  5.364   -7.738  1.00 25.11 ? 36  PHE A CG  1 
ATOM   293  C CD1 . PHE A 1 36  ? -9.036  5.933   -7.636  1.00 26.09 ? 36  PHE A CD1 1 
ATOM   294  C CD2 . PHE A 1 36  ? -7.603  4.252   -8.541  1.00 26.76 ? 36  PHE A CD2 1 
ATOM   295  C CE1 . PHE A 1 36  ? -10.111 5.392   -8.309  1.00 23.88 ? 36  PHE A CE1 1 
ATOM   296  C CE2 . PHE A 1 36  ? -8.676  3.698   -9.223  1.00 29.12 ? 36  PHE A CE2 1 
ATOM   297  C CZ  . PHE A 1 36  ? -9.938  4.271   -9.103  1.00 24.99 ? 36  PHE A CZ  1 
ATOM   298  N N   . PRO A 1 37  ? -5.053  9.026   -6.525  1.00 20.23 ? 37  PRO A N   1 
ATOM   299  C CA  . PRO A 1 37  ? -4.027  9.694   -5.726  1.00 24.07 ? 37  PRO A CA  1 
ATOM   300  C C   . PRO A 1 37  ? -3.833  8.940   -4.427  1.00 23.48 ? 37  PRO A C   1 
ATOM   301  O O   . PRO A 1 37  ? -4.784  8.326   -3.944  1.00 24.71 ? 37  PRO A O   1 
ATOM   302  C CB  . PRO A 1 37  ? -4.619  11.081  -5.443  1.00 26.13 ? 37  PRO A CB  1 
ATOM   303  C CG  . PRO A 1 37  ? -5.854  11.186  -6.263  1.00 30.89 ? 37  PRO A CG  1 
ATOM   304  C CD  . PRO A 1 37  ? -6.304  9.800   -6.591  1.00 26.96 ? 37  PRO A CD  1 
ATOM   305  N N   . SER A 1 38  ? -2.633  8.990   -3.879  1.00 23.11 ? 38  SER A N   1 
ATOM   306  C CA  . SER A 1 38  ? -2.387  8.402   -2.580  1.00 25.49 ? 38  SER A CA  1 
ATOM   307  C C   . SER A 1 38  ? -3.306  9.004   -1.532  1.00 25.08 ? 38  SER A C   1 
ATOM   308  O O   . SER A 1 38  ? -3.591  10.210  -1.567  1.00 23.40 ? 38  SER A O   1 
ATOM   309  C CB  . SER A 1 38  ? -0.938  8.622   -2.157  1.00 19.97 ? 38  SER A CB  1 
ATOM   310  O OG  . SER A 1 38  ? -0.037  8.101   -3.110  1.00 27.58 ? 38  SER A OG  1 
ATOM   311  N N   . HIS A 1 39  ? -3.776  8.174   -0.609  1.00 22.62 ? 39  HIS A N   1 
ATOM   312  C CA  . HIS A 1 39  ? -4.341  8.692   0.636   1.00 21.20 ? 39  HIS A CA  1 
ATOM   313  C C   . HIS A 1 39  ? -3.180  9.045   1.573   1.00 25.22 ? 39  HIS A C   1 
ATOM   314  O O   . HIS A 1 39  ? -2.564  8.162   2.178   1.00 23.71 ? 39  HIS A O   1 
ATOM   315  C CB  . HIS A 1 39  ? -5.273  7.674   1.304   1.00 23.54 ? 39  HIS A CB  1 
ATOM   316  C CG  . HIS A 1 39  ? -6.399  7.202   0.426   1.00 23.29 ? 39  HIS A CG  1 
ATOM   317  N ND1 . HIS A 1 39  ? -7.709  7.595   0.616   1.00 21.22 ? 39  HIS A ND1 1 
ATOM   318  C CD2 . HIS A 1 39  ? -6.409  6.352   -0.630  1.00 18.92 ? 39  HIS A CD2 1 
ATOM   319  C CE1 . HIS A 1 39  ? -8.476  7.019   -0.297  1.00 23.13 ? 39  HIS A CE1 1 
ATOM   320  N NE2 . HIS A 1 39  ? -7.710  6.254   -1.060  1.00 24.40 ? 39  HIS A NE2 1 
ATOM   321  N N   . LEU A 1 40  ? -2.882  10.334  1.685   1.00 21.79 ? 40  LEU A N   1 
ATOM   322  C CA  . LEU A 1 40  ? -1.770  10.777  2.505   1.00 23.37 ? 40  LEU A CA  1 
ATOM   323  C C   . LEU A 1 40  ? -2.296  11.247  3.848   1.00 29.83 ? 40  LEU A C   1 
ATOM   324  O O   . LEU A 1 40  ? -2.964  12.272  3.951   1.00 26.28 ? 40  LEU A O   1 
ATOM   325  C CB  . LEU A 1 40  ? -0.990  11.890  1.810   1.00 22.52 ? 40  LEU A CB  1 
ATOM   326  C CG  . LEU A 1 40  ? -0.242  11.514  0.530   1.00 23.63 ? 40  LEU A CG  1 
ATOM   327  C CD1 . LEU A 1 40  ? 0.260   12.774  -0.160  1.00 26.19 ? 40  LEU A CD1 1 
ATOM   328  C CD2 . LEU A 1 40  ? 0.932   10.585  0.852   1.00 25.65 ? 40  LEU A CD2 1 
ATOM   329  N N   . LEU A 1 41  ? -1.985  10.488  4.882   1.00 24.53 ? 41  LEU A N   1 
ATOM   330  C CA  . LEU A 1 41  ? -2.526  10.780  6.189   1.00 27.37 ? 41  LEU A CA  1 
ATOM   331  C C   . LEU A 1 41  ? -1.427  11.265  7.112   1.00 26.57 ? 41  LEU A C   1 
ATOM   332  O O   . LEU A 1 41  ? -0.258  10.882  6.955   1.00 24.94 ? 41  LEU A O   1 
ATOM   333  C CB  . LEU A 1 41  ? -3.193  9.528   6.767   1.00 27.96 ? 41  LEU A CB  1 
ATOM   334  C CG  . LEU A 1 41  ? -4.135  8.777   5.820   1.00 23.70 ? 41  LEU A CG  1 
ATOM   335  C CD1 . LEU A 1 41  ? -4.467  7.430   6.413   1.00 27.77 ? 41  LEU A CD1 1 
ATOM   336  C CD2 . LEU A 1 41  ? -5.436  9.539   5.576   1.00 23.12 ? 41  LEU A CD2 1 
ATOM   337  N N   . PRO A 1 42  ? -1.794  12.091  8.099   1.00 26.47 ? 42  PRO A N   1 
ATOM   338  C CA  . PRO A 1 42  ? -0.868  12.411  9.184   1.00 29.96 ? 42  PRO A CA  1 
ATOM   339  C C   . PRO A 1 42  ? -0.257  11.137  9.757   1.00 26.07 ? 42  PRO A C   1 
ATOM   340  O O   . PRO A 1 42  ? -0.953  10.134  9.848   1.00 30.28 ? 42  PRO A O   1 
ATOM   341  C CB  . PRO A 1 42  ? -1.761  13.099  10.222  1.00 30.36 ? 42  PRO A CB  1 
ATOM   342  C CG  . PRO A 1 42  ? -2.904  13.656  9.421   1.00 29.69 ? 42  PRO A CG  1 
ATOM   343  C CD  . PRO A 1 42  ? -3.126  12.695  8.292   1.00 26.77 ? 42  PRO A CD  1 
ATOM   344  N N   . PRO A 1 43  ? 1.024   11.173  10.130  1.00 32.18 ? 43  PRO A N   1 
ATOM   345  C CA  . PRO A 1 43  ? 1.692   9.986   10.683  1.00 29.23 ? 43  PRO A CA  1 
ATOM   346  C C   . PRO A 1 43  ? 1.029   9.484   11.966  1.00 34.08 ? 43  PRO A C   1 
ATOM   347  O O   . PRO A 1 43  ? 1.157   8.303   12.290  1.00 33.09 ? 43  PRO A O   1 
ATOM   348  C CB  . PRO A 1 43  ? 3.114   10.476  10.963  1.00 31.06 ? 43  PRO A CB  1 
ATOM   349  C CG  . PRO A 1 43  ? 2.974   11.965  11.119  1.00 30.40 ? 43  PRO A CG  1 
ATOM   350  C CD  . PRO A 1 43  ? 1.904   12.353  10.129  1.00 32.76 ? 43  PRO A CD  1 
ATOM   351  N N   . ASP A 1 44  ? 0.329   10.368  12.671  1.00 34.26 ? 44  ASP A N   1 
ATOM   352  C CA  . ASP A 1 44  ? -0.355  10.007  13.911  1.00 34.82 ? 44  ASP A CA  1 
ATOM   353  C C   . ASP A 1 44  ? -1.850  9.731   13.699  1.00 36.24 ? 44  ASP A C   1 
ATOM   354  O O   . ASP A 1 44  ? -2.642  9.836   14.638  1.00 29.55 ? 44  ASP A O   1 
ATOM   355  C CB  . ASP A 1 44  ? -0.179  11.127  14.948  1.00 31.50 ? 44  ASP A CB  1 
ATOM   356  C CG  . ASP A 1 44  ? -0.872  12.414  14.539  1.00 41.92 ? 44  ASP A CG  1 
ATOM   357  O OD1 . ASP A 1 44  ? -1.035  12.642  13.323  1.00 41.45 ? 44  ASP A OD1 1 
ATOM   358  O OD2 . ASP A 1 44  ? -1.259  13.206  15.426  1.00 44.38 ? 44  ASP A OD2 1 
ATOM   359  N N   . ALA A 1 45  ? -2.246  9.400   12.470  1.00 30.08 ? 45  ALA A N   1 
ATOM   360  C CA  . ALA A 1 45  ? -3.661  9.167   12.180  1.00 29.32 ? 45  ALA A CA  1 
ATOM   361  C C   . ALA A 1 45  ? -4.236  8.092   13.088  1.00 29.34 ? 45  ALA A C   1 
ATOM   362  O O   . ALA A 1 45  ? -3.596  7.074   13.332  1.00 27.54 ? 45  ALA A O   1 
ATOM   363  C CB  . ALA A 1 45  ? -3.863  8.772   10.717  1.00 26.70 ? 45  ALA A CB  1 
ATOM   364  N N   . ASP A 1 46  ? -5.450  8.301   13.577  1.00 28.62 ? 46  ASP A N   1 
ATOM   365  C CA  . ASP A 1 46  ? -6.049  7.300   14.445  1.00 29.87 ? 46  ASP A CA  1 
ATOM   366  C C   . ASP A 1 46  ? -6.548  6.101   13.625  1.00 29.27 ? 46  ASP A C   1 
ATOM   367  O O   . ASP A 1 46  ? -6.579  6.147   12.392  1.00 28.96 ? 46  ASP A O   1 
ATOM   368  C CB  . ASP A 1 46  ? -7.182  7.916   15.279  1.00 27.15 ? 46  ASP A CB  1 
ATOM   369  C CG  . ASP A 1 46  ? -8.325  8.465   14.431  1.00 34.28 ? 46  ASP A CG  1 
ATOM   370  O OD1 . ASP A 1 46  ? -8.607  7.927   13.340  1.00 34.09 ? 46  ASP A OD1 1 
ATOM   371  O OD2 . ASP A 1 46  ? -8.974  9.432   14.878  1.00 38.13 ? 46  ASP A OD2 1 
ATOM   372  N N   . ASN A 1 47  ? -6.953  5.037   14.312  1.00 25.82 ? 47  ASN A N   1 
ATOM   373  C CA  . ASN A 1 47  ? -7.328  3.805   13.632  1.00 24.49 ? 47  ASN A CA  1 
ATOM   374  C C   . ASN A 1 47  ? -8.597  3.906   12.790  1.00 26.10 ? 47  ASN A C   1 
ATOM   375  O O   . ASN A 1 47  ? -8.725  3.213   11.771  1.00 24.88 ? 47  ASN A O   1 
ATOM   376  C CB  . ASN A 1 47  ? -7.460  2.684   14.661  1.00 26.30 ? 47  ASN A CB  1 
ATOM   377  C CG  . ASN A 1 47  ? -6.122  2.272   15.208  1.00 25.61 ? 47  ASN A CG  1 
ATOM   378  O OD1 . ASN A 1 47  ? -5.096  2.556   14.589  1.00 22.73 ? 47  ASN A OD1 1 
ATOM   379  N ND2 . ASN A 1 47  ? -6.107  1.621   16.371  1.00 25.29 ? 47  ASN A ND2 1 
ATOM   380  N N   . GLN A 1 48  ? -9.543  4.745   13.210  1.00 26.47 ? 48  GLN A N   1 
ATOM   381  C CA  . GLN A 1 48  ? -10.747 4.940   12.414  1.00 25.29 ? 48  GLN A CA  1 
ATOM   382  C C   . GLN A 1 48  ? -10.394 5.545   11.055  1.00 27.86 ? 48  GLN A C   1 
ATOM   383  O O   . GLN A 1 48  ? -10.836 5.057   10.010  1.00 26.26 ? 48  GLN A O   1 
ATOM   384  C CB  . GLN A 1 48  ? -11.750 5.846   13.130  1.00 29.63 ? 48  GLN A CB  1 
ATOM   385  C CG  . GLN A 1 48  ? -13.052 6.037   12.345  1.00 31.69 ? 48  GLN A CG  1 
ATOM   386  C CD  . GLN A 1 48  ? -13.977 7.086   12.969  1.00 32.45 ? 48  GLN A CD  1 
ATOM   387  O OE1 . GLN A 1 48  ? -13.517 8.086   13.534  1.00 45.38 ? 48  GLN A OE1 1 
ATOM   388  N NE2 . GLN A 1 48  ? -15.279 6.857   12.873  1.00 38.91 ? 48  GLN A NE2 1 
ATOM   389  N N   . THR A 1 49  ? -9.613  6.625   11.087  1.00 27.06 ? 49  THR A N   1 
ATOM   390  C CA  . THR A 1 49  ? -9.218  7.304   9.860   1.00 31.30 ? 49  THR A CA  1 
ATOM   391  C C   . THR A 1 49  ? -8.423  6.371   8.947   1.00 27.42 ? 49  THR A C   1 
ATOM   392  O O   . THR A 1 49  ? -8.691  6.301   7.750   1.00 27.52 ? 49  THR A O   1 
ATOM   393  C CB  . THR A 1 49  ? -8.409  8.580   10.167  1.00 29.45 ? 49  THR A CB  1 
ATOM   394  O OG1 . THR A 1 49  ? -9.313  9.584   10.636  1.00 32.63 ? 49  THR A OG1 1 
ATOM   395  C CG2 . THR A 1 49  ? -7.726  9.110   8.925   1.00 28.02 ? 49  THR A CG2 1 
ATOM   396  N N   . ILE A 1 50  ? -7.461  5.646   9.508   1.00 23.52 ? 50  ILE A N   1 
ATOM   397  C CA  . ILE A 1 50  ? -6.689  4.684   8.716   1.00 26.03 ? 50  ILE A CA  1 
ATOM   398  C C   . ILE A 1 50  ? -7.590  3.600   8.104   1.00 25.28 ? 50  ILE A C   1 
ATOM   399  O O   . ILE A 1 50  ? -7.513  3.303   6.910   1.00 22.60 ? 50  ILE A O   1 
ATOM   400  C CB  . ILE A 1 50  ? -5.586  4.011   9.568   1.00 21.53 ? 50  ILE A CB  1 
ATOM   401  C CG1 . ILE A 1 50  ? -4.571  5.035   10.065  1.00 25.30 ? 50  ILE A CG1 1 
ATOM   402  C CG2 . ILE A 1 50  ? -4.905  2.880   8.783   1.00 22.82 ? 50  ILE A CG2 1 
ATOM   403  C CD1 . ILE A 1 50  ? -3.560  4.464   11.056  1.00 26.16 ? 50  ILE A CD1 1 
ATOM   404  N N   . GLY A 1 51  ? -8.462  3.010   8.916   1.00 24.35 ? 51  GLY A N   1 
ATOM   405  C CA  . GLY A 1 51  ? -9.320  1.954   8.413   1.00 23.11 ? 51  GLY A CA  1 
ATOM   406  C C   . GLY A 1 51  ? -10.222 2.410   7.276   1.00 24.70 ? 51  GLY A C   1 
ATOM   407  O O   . GLY A 1 51  ? -10.406 1.705   6.286   1.00 23.40 ? 51  GLY A O   1 
ATOM   408  N N   . ASP A 1 52  ? -10.796 3.602   7.409   1.00 22.55 ? 52  ASP A N   1 
ATOM   409  C CA  . ASP A 1 52  ? -11.659 4.105   6.353   1.00 24.44 ? 52  ASP A CA  1 
ATOM   410  C C   . ASP A 1 52  ? -10.839 4.375   5.086   1.00 22.97 ? 52  ASP A C   1 
ATOM   411  O O   . ASP A 1 52  ? -11.318 4.119   3.984   1.00 26.60 ? 52  ASP A O   1 
ATOM   412  C CB  . ASP A 1 52  ? -12.406 5.366   6.806   1.00 28.86 ? 52  ASP A CB  1 
ATOM   413  C CG  . ASP A 1 52  ? -13.626 5.041   7.662   1.00 29.79 ? 52  ASP A CG  1 
ATOM   414  O OD1 . ASP A 1 52  ? -14.226 3.963   7.454   1.00 31.14 ? 52  ASP A OD1 1 
ATOM   415  O OD2 . ASP A 1 52  ? -13.995 5.867   8.526   1.00 32.98 ? 52  ASP A OD2 1 
ATOM   416  N N   . ALA A 1 53  ? -9.606  4.848   5.241   1.00 21.97 ? 53  ALA A N   1 
ATOM   417  C CA  . ALA A 1 53  ? -8.739  5.053   4.074   1.00 21.50 ? 53  ALA A CA  1 
ATOM   418  C C   . ALA A 1 53  ? -8.419  3.714   3.403   1.00 22.29 ? 53  ALA A C   1 
ATOM   419  O O   . ALA A 1 53  ? -8.471  3.600   2.169   1.00 23.09 ? 53  ALA A O   1 
ATOM   420  C CB  . ALA A 1 53  ? -7.453  5.776   4.459   1.00 21.39 ? 53  ALA A CB  1 
ATOM   421  N N   . VAL A 1 54  ? -8.103  2.705   4.211   1.00 22.23 ? 54  VAL A N   1 
ATOM   422  C CA  . VAL A 1 54  ? -7.831  1.369   3.686   1.00 20.48 ? 54  VAL A CA  1 
ATOM   423  C C   . VAL A 1 54  ? -9.049  0.832   2.927   1.00 23.19 ? 54  VAL A C   1 
ATOM   424  O O   . VAL A 1 54  ? -8.919  0.285   1.832   1.00 23.49 ? 54  VAL A O   1 
ATOM   425  C CB  . VAL A 1 54  ? -7.421  0.397   4.817   1.00 23.18 ? 54  VAL A CB  1 
ATOM   426  C CG1 . VAL A 1 54  ? -7.494  -1.035  4.353   1.00 19.90 ? 54  VAL A CG1 1 
ATOM   427  C CG2 . VAL A 1 54  ? -6.007  0.763   5.333   1.00 22.38 ? 54  VAL A CG2 1 
ATOM   428  N N   . LEU A 1 55  ? -10.246 0.994   3.483   1.00 22.87 ? 55  LEU A N   1 
ATOM   429  C CA  . LEU A 1 55  ? -11.436 0.486   2.800   1.00 19.98 ? 55  LEU A CA  1 
ATOM   430  C C   . LEU A 1 55  ? -11.685 1.179   1.457   1.00 23.27 ? 55  LEU A C   1 
ATOM   431  O O   . LEU A 1 55  ? -12.014 0.524   0.469   1.00 25.37 ? 55  LEU A O   1 
ATOM   432  C CB  . LEU A 1 55  ? -12.669 0.628   3.696   1.00 23.57 ? 55  LEU A CB  1 
ATOM   433  C CG  . LEU A 1 55  ? -12.795 -0.396  4.844   1.00 25.67 ? 55  LEU A CG  1 
ATOM   434  C CD1 . LEU A 1 55  ? -13.872 0.053   5.839   1.00 22.10 ? 55  LEU A CD1 1 
ATOM   435  C CD2 . LEU A 1 55  ? -13.122 -1.792  4.326   1.00 23.07 ? 55  LEU A CD2 1 
ATOM   436  N N   . ILE A 1 56  ? -11.524 2.497   1.416   1.00 22.10 ? 56  ILE A N   1 
ATOM   437  C CA  . ILE A 1 56  ? -11.739 3.234   0.179   1.00 22.11 ? 56  ILE A CA  1 
ATOM   438  C C   . ILE A 1 56  ? -10.690 2.825   -0.863  1.00 22.09 ? 56  ILE A C   1 
ATOM   439  O O   . ILE A 1 56  ? -11.014 2.549   -2.015  1.00 20.56 ? 56  ILE A O   1 
ATOM   440  C CB  . ILE A 1 56  ? -11.688 4.749   0.423   1.00 21.84 ? 56  ILE A CB  1 
ATOM   441  C CG1 . ILE A 1 56  ? -12.913 5.184   1.228   1.00 21.72 ? 56  ILE A CG1 1 
ATOM   442  C CG2 . ILE A 1 56  ? -11.627 5.518   -0.887  1.00 22.67 ? 56  ILE A CG2 1 
ATOM   443  C CD1 . ILE A 1 56  ? -12.775 6.563   1.801   1.00 23.96 ? 56  ILE A CD1 1 
ATOM   444  N N   . ALA A 1 57  ? -9.435  2.783   -0.441  1.00 21.53 ? 57  ALA A N   1 
ATOM   445  C CA  . ALA A 1 57  ? -8.344  2.471   -1.368  1.00 17.28 ? 57  ALA A CA  1 
ATOM   446  C C   . ALA A 1 57  ? -8.505  1.045   -1.938  1.00 22.07 ? 57  ALA A C   1 
ATOM   447  O O   . ALA A 1 57  ? -8.238  0.810   -3.128  1.00 20.80 ? 57  ALA A O   1 
ATOM   448  C CB  . ALA A 1 57  ? -6.991  2.633   -0.668  1.00 19.67 ? 57  ALA A CB  1 
ATOM   449  N N   . LEU A 1 58  ? -8.960  0.107   -1.102  1.00 20.47 ? 58  LEU A N   1 
ATOM   450  C CA  . LEU A 1 58  ? -9.161  -1.279  -1.544  1.00 20.21 ? 58  LEU A CA  1 
ATOM   451  C C   . LEU A 1 58  ? -10.280 -1.335  -2.567  1.00 20.07 ? 58  LEU A C   1 
ATOM   452  O O   . LEU A 1 58  ? -10.148 -1.955  -3.627  1.00 20.71 ? 58  LEU A O   1 
ATOM   453  C CB  . LEU A 1 58  ? -9.499  -2.194  -0.363  1.00 22.09 ? 58  LEU A CB  1 
ATOM   454  C CG  . LEU A 1 58  ? -8.374  -2.681  0.555   1.00 20.96 ? 58  LEU A CG  1 
ATOM   455  C CD1 . LEU A 1 58  ? -8.959  -3.355  1.804   1.00 23.80 ? 58  LEU A CD1 1 
ATOM   456  C CD2 . LEU A 1 58  ? -7.440  -3.642  -0.199  1.00 20.81 ? 58  LEU A CD2 1 
ATOM   457  N N   . SER A 1 59  ? -11.368 -0.637  -2.261  1.00 22.41 ? 59  SER A N   1 
ATOM   458  C CA  . SER A 1 59  ? -12.522 -0.606  -3.167  1.00 28.28 ? 59  SER A CA  1 
ATOM   459  C C   . SER A 1 59  ? -12.162 -0.089  -4.554  1.00 23.66 ? 59  SER A C   1 
ATOM   460  O O   . SER A 1 59  ? -12.739 -0.524  -5.553  1.00 24.46 ? 59  SER A O   1 
ATOM   461  C CB  . SER A 1 59  ? -13.647 0.248   -2.572  1.00 24.79 ? 59  SER A CB  1 
ATOM   462  O OG  . SER A 1 59  ? -14.190 -0.369  -1.417  1.00 30.52 ? 59  SER A OG  1 
ATOM   463  N N   . ASN A 1 60  ? -11.193 0.818   -4.626  1.00 23.07 ? 60  ASN A N   1 
ATOM   464  C CA  . ASN A 1 60  ? -10.799 1.381   -5.921  1.00 22.57 ? 60  ASN A CA  1 
ATOM   465  C C   . ASN A 1 60  ? -9.920  0.425   -6.747  1.00 27.85 ? 60  ASN A C   1 
ATOM   466  O O   . ASN A 1 60  ? -9.719  0.623   -7.944  1.00 24.97 ? 60  ASN A O   1 
ATOM   467  C CB  . ASN A 1 60  ? -10.071 2.713   -5.726  1.00 23.80 ? 60  ASN A CB  1 
ATOM   468  C CG  . ASN A 1 60  ? -11.032 3.889   -5.527  1.00 23.54 ? 60  ASN A CG  1 
ATOM   469  O OD1 . ASN A 1 60  ? -12.090 3.948   -6.152  1.00 25.42 ? 60  ASN A OD1 1 
ATOM   470  N ND2 . ASN A 1 60  ? -10.655 4.828   -4.662  1.00 21.36 ? 60  ASN A ND2 1 
ATOM   471  N N   . SER A 1 61  ? -9.389  -0.601  -6.100  1.00 23.20 ? 61  SER A N   1 
ATOM   472  C CA  . SER A 1 61  ? -8.459  -1.529  -6.749  1.00 23.16 ? 61  SER A CA  1 
ATOM   473  C C   . SER A 1 61  ? -9.089  -2.260  -7.940  1.00 26.11 ? 61  SER A C   1 
ATOM   474  O O   . SER A 1 61  ? -10.123 -2.915  -7.820  1.00 26.23 ? 61  SER A O   1 
ATOM   475  C CB  . SER A 1 61  ? -7.926  -2.545  -5.734  1.00 20.09 ? 61  SER A CB  1 
ATOM   476  O OG  . SER A 1 61  ? -7.055  -3.464  -6.359  1.00 22.38 ? 61  SER A OG  1 
ATOM   477  N N   . ARG A 1 62  ? -8.434  -2.155  -9.087  1.00 22.20 ? 62  ARG A N   1 
ATOM   478  C CA  . ARG A 1 62  ? -8.990  -2.656  -10.337 1.00 24.16 ? 62  ARG A CA  1 
ATOM   479  C C   . ARG A 1 62  ? -8.396  -3.974  -10.802 1.00 27.91 ? 62  ARG A C   1 
ATOM   480  O O   . ARG A 1 62  ? -7.185  -4.196  -10.693 1.00 26.56 ? 62  ARG A O   1 
ATOM   481  C CB  . ARG A 1 62  ? -8.779  -1.632  -11.442 1.00 23.89 ? 62  ARG A CB  1 
ATOM   482  C CG  . ARG A 1 62  ? -9.546  -0.320  -11.261 1.00 24.74 ? 62  ARG A CG  1 
ATOM   483  C CD  . ARG A 1 62  ? -9.318  0.560   -12.456 1.00 24.47 ? 62  ARG A CD  1 
ATOM   484  N NE  . ARG A 1 62  ? -7.959  1.105   -12.519 1.00 26.00 ? 62  ARG A NE  1 
ATOM   485  C CZ  . ARG A 1 62  ? -7.320  1.372   -13.656 1.00 23.42 ? 62  ARG A CZ  1 
ATOM   486  N NH1 . ARG A 1 62  ? -7.915  1.118   -14.817 1.00 31.34 ? 62  ARG A NH1 1 
ATOM   487  N NH2 . ARG A 1 62  ? -6.105  1.914   -13.645 1.00 27.43 ? 62  ARG A NH2 1 
ATOM   488  N N   . THR A 1 63  ? -9.257  -4.835  -11.333 1.00 28.89 ? 63  THR A N   1 
ATOM   489  C CA  . THR A 1 63  ? -8.810  -6.012  -12.071 1.00 28.05 ? 63  THR A CA  1 
ATOM   490  C C   . THR A 1 63  ? -8.969  -5.714  -13.555 1.00 31.51 ? 63  THR A C   1 
ATOM   491  O O   . THR A 1 63  ? -10.088 -5.582  -14.051 1.00 29.60 ? 63  THR A O   1 
ATOM   492  C CB  . THR A 1 63  ? -9.596  -7.256  -11.708 1.00 27.58 ? 63  THR A CB  1 
ATOM   493  O OG1 . THR A 1 63  ? -9.473  -7.501  -10.299 1.00 25.65 ? 63  THR A OG1 1 
ATOM   494  C CG2 . THR A 1 63  ? -9.065  -8.451  -12.498 1.00 28.50 ? 63  THR A CG2 1 
ATOM   495  N N   . LEU A 1 64  ? -7.849  -5.584  -14.257 1.00 29.15 ? 64  LEU A N   1 
ATOM   496  C CA  . LEU A 1 64  ? -7.885  -5.064  -15.612 1.00 30.39 ? 64  LEU A CA  1 
ATOM   497  C C   . LEU A 1 64  ? -8.257  -6.118  -16.624 1.00 27.56 ? 64  LEU A C   1 
ATOM   498  O O   . LEU A 1 64  ? -7.976  -7.297  -16.432 1.00 29.97 ? 64  LEU A O   1 
ATOM   499  C CB  . LEU A 1 64  ? -6.546  -4.473  -15.997 1.00 27.96 ? 64  LEU A CB  1 
ATOM   500  C CG  . LEU A 1 64  ? -6.029  -3.405  -15.049 1.00 29.70 ? 64  LEU A CG  1 
ATOM   501  C CD1 . LEU A 1 64  ? -4.668  -2.986  -15.537 1.00 30.29 ? 64  LEU A CD1 1 
ATOM   502  C CD2 . LEU A 1 64  ? -7.010  -2.229  -15.021 1.00 28.87 ? 64  LEU A CD2 1 
ATOM   503  N N   . SER A 1 65  ? -8.871  -5.649  -17.710 1.00 30.43 ? 65  SER A N   1 
ATOM   504  C CA  . SER A 1 65  ? -9.129  -6.444  -18.902 1.00 33.69 ? 65  SER A CA  1 
ATOM   505  C C   . SER A 1 65  ? -7.832  -6.630  -19.669 1.00 31.74 ? 65  SER A C   1 
ATOM   506  O O   . SER A 1 65  ? -6.855  -5.924  -19.414 1.00 33.29 ? 65  SER A O   1 
ATOM   507  C CB  . SER A 1 65  ? -10.146 -5.750  -19.799 1.00 30.37 ? 65  SER A CB  1 
ATOM   508  O OG  . SER A 1 65  ? -9.564  -4.571  -20.339 1.00 31.88 ? 65  SER A OG  1 
ATOM   509  N N   . LEU A 1 66  ? -7.831  -7.564  -20.617 1.00 31.51 ? 66  LEU A N   1 
ATOM   510  C CA  . LEU A 1 66  ? -6.668  -7.778  -21.478 1.00 34.95 ? 66  LEU A CA  1 
ATOM   511  C C   . LEU A 1 66  ? -6.163  -6.501  -22.132 1.00 32.12 ? 66  LEU A C   1 
ATOM   512  O O   . LEU A 1 66  ? -4.964  -6.244  -22.130 1.00 34.66 ? 66  LEU A O   1 
ATOM   513  C CB  . LEU A 1 66  ? -6.984  -8.804  -22.565 1.00 39.34 ? 66  LEU A CB  1 
ATOM   514  C CG  . LEU A 1 66  ? -7.172  -10.231 -22.071 1.00 31.70 ? 66  LEU A CG  1 
ATOM   515  C CD1 . LEU A 1 66  ? -7.383  -11.159 -23.261 1.00 39.24 ? 66  LEU A CD1 1 
ATOM   516  C CD2 . LEU A 1 66  ? -5.968  -10.663 -21.260 1.00 31.23 ? 66  LEU A CD2 1 
ATOM   517  N N   . GLU A 1 67  ? -7.075  -5.708  -22.693 1.00 35.68 ? 67  GLU A N   1 
ATOM   518  C CA  . GLU A 1 67  ? -6.699  -4.497  -23.414 1.00 38.74 ? 67  GLU A CA  1 
ATOM   519  C C   . GLU A 1 67  ? -6.116  -3.443  -22.465 1.00 36.89 ? 67  GLU A C   1 
ATOM   520  O O   . GLU A 1 67  ? -5.103  -2.804  -22.761 1.00 42.09 ? 67  GLU A O   1 
ATOM   521  C CB  . GLU A 1 67  ? -7.899  -3.938  -24.168 1.00 37.84 ? 67  GLU A CB  1 
ATOM   522  N N   . GLU A 1 68  ? -6.741  -3.281  -21.309 1.00 34.87 ? 68  GLU A N   1 
ATOM   523  C CA  . GLU A 1 68  ? -6.233  -2.348  -20.306 1.00 33.79 ? 68  GLU A CA  1 
ATOM   524  C C   . GLU A 1 68  ? -4.827  -2.713  -19.831 1.00 35.13 ? 68  GLU A C   1 
ATOM   525  O O   . GLU A 1 68  ? -4.054  -1.850  -19.426 1.00 35.57 ? 68  GLU A O   1 
ATOM   526  C CB  . GLU A 1 68  ? -7.176  -2.305  -19.111 1.00 34.89 ? 68  GLU A CB  1 
ATOM   527  C CG  . GLU A 1 68  ? -8.458  -1.557  -19.374 1.00 35.63 ? 68  GLU A CG  1 
ATOM   528  C CD  . GLU A 1 68  ? -9.416  -1.677  -18.213 1.00 35.33 ? 68  GLU A CD  1 
ATOM   529  O OE1 . GLU A 1 68  ? -9.470  -2.771  -17.596 1.00 33.28 ? 68  GLU A OE1 1 
ATOM   530  O OE2 . GLU A 1 68  ? -10.103 -0.679  -17.915 1.00 36.74 ? 68  GLU A OE2 1 
ATOM   531  N N   . SER A 1 69  ? -4.501  -3.999  -19.886 1.00 41.16 ? 69  SER A N   1 
ATOM   532  C CA  . SER A 1 69  ? -3.255  -4.487  -19.312 1.00 38.21 ? 69  SER A CA  1 
ATOM   533  C C   . SER A 1 69  ? -2.036  -3.984  -20.077 1.00 35.63 ? 69  SER A C   1 
ATOM   534  O O   . SER A 1 69  ? -1.068  -3.530  -19.473 1.00 36.20 ? 69  SER A O   1 
ATOM   535  C CB  . SER A 1 69  ? -3.250  -6.016  -19.265 1.00 38.16 ? 69  SER A CB  1 
ATOM   536  O OG  . SER A 1 69  ? -1.991  -6.476  -18.816 1.00 47.86 ? 69  SER A OG  1 
ATOM   537  N N   . ALA A 1 70  ? -2.081  -4.061  -21.401 1.00 39.18 ? 70  ALA A N   1 
ATOM   538  C CA  . ALA A 1 70  ? -0.940  -3.633  -22.208 1.00 38.77 ? 70  ALA A CA  1 
ATOM   539  C C   . ALA A 1 70  ? -0.540  -2.185  -21.898 1.00 35.10 ? 70  ALA A C   1 
ATOM   540  O O   . ALA A 1 70  ? 0.620   -1.900  -21.598 1.00 36.25 ? 70  ALA A O   1 
ATOM   541  C CB  . ALA A 1 70  ? -1.251  -3.791  -23.680 1.00 42.38 ? 70  ALA A CB  1 
ATOM   542  N N   . ASP A 1 71  ? -1.494  -1.265  -21.965 1.00 34.91 ? 71  ASP A N   1 
ATOM   543  C CA  . ASP A 1 71  ? -1.190  0.132   -21.668 1.00 30.98 ? 71  ASP A CA  1 
ATOM   544  C C   . ASP A 1 71  ? -0.721  0.328   -20.221 1.00 30.85 ? 71  ASP A C   1 
ATOM   545  O O   . ASP A 1 71  ? 0.217   1.072   -19.947 1.00 31.07 ? 71  ASP A O   1 
ATOM   546  C CB  . ASP A 1 71  ? -2.409  1.013   -21.942 1.00 39.46 ? 71  ASP A CB  1 
ATOM   547  C CG  . ASP A 1 71  ? -2.722  1.133   -23.430 1.00 40.68 ? 71  ASP A CG  1 
ATOM   548  O OD1 . ASP A 1 71  ? -1.769  1.162   -24.241 1.00 40.24 ? 71  ASP A OD1 1 
ATOM   549  O OD2 . ASP A 1 71  ? -3.922  1.199   -23.779 1.00 45.08 ? 71  ASP A OD2 1 
ATOM   550  N N   . PHE A 1 72  ? -1.380  -0.359  -19.299 1.00 28.83 ? 72  PHE A N   1 
ATOM   551  C CA  . PHE A 1 72  ? -1.099  -0.209  -17.872 1.00 27.14 ? 72  PHE A CA  1 
ATOM   552  C C   . PHE A 1 72  ? 0.318   -0.633  -17.458 1.00 30.30 ? 72  PHE A C   1 
ATOM   553  O O   . PHE A 1 72  ? 0.911   -0.007  -16.580 1.00 27.66 ? 72  PHE A O   1 
ATOM   554  C CB  . PHE A 1 72  ? -2.143  -1.011  -17.074 1.00 29.94 ? 72  PHE A CB  1 
ATOM   555  C CG  . PHE A 1 72  ? -2.037  -0.869  -15.581 1.00 24.85 ? 72  PHE A CG  1 
ATOM   556  C CD1 . PHE A 1 72  ? -2.579  0.231   -14.929 1.00 28.39 ? 72  PHE A CD1 1 
ATOM   557  C CD2 . PHE A 1 72  ? -1.458  -1.869  -14.822 1.00 25.24 ? 72  PHE A CD2 1 
ATOM   558  C CE1 . PHE A 1 72  ? -2.510  0.352   -13.544 1.00 29.30 ? 72  PHE A CE1 1 
ATOM   559  C CE2 . PHE A 1 72  ? -1.368  -1.754  -13.448 1.00 23.12 ? 72  PHE A CE2 1 
ATOM   560  C CZ  . PHE A 1 72  ? -1.896  -0.642  -12.801 1.00 23.86 ? 72  PHE A CZ  1 
ATOM   561  N N   . PHE A 1 73  ? 0.867   -1.679  -18.082 1.00 27.57 ? 73  PHE A N   1 
ATOM   562  C CA  . PHE A 1 73  ? 2.201   -2.164  -17.723 1.00 27.79 ? 73  PHE A CA  1 
ATOM   563  C C   . PHE A 1 73  ? 3.307   -1.675  -18.655 1.00 27.57 ? 73  PHE A C   1 
ATOM   564  O O   . PHE A 1 73  ? 4.423   -2.191  -18.619 1.00 31.37 ? 73  PHE A O   1 
ATOM   565  C CB  . PHE A 1 73  ? 2.223   -3.688  -17.687 1.00 27.52 ? 73  PHE A CB  1 
ATOM   566  C CG  . PHE A 1 73  ? 1.437   -4.270  -16.556 1.00 31.02 ? 73  PHE A CG  1 
ATOM   567  C CD1 . PHE A 1 73  ? 1.870   -4.123  -15.250 1.00 30.74 ? 73  PHE A CD1 1 
ATOM   568  C CD2 . PHE A 1 73  ? 0.271   -4.971  -16.800 1.00 31.36 ? 73  PHE A CD2 1 
ATOM   569  C CE1 . PHE A 1 73  ? 1.139   -4.649  -14.197 1.00 32.52 ? 73  PHE A CE1 1 
ATOM   570  C CE2 . PHE A 1 73  ? -0.460  -5.502  -15.753 1.00 30.15 ? 73  PHE A CE2 1 
ATOM   571  C CZ  . PHE A 1 73  ? -0.023  -5.339  -14.450 1.00 29.20 ? 73  PHE A CZ  1 
ATOM   572  N N   . ASP A 1 74  ? 2.989   -0.686  -19.477 1.00 30.57 ? 74  ASP A N   1 
ATOM   573  C CA  . ASP A 1 74  ? 3.980   -0.048  -20.340 1.00 28.67 ? 74  ASP A CA  1 
ATOM   574  C C   . ASP A 1 74  ? 5.197   0.415   -19.530 1.00 32.10 ? 74  ASP A C   1 
ATOM   575  O O   . ASP A 1 74  ? 5.063   1.122   -18.529 1.00 31.28 ? 74  ASP A O   1 
ATOM   576  C CB  . ASP A 1 74  ? 3.361   1.132   -21.074 1.00 32.51 ? 74  ASP A CB  1 
ATOM   577  C CG  . ASP A 1 74  ? 4.367   1.874   -21.919 1.00 34.90 ? 74  ASP A CG  1 
ATOM   578  O OD1 . ASP A 1 74  ? 4.751   1.327   -22.974 1.00 30.44 ? 74  ASP A OD1 1 
ATOM   579  O OD2 . ASP A 1 74  ? 4.763   3.001   -21.542 1.00 31.77 ? 74  ASP A OD2 1 
ATOM   580  N N   . LEU A 1 75  ? 6.376   -0.005  -19.966 1.00 24.17 ? 75  LEU A N   1 
ATOM   581  C CA  . LEU A 1 75  ? 7.612   0.284   -19.262 1.00 26.65 ? 75  LEU A CA  1 
ATOM   582  C C   . LEU A 1 75  ? 7.871   1.780   -19.007 1.00 31.07 ? 75  LEU A C   1 
ATOM   583  O O   . LEU A 1 75  ? 8.080   2.186   -17.866 1.00 28.28 ? 75  LEU A O   1 
ATOM   584  C CB  . LEU A 1 75  ? 8.783   -0.313  -20.036 1.00 30.62 ? 75  LEU A CB  1 
ATOM   585  C CG  . LEU A 1 75  ? 10.126  -0.254  -19.316 1.00 35.06 ? 75  LEU A CG  1 
ATOM   586  C CD1 . LEU A 1 75  ? 10.064  -1.083  -18.055 1.00 37.32 ? 75  LEU A CD1 1 
ATOM   587  C CD2 . LEU A 1 75  ? 11.247  -0.723  -20.230 1.00 39.57 ? 75  LEU A CD2 1 
ATOM   588  N N   . GLU A 1 76  ? 7.855   2.599   -20.052 1.00 31.50 ? 76  GLU A N   1 
ATOM   589  C CA  . GLU A 1 76  ? 8.215   4.011   -19.880 1.00 30.11 ? 76  GLU A CA  1 
ATOM   590  C C   . GLU A 1 76  ? 7.175   4.811   -19.058 1.00 30.80 ? 76  GLU A C   1 
ATOM   591  O O   . GLU A 1 76  ? 7.533   5.733   -18.309 1.00 29.39 ? 76  GLU A O   1 
ATOM   592  C CB  . GLU A 1 76  ? 8.425   4.666   -21.245 1.00 32.68 ? 76  GLU A CB  1 
ATOM   593  C CG  . GLU A 1 76  ? 9.655   4.150   -21.971 1.00 24.55 ? 76  GLU A CG  1 
ATOM   594  C CD  . GLU A 1 76  ? 10.933  4.460   -21.219 1.00 31.13 ? 76  GLU A CD  1 
ATOM   595  O OE1 . GLU A 1 76  ? 11.192  5.657   -20.977 1.00 34.48 ? 76  GLU A OE1 1 
ATOM   596  O OE2 . GLU A 1 76  ? 11.685  3.516   -20.878 1.00 33.02 ? 76  GLU A OE2 1 
ATOM   597  N N   . THR A 1 77  ? 5.901   4.477   -19.221 1.00 27.37 ? 77  THR A N   1 
ATOM   598  C CA  . THR A 1 77  ? 4.854   5.068   -18.413 1.00 32.48 ? 77  THR A CA  1 
ATOM   599  C C   . THR A 1 77  ? 5.085   4.729   -16.942 1.00 29.77 ? 77  THR A C   1 
ATOM   600  O O   . THR A 1 77  ? 4.946   5.590   -16.070 1.00 26.61 ? 77  THR A O   1 
ATOM   601  C CB  . THR A 1 77  ? 3.468   4.574   -18.843 1.00 35.98 ? 77  THR A CB  1 
ATOM   602  O OG1 . THR A 1 77  ? 3.224   4.973   -20.193 1.00 41.08 ? 77  THR A OG1 1 
ATOM   603  C CG2 . THR A 1 77  ? 2.388   5.168   -17.966 1.00 36.35 ? 77  THR A CG2 1 
ATOM   604  N N   . GLY A 1 78  ? 5.434   3.471   -16.674 1.00 29.15 ? 78  GLY A N   1 
ATOM   605  C CA  . GLY A 1 78  ? 5.663   3.020   -15.311 1.00 28.44 ? 78  GLY A CA  1 
ATOM   606  C C   . GLY A 1 78  ? 6.794   3.790   -14.651 1.00 27.10 ? 78  GLY A C   1 
ATOM   607  O O   . GLY A 1 78  ? 6.672   4.234   -13.513 1.00 27.49 ? 78  GLY A O   1 
ATOM   608  N N   . LYS A 1 79  ? 7.904   3.934   -15.369 1.00 26.12 ? 79  LYS A N   1 
ATOM   609  C CA  . LYS A 1 79  ? 9.036   4.717   -14.885 1.00 27.68 ? 79  LYS A CA  1 
ATOM   610  C C   . LYS A 1 79  ? 8.651   6.150   -14.531 1.00 25.34 ? 79  LYS A C   1 
ATOM   611  O O   . LYS A 1 79  ? 9.073   6.681   -13.498 1.00 26.16 ? 79  LYS A O   1 
ATOM   612  C CB  . LYS A 1 79  ? 10.140  4.762   -15.936 1.00 26.77 ? 79  LYS A CB  1 
ATOM   613  C CG  . LYS A 1 79  ? 10.899  3.479   -16.177 1.00 32.57 ? 79  LYS A CG  1 
ATOM   614  C CD  . LYS A 1 79  ? 11.933  3.805   -17.255 1.00 37.41 ? 79  LYS A CD  1 
ATOM   615  C CE  . LYS A 1 79  ? 12.850  2.662   -17.592 1.00 39.62 ? 79  LYS A CE  1 
ATOM   616  N NZ  . LYS A 1 79  ? 13.731  3.111   -18.715 1.00 38.28 ? 79  LYS A NZ  1 
ATOM   617  N N   . GLU A 1 80  ? 7.889   6.783   -15.421 1.00 24.68 ? 80  GLU A N   1 
ATOM   618  C CA  . GLU A 1 80  ? 7.480   8.168   -15.224 1.00 26.39 ? 80  GLU A CA  1 
ATOM   619  C C   . GLU A 1 80  ? 6.616   8.303   -13.975 1.00 29.58 ? 80  GLU A C   1 
ATOM   620  O O   . GLU A 1 80  ? 6.850   9.179   -13.123 1.00 26.49 ? 80  GLU A O   1 
ATOM   621  C CB  . GLU A 1 80  ? 6.719   8.702   -16.445 1.00 25.70 ? 80  GLU A CB  1 
ATOM   622  C CG  . GLU A 1 80  ? 6.207   10.123  -16.225 1.00 34.06 ? 80  GLU A CG  1 
ATOM   623  C CD  . GLU A 1 80  ? 6.105   10.944  -17.503 1.00 33.65 ? 80  GLU A CD  1 
ATOM   624  O OE1 . GLU A 1 80  ? 6.279   10.379  -18.610 1.00 34.43 ? 80  GLU A OE1 1 
ATOM   625  O OE2 . GLU A 1 80  ? 5.871   12.168  -17.390 1.00 36.99 ? 80  GLU A OE2 1 
ATOM   626  N N   . GLN A 1 81  ? 5.624   7.423   -13.868 1.00 28.96 ? 81  GLN A N   1 
ATOM   627  C CA  . GLN A 1 81  ? 4.710   7.446   -12.731 1.00 27.71 ? 81  GLN A CA  1 
ATOM   628  C C   . GLN A 1 81  ? 5.437   7.153   -11.427 1.00 24.44 ? 81  GLN A C   1 
ATOM   629  O O   . GLN A 1 81  ? 5.154   7.786   -10.410 1.00 27.49 ? 81  GLN A O   1 
ATOM   630  C CB  . GLN A 1 81  ? 3.563   6.458   -12.948 1.00 26.59 ? 81  GLN A CB  1 
ATOM   631  C CG  . GLN A 1 81  ? 2.651   6.903   -14.073 1.00 29.59 ? 81  GLN A CG  1 
ATOM   632  C CD  . GLN A 1 81  ? 1.655   5.850   -14.480 1.00 29.54 ? 81  GLN A CD  1 
ATOM   633  O OE1 . GLN A 1 81  ? 1.652   4.732   -13.955 1.00 35.66 ? 81  GLN A OE1 1 
ATOM   634  N NE2 . GLN A 1 81  ? 0.785   6.205   -15.411 1.00 32.10 ? 81  GLN A NE2 1 
ATOM   635  N N   . TYR A 1 82  ? 6.390   6.220   -11.459 1.00 21.68 ? 82  TYR A N   1 
ATOM   636  C CA  . TYR A 1 82  ? 7.134   5.886   -10.252 1.00 23.52 ? 82  TYR A CA  1 
ATOM   637  C C   . TYR A 1 82  ? 7.973   7.081   -9.789  1.00 29.06 ? 82  TYR A C   1 
ATOM   638  O O   . TYR A 1 82  ? 7.929   7.454   -8.623  1.00 24.03 ? 82  TYR A O   1 
ATOM   639  C CB  . TYR A 1 82  ? 8.033   4.671   -10.458 1.00 25.47 ? 82  TYR A CB  1 
ATOM   640  C CG  . TYR A 1 82  ? 8.870   4.362   -9.241  1.00 25.07 ? 82  TYR A CG  1 
ATOM   641  C CD1 . TYR A 1 82  ? 8.280   3.857   -8.092  1.00 26.42 ? 82  TYR A CD1 1 
ATOM   642  C CD2 . TYR A 1 82  ? 10.236  4.598   -9.229  1.00 26.65 ? 82  TYR A CD2 1 
ATOM   643  C CE1 . TYR A 1 82  ? 9.030   3.580   -6.960  1.00 27.94 ? 82  TYR A CE1 1 
ATOM   644  C CE2 . TYR A 1 82  ? 11.000  4.321   -8.109  1.00 29.88 ? 82  TYR A CE2 1 
ATOM   645  C CZ  . TYR A 1 82  ? 10.388  3.815   -6.973  1.00 28.92 ? 82  TYR A CZ  1 
ATOM   646  O OH  . TYR A 1 82  ? 11.134  3.541   -5.854  1.00 31.66 ? 82  TYR A OH  1 
ATOM   647  N N   . ALA A 1 83  ? 8.752   7.669   -10.696 1.00 24.19 ? 83  ALA A N   1 
ATOM   648  C CA  . ALA A 1 83  ? 9.577   8.809   -10.324 1.00 23.62 ? 83  ALA A CA  1 
ATOM   649  C C   . ALA A 1 83  ? 8.712   10.008  -9.896  1.00 24.76 ? 83  ALA A C   1 
ATOM   650  O O   . ALA A 1 83  ? 9.112   10.789  -9.039  1.00 25.85 ? 83  ALA A O   1 
ATOM   651  C CB  . ALA A 1 83  ? 10.511  9.193   -11.492 1.00 25.76 ? 83  ALA A CB  1 
ATOM   652  N N   . THR A 1 84  ? 7.533   10.145  -10.493 1.00 27.02 ? 84  THR A N   1 
ATOM   653  C CA  . THR A 1 84  ? 6.594   11.206  -10.135 1.00 25.79 ? 84  THR A CA  1 
ATOM   654  C C   . THR A 1 84  ? 6.058   11.016  -8.704  1.00 26.83 ? 84  THR A C   1 
ATOM   655  O O   . THR A 1 84  ? 5.838   11.974  -7.968  1.00 29.11 ? 84  THR A O   1 
ATOM   656  C CB  . THR A 1 84  ? 5.414   11.268  -11.123 1.00 27.60 ? 84  THR A CB  1 
ATOM   657  O OG1 . THR A 1 84  ? 5.884   11.686  -12.410 1.00 31.87 ? 84  THR A OG1 1 
ATOM   658  C CG2 . THR A 1 84  ? 4.344   12.267  -10.642 1.00 29.86 ? 84  THR A CG2 1 
ATOM   659  N N   . TRP A 1 85  ? 5.848   9.767   -8.316  1.00 23.41 ? 85  TRP A N   1 
ATOM   660  C CA  . TRP A 1 85  ? 5.421   9.479   -6.960  1.00 24.77 ? 85  TRP A CA  1 
ATOM   661  C C   . TRP A 1 85  ? 6.499   9.938   -5.975  1.00 29.35 ? 85  TRP A C   1 
ATOM   662  O O   . TRP A 1 85  ? 6.198   10.571  -4.952  1.00 24.60 ? 85  TRP A O   1 
ATOM   663  C CB  . TRP A 1 85  ? 5.131   7.978   -6.828  1.00 21.07 ? 85  TRP A CB  1 
ATOM   664  C CG  . TRP A 1 85  ? 4.844   7.482   -5.449  1.00 24.11 ? 85  TRP A CG  1 
ATOM   665  C CD1 . TRP A 1 85  ? 3.688   7.648   -4.737  1.00 21.64 ? 85  TRP A CD1 1 
ATOM   666  C CD2 . TRP A 1 85  ? 5.718   6.689   -4.633  1.00 23.94 ? 85  TRP A CD2 1 
ATOM   667  N NE1 . TRP A 1 85  ? 3.798   7.010   -3.510  1.00 24.60 ? 85  TRP A NE1 1 
ATOM   668  C CE2 . TRP A 1 85  ? 5.030   6.414   -3.426  1.00 18.50 ? 85  TRP A CE2 1 
ATOM   669  C CE3 . TRP A 1 85  ? 7.010   6.190   -4.801  1.00 26.17 ? 85  TRP A CE3 1 
ATOM   670  C CZ2 . TRP A 1 85  ? 5.595   5.661   -2.401  1.00 22.38 ? 85  TRP A CZ2 1 
ATOM   671  C CZ3 . TRP A 1 85  ? 7.574   5.433   -3.773  1.00 30.84 ? 85  TRP A CZ3 1 
ATOM   672  C CH2 . TRP A 1 85  ? 6.864   5.187   -2.584  1.00 25.06 ? 85  TRP A CH2 1 
ATOM   673  N N   . ILE A 1 86  ? 7.762   9.658   -6.307  1.00 25.78 ? 86  ILE A N   1 
ATOM   674  C CA  . ILE A 1 86  ? 8.864   10.065  -5.446  1.00 27.59 ? 86  ILE A CA  1 
ATOM   675  C C   . ILE A 1 86  ? 8.927   11.590  -5.356  1.00 28.48 ? 86  ILE A C   1 
ATOM   676  O O   . ILE A 1 86  ? 9.035   12.135  -4.269  1.00 29.12 ? 86  ILE A O   1 
ATOM   677  C CB  . ILE A 1 86  ? 10.220  9.524   -5.936  1.00 30.03 ? 86  ILE A CB  1 
ATOM   678  C CG1 . ILE A 1 86  ? 10.243  7.996   -5.916  1.00 29.59 ? 86  ILE A CG1 1 
ATOM   679  C CG2 . ILE A 1 86  ? 11.360  10.058  -5.057  1.00 31.36 ? 86  ILE A CG2 1 
ATOM   680  C CD1 . ILE A 1 86  ? 11.603  7.425   -6.360  1.00 27.30 ? 86  ILE A CD1 1 
ATOM   681  N N   . ALA A 1 87  ? 8.845   12.263  -6.502  1.00 27.53 ? 87  ALA A N   1 
ATOM   682  C CA  . ALA A 1 87  ? 8.900   13.729  -6.562  1.00 27.85 ? 87  ALA A CA  1 
ATOM   683  C C   . ALA A 1 87  ? 7.776   14.368  -5.754  1.00 29.48 ? 87  ALA A C   1 
ATOM   684  O O   . ALA A 1 87  ? 7.997   15.334  -5.023  1.00 27.94 ? 87  ALA A O   1 
ATOM   685  C CB  . ALA A 1 87  ? 8.842   14.203  -8.012  1.00 28.08 ? 87  ALA A CB  1 
ATOM   686  N N   . MET A 1 88  ? 6.572   13.822  -5.893  1.00 27.70 ? 88  MET A N   1 
ATOM   687  C CA  . MET A 1 88  ? 5.422   14.339  -5.167  1.00 26.95 ? 88  MET A CA  1 
ATOM   688  C C   . MET A 1 88  ? 5.652   14.261  -3.656  1.00 30.24 ? 88  MET A C   1 
ATOM   689  O O   . MET A 1 88  ? 5.394   15.223  -2.933  1.00 32.49 ? 88  MET A O   1 
ATOM   690  C CB  . MET A 1 88  ? 4.142   13.580  -5.507  1.00 28.05 ? 88  MET A CB  1 
ATOM   691  C CG  . MET A 1 88  ? 3.080   13.941  -4.490  1.00 35.79 ? 88  MET A CG  1 
ATOM   692  S SD  . MET A 1 88  ? 1.938   12.662  -3.980  1.00 41.40 ? 88  MET A SD  1 
ATOM   693  C CE  . MET A 1 88  ? 2.991   11.254  -3.765  1.00 33.05 ? 88  MET A CE  1 
ATOM   694  N N   . LEU A 1 89  ? 6.138   13.115  -3.187  1.00 25.61 ? 89  LEU A N   1 
ATOM   695  C CA  . LEU A 1 89  ? 6.452   12.949  -1.767  1.00 26.74 ? 89  LEU A CA  1 
ATOM   696  C C   . LEU A 1 89  ? 7.558   13.903  -1.307  1.00 30.60 ? 89  LEU A C   1 
ATOM   697  O O   . LEU A 1 89  ? 7.492   14.475  -0.218  1.00 32.07 ? 89  LEU A O   1 
ATOM   698  C CB  . LEU A 1 89  ? 6.866   11.507  -1.480  1.00 30.67 ? 89  LEU A CB  1 
ATOM   699  C CG  . LEU A 1 89  ? 5.743   10.479  -1.593  1.00 28.90 ? 89  LEU A CG  1 
ATOM   700  C CD1 . LEU A 1 89  ? 6.280   9.073   -1.372  1.00 26.94 ? 89  LEU A CD1 1 
ATOM   701  C CD2 . LEU A 1 89  ? 4.619   10.831  -0.600  1.00 28.22 ? 89  LEU A CD2 1 
ATOM   702  N N   . MET A 1 90  ? 8.584   14.062  -2.131  1.00 30.83 ? 90  MET A N   1 
ATOM   703  C CA  . MET A 1 90  ? 9.704   14.923  -1.765  1.00 30.72 ? 90  MET A CA  1 
ATOM   704  C C   . MET A 1 90  ? 9.259   16.378  -1.671  1.00 31.52 ? 90  MET A C   1 
ATOM   705  O O   . MET A 1 90  ? 9.559   17.057  -0.699  1.00 35.62 ? 90  MET A O   1 
ATOM   706  C CB  . MET A 1 90  ? 10.846  14.771  -2.770  1.00 32.53 ? 90  MET A CB  1 
ATOM   707  C CG  . MET A 1 90  ? 11.500  13.392  -2.719  1.00 28.33 ? 90  MET A CG  1 
ATOM   708  S SD  . MET A 1 90  ? 12.875  13.222  -3.873  1.00 31.95 ? 90  MET A SD  1 
ATOM   709  C CE  . MET A 1 90  ? 13.936  14.542  -3.274  1.00 32.09 ? 90  MET A CE  1 
ATOM   710  N N   . GLU A 1 91  ? 8.511   16.838  -2.664  1.00 27.31 ? 91  GLU A N   1 
ATOM   711  C CA  . GLU A 1 91  ? 8.083   18.222  -2.695  1.00 28.36 ? 91  GLU A CA  1 
ATOM   712  C C   . GLU A 1 91  ? 7.048   18.500  -1.610  1.00 33.45 ? 91  GLU A C   1 
ATOM   713  O O   . GLU A 1 91  ? 7.061   19.566  -1.002  1.00 33.87 ? 91  GLU A O   1 
ATOM   714  C CB  . GLU A 1 91  ? 7.538   18.581  -4.088  1.00 31.58 ? 91  GLU A CB  1 
ATOM   715  C CG  . GLU A 1 91  ? 8.632   18.489  -5.163  1.00 28.79 ? 91  GLU A CG  1 
ATOM   716  C CD  . GLU A 1 91  ? 8.166   18.839  -6.568  1.00 34.55 ? 91  GLU A CD  1 
ATOM   717  O OE1 . GLU A 1 91  ? 7.086   19.453  -6.710  1.00 41.93 ? 91  GLU A OE1 1 
ATOM   718  O OE2 . GLU A 1 91  ? 8.892   18.509  -7.536  1.00 33.67 ? 91  GLU A OE2 1 
ATOM   719  N N   . LYS A 1 92  ? 6.165   17.544  -1.346  1.00 32.92 ? 92  LYS A N   1 
ATOM   720  C CA  . LYS A 1 92  ? 5.093   17.784  -0.384  1.00 31.06 ? 92  LYS A CA  1 
ATOM   721  C C   . LYS A 1 92  ? 5.606   17.794  1.059   1.00 32.69 ? 92  LYS A C   1 
ATOM   722  O O   . LYS A 1 92  ? 5.071   18.524  1.900   1.00 37.53 ? 92  LYS A O   1 
ATOM   723  C CB  . LYS A 1 92  ? 3.978   16.749  -0.546  1.00 33.81 ? 92  LYS A CB  1 
ATOM   724  C CG  . LYS A 1 92  ? 2.751   17.030  0.327   1.00 41.23 ? 92  LYS A CG  1 
ATOM   725  C CD  . LYS A 1 92  ? 1.507   16.267  -0.150  1.00 44.63 ? 92  LYS A CD  1 
ATOM   726  C CE  . LYS A 1 92  ? 0.240   16.764  0.558   1.00 46.76 ? 92  LYS A CE  1 
ATOM   727  N NZ  . LYS A 1 92  ? 0.253   16.448  2.011   1.00 48.55 ? 92  LYS A NZ  1 
ATOM   728  N N   . TYR A 1 93  ? 6.650   17.023  1.347   1.00 27.70 ? 93  TYR A N   1 
ATOM   729  C CA  . TYR A 1 93  ? 7.143   16.905  2.727   1.00 35.33 ? 93  TYR A CA  1 
ATOM   730  C C   . TYR A 1 93  ? 8.535   17.473  2.919   1.00 37.29 ? 93  TYR A C   1 
ATOM   731  O O   . TYR A 1 93  ? 9.159   17.263  3.956   1.00 35.05 ? 93  TYR A O   1 
ATOM   732  C CB  . TYR A 1 93  ? 7.118   15.445  3.191   1.00 32.98 ? 93  TYR A CB  1 
ATOM   733  C CG  . TYR A 1 93  ? 5.712   14.956  3.274   1.00 35.41 ? 93  TYR A CG  1 
ATOM   734  C CD1 . TYR A 1 93  ? 4.913   15.265  4.376   1.00 30.99 ? 93  TYR A CD1 1 
ATOM   735  C CD2 . TYR A 1 93  ? 5.149   14.244  2.230   1.00 33.93 ? 93  TYR A CD2 1 
ATOM   736  C CE1 . TYR A 1 93  ? 3.608   14.856  4.438   1.00 31.01 ? 93  TYR A CE1 1 
ATOM   737  C CE2 . TYR A 1 93  ? 3.838   13.826  2.284   1.00 30.51 ? 93  TYR A CE2 1 
ATOM   738  C CZ  . TYR A 1 93  ? 3.073   14.134  3.388   1.00 33.81 ? 93  TYR A CZ  1 
ATOM   739  O OH  . TYR A 1 93  ? 1.770   13.713  3.440   1.00 30.70 ? 93  TYR A OH  1 
ATOM   740  N N   . GLY A 1 94  ? 9.022   18.175  1.903   1.00 35.83 ? 94  GLY A N   1 
ATOM   741  C CA  . GLY A 1 94  ? 10.295  18.864  1.998   1.00 42.24 ? 94  GLY A CA  1 
ATOM   742  C C   . GLY A 1 94  ? 11.508  17.966  2.181   1.00 37.90 ? 94  GLY A C   1 
ATOM   743  O O   . GLY A 1 94  ? 12.469  18.352  2.839   1.00 39.85 ? 94  GLY A O   1 
ATOM   744  N N   . TYR A 1 95  ? 11.475  16.767  1.608   1.00 35.07 ? 95  TYR A N   1 
ATOM   745  C CA  . TYR A 1 95  ? 12.662  15.926  1.598   1.00 36.63 ? 95  TYR A CA  1 
ATOM   746  C C   . TYR A 1 95  ? 13.626  16.486  0.560   1.00 38.58 ? 95  TYR A C   1 
ATOM   747  O O   . TYR A 1 95  ? 13.232  16.687  -0.585  1.00 40.13 ? 95  TYR A O   1 
ATOM   748  C CB  . TYR A 1 95  ? 12.313  14.471  1.273   1.00 34.71 ? 95  TYR A CB  1 
ATOM   749  C CG  . TYR A 1 95  ? 11.482  13.789  2.337   1.00 35.85 ? 95  TYR A CG  1 
ATOM   750  C CD1 . TYR A 1 95  ? 12.027  13.492  3.574   1.00 36.41 ? 95  TYR A CD1 1 
ATOM   751  C CD2 . TYR A 1 95  ? 10.157  13.433  2.100   1.00 33.41 ? 95  TYR A CD2 1 
ATOM   752  C CE1 . TYR A 1 95  ? 11.285  12.867  4.553   1.00 36.52 ? 95  TYR A CE1 1 
ATOM   753  C CE2 . TYR A 1 95  ? 9.399   12.809  3.083   1.00 32.57 ? 95  TYR A CE2 1 
ATOM   754  C CZ  . TYR A 1 95  ? 9.970   12.532  4.307   1.00 34.27 ? 95  TYR A CZ  1 
ATOM   755  O OH  . TYR A 1 95  ? 9.239   11.910  5.299   1.00 35.28 ? 95  TYR A OH  1 
ATOM   756  N N   . LYS A 1 96  ? 14.878  16.732  0.942   1.00 39.99 ? 96  LYS A N   1 
ATOM   757  C CA  . LYS A 1 96  ? 15.844  17.309  0.001   1.00 41.53 ? 96  LYS A CA  1 
ATOM   758  C C   . LYS A 1 96  ? 16.492  16.236  -0.874  1.00 40.20 ? 96  LYS A C   1 
ATOM   759  O O   . LYS A 1 96  ? 16.984  16.517  -1.968  1.00 40.19 ? 96  LYS A O   1 
ATOM   760  C CB  . LYS A 1 96  ? 16.913  18.098  0.745   1.00 43.76 ? 96  LYS A CB  1 
ATOM   761  N N   . THR A 1 97  ? 16.482  15.002  -0.386  1.00 38.73 ? 97  THR A N   1 
ATOM   762  C CA  . THR A 1 97  ? 17.119  13.887  -1.075  1.00 37.69 ? 97  THR A CA  1 
ATOM   763  C C   . THR A 1 97  ? 16.224  12.649  -1.042  1.00 39.95 ? 97  THR A C   1 
ATOM   764  O O   . THR A 1 97  ? 15.372  12.519  -0.164  1.00 37.10 ? 97  THR A O   1 
ATOM   765  C CB  . THR A 1 97  ? 18.463  13.514  -0.432  1.00 38.49 ? 97  THR A CB  1 
ATOM   766  O OG1 . THR A 1 97  ? 18.226  13.075  0.906   1.00 40.21 ? 97  THR A OG1 1 
ATOM   767  C CG2 . THR A 1 97  ? 19.414  14.707  -0.405  1.00 41.10 ? 97  THR A CG2 1 
ATOM   768  N N   . LYS A 1 98  ? 16.433  11.735  -1.984  1.00 37.07 ? 98  LYS A N   1 
ATOM   769  C CA  . LYS A 1 98  ? 15.718  10.463  -1.963  1.00 34.33 ? 98  LYS A CA  1 
ATOM   770  C C   . LYS A 1 98  ? 16.046  9.661   -0.705  1.00 34.37 ? 98  LYS A C   1 
ATOM   771  O O   . LYS A 1 98  ? 15.200  8.935   -0.181  1.00 38.18 ? 98  LYS A O   1 
ATOM   772  C CB  . LYS A 1 98  ? 16.046  9.638   -3.207  1.00 33.56 ? 98  LYS A CB  1 
ATOM   773  C CG  . LYS A 1 98  ? 15.494  10.250  -4.455  1.00 37.83 ? 98  LYS A CG  1 
ATOM   774  C CD  . LYS A 1 98  ? 15.115  9.208   -5.491  1.00 39.30 ? 98  LYS A CD  1 
ATOM   775  C CE  . LYS A 1 98  ? 16.294  8.394   -5.942  1.00 41.95 ? 98  LYS A CE  1 
ATOM   776  N NZ  . LYS A 1 98  ? 15.901  7.633   -7.178  1.00 44.86 ? 98  LYS A NZ  1 
ATOM   777  N N   . ARG A 1 99  ? 17.274  9.798   -0.217  1.00 34.57 ? 99  ARG A N   1 
ATOM   778  C CA  . ARG A 1 99  ? 17.675  9.057   0.972   1.00 35.97 ? 99  ARG A CA  1 
ATOM   779  C C   . ARG A 1 99  ? 16.889  9.525   2.199   1.00 36.07 ? 99  ARG A C   1 
ATOM   780  O O   . ARG A 1 99  ? 16.548  8.725   3.070   1.00 34.87 ? 99  ARG A O   1 
ATOM   781  C CB  . ARG A 1 99  ? 19.178  9.193   1.217   1.00 36.44 ? 99  ARG A CB  1 
ATOM   782  C CG  . ARG A 1 99  ? 19.698  8.301   2.339   1.00 36.96 ? 99  ARG A CG  1 
ATOM   783  C CD  . ARG A 1 99  ? 21.159  7.892   2.108   1.00 44.25 ? 99  ARG A CD  1 
ATOM   784  N NE  . ARG A 1 99  ? 21.338  7.073   0.904   1.00 45.18 ? 99  ARG A NE  1 
ATOM   785  C CZ  . ARG A 1 99  ? 21.258  5.741   0.877   1.00 47.03 ? 99  ARG A CZ  1 
ATOM   786  N NH1 . ARG A 1 99  ? 21.006  5.059   1.989   1.00 45.30 ? 99  ARG A NH1 1 
ATOM   787  N NH2 . ARG A 1 99  ? 21.438  5.082   -0.266  1.00 45.43 ? 99  ARG A NH2 1 
ATOM   788  N N   . ALA A 1 100 ? 16.597  10.820  2.258   1.00 34.49 ? 100 ALA A N   1 
ATOM   789  C CA  . ALA A 1 100 ? 15.868  11.383  3.391   1.00 36.02 ? 100 ALA A CA  1 
ATOM   790  C C   . ALA A 1 100 ? 14.442  10.837  3.439   1.00 36.22 ? 100 ALA A C   1 
ATOM   791  O O   . ALA A 1 100 ? 13.908  10.581  4.517   1.00 35.49 ? 100 ALA A O   1 
ATOM   792  C CB  . ALA A 1 100 ? 15.853  12.896  3.321   1.00 34.56 ? 100 ALA A CB  1 
ATOM   793  N N   . LEU A 1 101 ? 13.838  10.668  2.265   1.00 31.27 ? 101 LEU A N   1 
ATOM   794  C CA  . LEU A 1 101 ? 12.498  10.095  2.133   1.00 34.07 ? 101 LEU A CA  1 
ATOM   795  C C   . LEU A 1 101 ? 12.449  8.592   2.433   1.00 31.62 ? 101 LEU A C   1 
ATOM   796  O O   . LEU A 1 101 ? 11.602  8.137   3.212   1.00 31.19 ? 101 LEU A O   1 
ATOM   797  C CB  . LEU A 1 101 ? 11.964  10.345  0.724   1.00 33.83 ? 101 LEU A CB  1 
ATOM   798  C CG  . LEU A 1 101 ? 10.770  9.503   0.256   1.00 32.17 ? 101 LEU A CG  1 
ATOM   799  C CD1 . LEU A 1 101 ? 9.482   9.907   0.995   1.00 30.39 ? 101 LEU A CD1 1 
ATOM   800  C CD2 . LEU A 1 101 ? 10.602  9.643   -1.247  1.00 27.09 ? 101 LEU A CD2 1 
ATOM   801  N N   . PHE A 1 102 ? 13.339  7.824   1.813   1.00 32.10 ? 102 PHE A N   1 
ATOM   802  C CA  . PHE A 1 102 ? 13.251  6.359   1.859   1.00 30.22 ? 102 PHE A CA  1 
ATOM   803  C C   . PHE A 1 102 ? 13.971  5.710   3.032   1.00 35.00 ? 102 PHE A C   1 
ATOM   804  O O   . PHE A 1 102 ? 13.738  4.536   3.299   1.00 34.63 ? 102 PHE A O   1 
ATOM   805  C CB  . PHE A 1 102 ? 13.814  5.730   0.581   1.00 32.53 ? 102 PHE A CB  1 
ATOM   806  C CG  . PHE A 1 102 ? 12.904  5.822   -0.618  1.00 33.20 ? 102 PHE A CG  1 
ATOM   807  C CD1 . PHE A 1 102 ? 11.838  4.947   -0.767  1.00 32.69 ? 102 PHE A CD1 1 
ATOM   808  C CD2 . PHE A 1 102 ? 13.149  6.752   -1.615  1.00 28.16 ? 102 PHE A CD2 1 
ATOM   809  C CE1 . PHE A 1 102 ? 11.015  5.021   -1.879  1.00 29.48 ? 102 PHE A CE1 1 
ATOM   810  C CE2 . PHE A 1 102 ? 12.343  6.826   -2.733  1.00 32.88 ? 102 PHE A CE2 1 
ATOM   811  C CZ  . PHE A 1 102 ? 11.275  5.964   -2.869  1.00 33.06 ? 102 PHE A CZ  1 
ATOM   812  N N   . LYS A 1 103 ? 14.849  6.458   3.702   1.00 33.15 ? 103 LYS A N   1 
ATOM   813  C CA  . LYS A 1 103 ? 15.721  5.923   4.762   1.00 38.13 ? 103 LYS A CA  1 
ATOM   814  C C   . LYS A 1 103 ? 15.025  4.938   5.715   1.00 37.68 ? 103 LYS A C   1 
ATOM   815  O O   . LYS A 1 103 ? 15.467  3.802   5.895   1.00 39.04 ? 103 LYS A O   1 
ATOM   816  C CB  . LYS A 1 103 ? 16.314  7.087   5.574   1.00 37.85 ? 103 LYS A CB  1 
ATOM   817  C CG  . LYS A 1 103 ? 17.229  6.667   6.711   1.00 47.24 ? 103 LYS A CG  1 
ATOM   818  C CD  . LYS A 1 103 ? 17.896  7.873   7.349   1.00 45.28 ? 103 LYS A CD  1 
ATOM   819  C CE  . LYS A 1 103 ? 16.877  8.919   7.767   1.00 49.16 ? 103 LYS A CE  1 
ATOM   820  N NZ  . LYS A 1 103 ? 17.512  10.089  8.437   1.00 61.43 ? 103 LYS A NZ  1 
ATOM   821  N N   . ASP A 1 104 ? 13.921  5.387   6.300   1.00 34.17 ? 104 ASP A N   1 
ATOM   822  C CA  . ASP A 1 104 ? 13.216  4.632   7.330   1.00 36.99 ? 104 ASP A CA  1 
ATOM   823  C C   . ASP A 1 104 ? 11.834  4.172   6.852   1.00 38.72 ? 104 ASP A C   1 
ATOM   824  O O   . ASP A 1 104 ? 10.972  3.835   7.671   1.00 34.33 ? 104 ASP A O   1 
ATOM   825  C CB  . ASP A 1 104 ? 13.062  5.491   8.592   1.00 35.85 ? 104 ASP A CB  1 
ATOM   826  C CG  . ASP A 1 104 ? 14.375  6.120   9.043   1.00 42.14 ? 104 ASP A CG  1 
ATOM   827  O OD1 . ASP A 1 104 ? 15.396  5.402   9.078   1.00 42.28 ? 104 ASP A OD1 1 
ATOM   828  O OD2 . ASP A 1 104 ? 14.381  7.330   9.367   1.00 46.43 ? 104 ASP A OD2 1 
ATOM   829  N N   . MET A 1 105 ? 11.612  4.176   5.537   1.00 32.18 ? 105 MET A N   1 
ATOM   830  C CA  . MET A 1 105 ? 10.261  3.917   5.025   1.00 31.38 ? 105 MET A CA  1 
ATOM   831  C C   . MET A 1 105 ? 9.861   2.450   5.189   1.00 28.18 ? 105 MET A C   1 
ATOM   832  O O   . MET A 1 105 ? 10.603  1.539   4.822   1.00 30.10 ? 105 MET A O   1 
ATOM   833  C CB  . MET A 1 105 ? 10.146  4.335   3.561   1.00 27.75 ? 105 MET A CB  1 
ATOM   834  C CG  . MET A 1 105 ? 8.737   4.190   2.975   1.00 25.99 ? 105 MET A CG  1 
ATOM   835  S SD  . MET A 1 105 ? 8.669   4.629   1.226   1.00 26.98 ? 105 MET A SD  1 
ATOM   836  C CE  . MET A 1 105 ? 8.894   6.398   1.336   1.00 24.37 ? 105 MET A CE  1 
ATOM   837  N N   . LYS A 1 106 ? 8.676   2.236   5.751   1.00 27.25 ? 106 LYS A N   1 
ATOM   838  C CA  . LYS A 1 106 ? 8.120   0.895   5.879   1.00 24.86 ? 106 LYS A CA  1 
ATOM   839  C C   . LYS A 1 106 ? 7.091   0.644   4.797   1.00 22.32 ? 106 LYS A C   1 
ATOM   840  O O   . LYS A 1 106 ? 6.467   1.581   4.291   1.00 24.81 ? 106 LYS A O   1 
ATOM   841  C CB  . LYS A 1 106 ? 7.474   0.691   7.252   1.00 26.52 ? 106 LYS A CB  1 
ATOM   842  C CG  . LYS A 1 106 ? 8.449   0.781   8.414   1.00 33.37 ? 106 LYS A CG  1 
ATOM   843  C CD  . LYS A 1 106 ? 7.704   0.819   9.743   1.00 34.20 ? 106 LYS A CD  1 
ATOM   844  C CE  . LYS A 1 106 ? 8.664   0.987   10.911  1.00 41.34 ? 106 LYS A CE  1 
ATOM   845  N NZ  . LYS A 1 106 ? 7.924   1.211   12.183  1.00 46.99 ? 106 LYS A NZ  1 
ATOM   846  N N   . ASN A 1 107 ? 6.892   -0.627  4.477   1.00 22.83 ? 107 ASN A N   1 
ATOM   847  C CA  . ASN A 1 107 ? 5.940   -1.027  3.452   1.00 23.71 ? 107 ASN A CA  1 
ATOM   848  C C   . ASN A 1 107 ? 5.142   -2.242  3.927   1.00 22.29 ? 107 ASN A C   1 
ATOM   849  O O   . ASN A 1 107 ? 5.743   -3.246  4.325   1.00 22.17 ? 107 ASN A O   1 
ATOM   850  C CB  . ASN A 1 107 ? 6.686   -1.346  2.155   1.00 21.68 ? 107 ASN A CB  1 
ATOM   851  C CG  . ASN A 1 107 ? 5.783   -1.895  1.065   1.00 25.91 ? 107 ASN A CG  1 
ATOM   852  O OD1 . ASN A 1 107 ? 4.631   -1.476  0.910   1.00 28.25 ? 107 ASN A OD1 1 
ATOM   853  N ND2 . ASN A 1 107 ? 6.309   -2.829  0.292   1.00 25.46 ? 107 ASN A ND2 1 
ATOM   854  N N   . CYS A 1 108 ? 3.812   -2.150  3.898   1.00 20.52 ? 108 CYS A N   1 
ATOM   855  C CA  . CYS A 1 108 ? 2.959   -3.307  4.104   1.00 21.06 ? 108 CYS A CA  1 
ATOM   856  C C   . CYS A 1 108 ? 2.072   -3.456  2.895   1.00 26.25 ? 108 CYS A C   1 
ATOM   857  O O   . CYS A 1 108 ? 1.700   -2.465  2.284   1.00 23.40 ? 108 CYS A O   1 
ATOM   858  C CB  . CYS A 1 108 ? 2.084   -3.187  5.363   1.00 26.23 ? 108 CYS A CB  1 
ATOM   859  S SG  . CYS A 1 108 ? 2.977   -3.196  6.926   1.00 26.00 ? 108 CYS A SG  1 
ATOM   860  N N   . SER A 1 109 ? 1.729   -4.687  2.539   1.00 22.62 ? 109 SER A N   1 
ATOM   861  C CA  . SER A 1 109 ? 0.738   -4.878  1.492   1.00 21.28 ? 109 SER A CA  1 
ATOM   862  C C   . SER A 1 109 ? -0.577  -5.251  2.153   1.00 21.47 ? 109 SER A C   1 
ATOM   863  O O   . SER A 1 109 ? -0.594  -5.811  3.236   1.00 22.42 ? 109 SER A O   1 
ATOM   864  C CB  . SER A 1 109 ? 1.173   -5.951  0.490   1.00 27.11 ? 109 SER A CB  1 
ATOM   865  O OG  . SER A 1 109 ? 1.145   -7.225  1.108   1.00 29.44 ? 109 SER A OG  1 
ATOM   866  N N   . ILE A 1 110 ? -1.685  -4.901  1.514   1.00 20.86 ? 110 ILE A N   1 
ATOM   867  C CA  . ILE A 1 110 ? -2.994  -5.273  2.027   1.00 23.01 ? 110 ILE A CA  1 
ATOM   868  C C   . ILE A 1 110 ? -3.759  -5.932  0.913   1.00 20.75 ? 110 ILE A C   1 
ATOM   869  O O   . ILE A 1 110 ? -3.823  -5.406  -0.212  1.00 22.76 ? 110 ILE A O   1 
ATOM   870  C CB  . ILE A 1 110 ? -3.775  -4.066  2.561   1.00 20.73 ? 110 ILE A CB  1 
ATOM   871  C CG1 . ILE A 1 110 ? -2.945  -3.349  3.617   1.00 20.42 ? 110 ILE A CG1 1 
ATOM   872  C CG2 . ILE A 1 110 ? -5.114  -4.505  3.138   1.00 23.33 ? 110 ILE A CG2 1 
ATOM   873  C CD1 . ILE A 1 110 ? -3.619  -2.147  4.208   1.00 23.72 ? 110 ILE A CD1 1 
ATOM   874  N N   . HIS A 1 111 ? -4.318  -7.097  1.227   1.00 21.46 ? 111 HIS A N   1 
ATOM   875  C CA  . HIS A 1 111 ? -5.030  -7.897  0.253   1.00 23.08 ? 111 HIS A CA  1 
ATOM   876  C C   . HIS A 1 111 ? -6.411  -8.212  0.785   1.00 26.58 ? 111 HIS A C   1 
ATOM   877  O O   . HIS A 1 111 ? -6.558  -8.617  1.941   1.00 25.85 ? 111 HIS A O   1 
ATOM   878  C CB  . HIS A 1 111 ? -4.260  -9.189  -0.032  1.00 26.76 ? 111 HIS A CB  1 
ATOM   879  C CG  . HIS A 1 111 ? -4.878  -10.034 -1.104  1.00 29.47 ? 111 HIS A CG  1 
ATOM   880  N ND1 . HIS A 1 111 ? -4.668  -11.393 -1.187  1.00 29.39 ? 111 HIS A ND1 1 
ATOM   881  C CD2 . HIS A 1 111 ? -5.691  -9.716  -2.133  1.00 27.22 ? 111 HIS A CD2 1 
ATOM   882  C CE1 . HIS A 1 111 ? -5.326  -11.875 -2.227  1.00 29.02 ? 111 HIS A CE1 1 
ATOM   883  N NE2 . HIS A 1 111 ? -5.958  -10.872 -2.820  1.00 28.13 ? 111 HIS A NE2 1 
ATOM   884  N N   . CYS A 1 112 ? -7.426  -8.016  -0.046  1.00 25.90 ? 112 CYS A N   1 
ATOM   885  C CA  . CYS A 1 112 ? -8.772  -8.399  0.339   1.00 28.22 ? 112 CYS A CA  1 
ATOM   886  C C   . CYS A 1 112 ? -9.352  -9.345  -0.699  1.00 27.23 ? 112 CYS A C   1 
ATOM   887  O O   . CYS A 1 112 ? -9.377  -9.043  -1.886  1.00 27.30 ? 112 CYS A O   1 
ATOM   888  C CB  . CYS A 1 112 ? -9.672  -7.174  0.507   1.00 29.61 ? 112 CYS A CB  1 
ATOM   889  S SG  . CYS A 1 112 ? -11.357 -7.582  1.084   1.00 28.64 ? 112 CYS A SG  1 
ATOM   890  N N   . ILE A 1 113 ? -9.782  -10.509 -0.234  1.00 27.77 ? 113 ILE A N   1 
ATOM   891  C CA  . ILE A 1 113 ? -10.394 -11.507 -1.102  1.00 31.14 ? 113 ILE A CA  1 
ATOM   892  C C   . ILE A 1 113 ? -11.310 -12.344 -0.233  1.00 33.31 ? 113 ILE A C   1 
ATOM   893  O O   . ILE A 1 113 ? -10.911 -12.764 0.851   1.00 29.88 ? 113 ILE A O   1 
ATOM   894  C CB  . ILE A 1 113 ? -9.338  -12.409 -1.800  1.00 35.99 ? 113 ILE A CB  1 
ATOM   895  C CG1 . ILE A 1 113 ? -10.009 -13.567 -2.543  1.00 36.48 ? 113 ILE A CG1 1 
ATOM   896  C CG2 . ILE A 1 113 ? -8.337  -12.961 -0.796  1.00 32.31 ? 113 ILE A CG2 1 
ATOM   897  C CD1 . ILE A 1 113 ? -10.744 -13.152 -3.750  1.00 29.39 ? 113 ILE A CD1 1 
ATOM   898  N N   . ASN A 1 114 ? -12.544 -12.542 -0.689  1.00 33.44 ? 114 ASN A N   1 
ATOM   899  C CA  . ASN A 1 114 ? -13.517 -13.372 0.024   1.00 38.67 ? 114 ASN A CA  1 
ATOM   900  C C   . ASN A 1 114 ? -13.585 -13.100 1.526   1.00 35.63 ? 114 ASN A C   1 
ATOM   901  O O   . ASN A 1 114 ? -13.275 -13.965 2.347   1.00 44.54 ? 114 ASN A O   1 
ATOM   902  C CB  . ASN A 1 114 ? -13.209 -14.839 -0.245  1.00 33.68 ? 114 ASN A CB  1 
ATOM   903  C CG  . ASN A 1 114 ? -13.386 -15.183 -1.702  1.00 38.82 ? 114 ASN A CG  1 
ATOM   904  O OD1 . ASN A 1 114 ? -14.300 -14.670 -2.351  1.00 38.67 ? 114 ASN A OD1 1 
ATOM   905  N ND2 . ASN A 1 114 ? -12.496 -16.012 -2.242  1.00 41.99 ? 114 ASN A ND2 1 
ATOM   906  N N   . ASP A 1 115 ? -13.956 -11.863 1.854   1.00 40.81 ? 115 ASP A N   1 
ATOM   907  C CA  . ASP A 1 115 ? -14.214 -11.425 3.222   1.00 40.99 ? 115 ASP A CA  1 
ATOM   908  C C   . ASP A 1 115 ? -13.030 -11.553 4.176   1.00 40.23 ? 115 ASP A C   1 
ATOM   909  O O   . ASP A 1 115 ? -13.213 -11.610 5.393   1.00 39.03 ? 115 ASP A O   1 
ATOM   910  C CB  . ASP A 1 115 ? -15.405 -12.196 3.786   1.00 45.78 ? 115 ASP A CB  1 
ATOM   911  C CG  . ASP A 1 115 ? -16.662 -11.981 2.972   1.00 52.92 ? 115 ASP A CG  1 
ATOM   912  O OD1 . ASP A 1 115 ? -16.908 -10.825 2.559   1.00 56.88 ? 115 ASP A OD1 1 
ATOM   913  O OD2 . ASP A 1 115 ? -17.386 -12.970 2.724   1.00 65.74 ? 115 ASP A OD2 1 
ATOM   914  N N   . LEU A 1 116 ? -11.818 -11.581 3.638   1.00 35.39 ? 116 LEU A N   1 
ATOM   915  C CA  . LEU A 1 116 ? -10.643 -11.602 4.497   1.00 31.60 ? 116 LEU A CA  1 
ATOM   916  C C   . LEU A 1 116 ? -9.636  -10.541 4.068   1.00 29.72 ? 116 LEU A C   1 
ATOM   917  O O   . LEU A 1 116 ? -9.278  -10.455 2.893   1.00 29.55 ? 116 LEU A O   1 
ATOM   918  C CB  . LEU A 1 116 ? -9.980  -12.977 4.493   1.00 34.75 ? 116 LEU A CB  1 
ATOM   919  C CG  . LEU A 1 116 ? -10.606 -14.016 5.421   1.00 36.64 ? 116 LEU A CG  1 
ATOM   920  C CD1 . LEU A 1 116 ? -9.748  -15.263 5.439   1.00 41.98 ? 116 LEU A CD1 1 
ATOM   921  C CD2 . LEU A 1 116 ? -10.763 -13.448 6.813   1.00 32.21 ? 116 LEU A CD2 1 
ATOM   922  N N   . ILE A 1 117 ? -9.199  -9.739  5.037   1.00 26.98 ? 117 ILE A N   1 
ATOM   923  C CA  . ILE A 1 117 ? -8.185  -8.726  4.802   1.00 27.65 ? 117 ILE A CA  1 
ATOM   924  C C   . ILE A 1 117 ? -6.872  -9.220  5.370   1.00 27.74 ? 117 ILE A C   1 
ATOM   925  O O   . ILE A 1 117 ? -6.755  -9.434  6.576   1.00 29.64 ? 117 ILE A O   1 
ATOM   926  C CB  . ILE A 1 117 ? -8.557  -7.369  5.445   1.00 24.68 ? 117 ILE A CB  1 
ATOM   927  C CG1 . ILE A 1 117 ? -9.796  -6.774  4.767   1.00 27.22 ? 117 ILE A CG1 1 
ATOM   928  C CG2 . ILE A 1 117 ? -7.410  -6.385  5.330   1.00 22.23 ? 117 ILE A CG2 1 
ATOM   929  C CD1 . ILE A 1 117 ? -10.141 -5.358  5.234   1.00 27.15 ? 117 ILE A CD1 1 
ATOM   930  N N   . THR A 1 118 ? -5.886  -9.408  4.506   1.00 23.02 ? 118 THR A N   1 
ATOM   931  C CA  . THR A 1 118 ? -4.575  -9.836  4.985   1.00 27.85 ? 118 THR A CA  1 
ATOM   932  C C   . THR A 1 118 ? -3.549  -8.711  4.854   1.00 25.99 ? 118 THR A C   1 
ATOM   933  O O   . THR A 1 118 ? -3.336  -8.194  3.755   1.00 21.00 ? 118 THR A O   1 
ATOM   934  C CB  . THR A 1 118 ? -4.086  -11.085 4.219   1.00 28.88 ? 118 THR A CB  1 
ATOM   935  O OG1 . THR A 1 118 ? -5.025  -12.158 4.409   1.00 29.28 ? 118 THR A OG1 1 
ATOM   936  C CG2 . THR A 1 118 ? -2.727  -11.519 4.731   1.00 30.75 ? 118 THR A CG2 1 
ATOM   937  N N   . ILE A 1 119 ? -2.934  -8.323  5.976   1.00 22.11 ? 119 ILE A N   1 
ATOM   938  C CA  . ILE A 1 119 ? -1.905  -7.295  5.961   1.00 21.88 ? 119 ILE A CA  1 
ATOM   939  C C   . ILE A 1 119 ? -0.532  -7.915  6.209   1.00 21.91 ? 119 ILE A C   1 
ATOM   940  O O   . ILE A 1 119 ? -0.320  -8.612  7.208   1.00 26.05 ? 119 ILE A O   1 
ATOM   941  C CB  . ILE A 1 119 ? -2.183  -6.177  6.999   1.00 20.67 ? 119 ILE A CB  1 
ATOM   942  C CG1 . ILE A 1 119 ? -3.652  -5.758  6.928   1.00 21.86 ? 119 ILE A CG1 1 
ATOM   943  C CG2 . ILE A 1 119 ? -1.274  -5.004  6.735   1.00 20.05 ? 119 ILE A CG2 1 
ATOM   944  C CD1 . ILE A 1 119 ? -3.970  -4.490  7.672   1.00 20.96 ? 119 ILE A CD1 1 
ATOM   945  N N   . SER A 1 120 ? 0.393   -7.693  5.277   1.00 24.58 ? 120 SER A N   1 
ATOM   946  C CA  . SER A 1 120 ? 1.696   -8.352  5.328   1.00 27.82 ? 120 SER A CA  1 
ATOM   947  C C   . SER A 1 120 ? 2.815   -7.350  5.517   1.00 24.90 ? 120 SER A C   1 
ATOM   948  O O   . SER A 1 120 ? 2.930   -6.396  4.753   1.00 27.24 ? 120 SER A O   1 
ATOM   949  C CB  . SER A 1 120 ? 1.953   -9.166  4.057   1.00 26.53 ? 120 SER A CB  1 
ATOM   950  O OG  . SER A 1 120 ? 1.015   -10.207 3.925   1.00 32.74 ? 120 SER A OG  1 
ATOM   951  N N   . PRO A 1 121 ? 3.633   -7.550  6.556   1.00 24.97 ? 121 PRO A N   1 
ATOM   952  C CA  . PRO A 1 121 ? 4.824   -6.720  6.743   1.00 24.81 ? 121 PRO A CA  1 
ATOM   953  C C   . PRO A 1 121 ? 5.883   -7.089  5.722   1.00 25.36 ? 121 PRO A C   1 
ATOM   954  O O   . PRO A 1 121 ? 5.759   -8.138  5.087   1.00 24.46 ? 121 PRO A O   1 
ATOM   955  C CB  . PRO A 1 121 ? 5.291   -7.071  8.159   1.00 24.71 ? 121 PRO A CB  1 
ATOM   956  C CG  . PRO A 1 121 ? 4.777   -8.482  8.369   1.00 29.73 ? 121 PRO A CG  1 
ATOM   957  C CD  . PRO A 1 121 ? 3.425   -8.490  7.673   1.00 27.67 ? 121 PRO A CD  1 
ATOM   958  N N   . THR A 1 122 ? 6.893   -6.239  5.568   1.00 28.69 ? 122 THR A N   1 
ATOM   959  C CA  . THR A 1 122 ? 8.037   -6.547  4.709   1.00 30.81 ? 122 THR A CA  1 
ATOM   960  C C   . THR A 1 122 ? 9.372   -6.276  5.397   1.00 30.75 ? 122 THR A C   1 
ATOM   961  O O   . THR A 1 122 ? 9.436   -5.641  6.452   1.00 29.02 ? 122 THR A O   1 
ATOM   962  C CB  . THR A 1 122 ? 8.029   -5.719  3.415   1.00 27.75 ? 122 THR A CB  1 
ATOM   963  O OG1 . THR A 1 122 ? 8.100   -4.330  3.753   1.00 26.90 ? 122 THR A OG1 1 
ATOM   964  C CG2 . THR A 1 122 ? 6.775   -5.973  2.594   1.00 27.78 ? 122 THR A CG2 1 
ATOM   965  N N   . ARG A 1 123 ? 10.445  -6.720  4.751   1.00 30.69 ? 123 ARG A N   1 
ATOM   966  C CA  . ARG A 1 123 ? 11.784  -6.310  5.140   1.00 33.25 ? 123 ARG A CA  1 
ATOM   967  C C   . ARG A 1 123 ? 12.281  -5.238  4.176   1.00 35.19 ? 123 ARG A C   1 
ATOM   968  O O   . ARG A 1 123 ? 12.232  -5.416  2.958   1.00 35.89 ? 123 ARG A O   1 
ATOM   969  C CB  . ARG A 1 123 ? 12.755  -7.492  5.144   1.00 37.92 ? 123 ARG A CB  1 
ATOM   970  C CG  . ARG A 1 123 ? 14.212  -7.077  5.390   1.00 38.19 ? 123 ARG A CG  1 
ATOM   971  C CD  . ARG A 1 123 ? 15.119  -8.295  5.498   1.00 49.01 ? 123 ARG A CD  1 
ATOM   972  N NE  . ARG A 1 123 ? 14.659  -9.204  6.546   1.00 54.67 ? 123 ARG A NE  1 
ATOM   973  C CZ  . ARG A 1 123 ? 15.068  -9.167  7.812   1.00 53.27 ? 123 ARG A CZ  1 
ATOM   974  N NH1 . ARG A 1 123 ? 15.965  -8.268  8.205   1.00 51.64 ? 123 ARG A NH1 1 
ATOM   975  N NH2 . ARG A 1 123 ? 14.576  -10.034 8.685   1.00 56.66 ? 123 ARG A NH2 1 
ATOM   976  N N   . HIS A 1 124 ? 12.760  -4.129  4.727   1.00 31.35 ? 124 HIS A N   1 
ATOM   977  C CA  . HIS A 1 124 ? 13.362  -3.078  3.924   1.00 36.32 ? 124 HIS A CA  1 
ATOM   978  C C   . HIS A 1 124 ? 14.757  -3.541  3.491   1.00 39.87 ? 124 HIS A C   1 
ATOM   979  O O   . HIS A 1 124 ? 15.659  -3.642  4.322   1.00 38.30 ? 124 HIS A O   1 
ATOM   980  C CB  . HIS A 1 124 ? 13.431  -1.769  4.721   1.00 39.68 ? 124 HIS A CB  1 
ATOM   981  C CG  . HIS A 1 124 ? 13.660  -0.553  3.879   1.00 39.03 ? 124 HIS A CG  1 
ATOM   982  N ND1 . HIS A 1 124 ? 14.038  0.660   4.410   1.00 35.75 ? 124 HIS A ND1 1 
ATOM   983  C CD2 . HIS A 1 124 ? 13.551  -0.363  2.542   1.00 36.33 ? 124 HIS A CD2 1 
ATOM   984  C CE1 . HIS A 1 124 ? 14.158  1.546   3.439   1.00 38.30 ? 124 HIS A CE1 1 
ATOM   985  N NE2 . HIS A 1 124 ? 13.866  0.952   2.293   1.00 35.77 ? 124 HIS A NE2 1 
ATOM   986  N N   . GLU A 1 125 ? 14.916  -3.841  2.201   1.00 36.70 ? 125 GLU A N   1 
ATOM   987  C CA  . GLU A 1 125 ? 16.190  -4.309  1.645   1.00 43.48 ? 125 GLU A CA  1 
ATOM   988  C C   . GLU A 1 125 ? 17.062  -3.133  1.208   1.00 42.14 ? 125 GLU A C   1 
ATOM   989  O O   . GLU A 1 125 ? 17.814  -2.582  2.006   1.00 49.97 ? 125 GLU A O   1 
ATOM   990  C CB  . GLU A 1 125 ? 15.962  -5.249  0.454   1.00 40.16 ? 125 GLU A CB  1 
ATOM   991  C CG  . GLU A 1 125 ? 15.144  -6.513  0.740   1.00 40.56 ? 125 GLU A CG  1 
ATOM   992  C CD  . GLU A 1 125 ? 15.946  -7.618  1.414   1.00 43.57 ? 125 GLU A CD  1 
ATOM   993  O OE1 . GLU A 1 125 ? 15.476  -8.776  1.409   1.00 45.26 ? 125 GLU A OE1 1 
ATOM   994  O OE2 . GLU A 1 125 ? 17.031  -7.332  1.963   1.00 47.47 ? 125 GLU A OE2 1 
ATOM   995  N N   . LYS A 1 126 ? 16.964  -2.751  -0.061  1.00 43.29 ? 126 LYS A N   1 
ATOM   996  C CA  . LYS A 1 126 ? 17.667  -1.564  -0.548  1.00 40.81 ? 126 LYS A CA  1 
ATOM   997  C C   . LYS A 1 126 ? 16.802  -0.325  -0.324  1.00 41.24 ? 126 LYS A C   1 
ATOM   998  O O   . LYS A 1 126 ? 15.625  -0.442  0.039   1.00 39.73 ? 126 LYS A O   1 
ATOM   999  C CB  . LYS A 1 126 ? 18.026  -1.712  -2.026  1.00 42.83 ? 126 LYS A CB  1 
ATOM   1000 N N   . LEU A 1 127 ? 17.389  0.849   -0.547  1.00 39.60 ? 127 LEU A N   1 
ATOM   1001 C CA  . LEU A 1 127 ? 16.721  2.130   -0.336  1.00 37.21 ? 127 LEU A CA  1 
ATOM   1002 C C   . LEU A 1 127 ? 15.277  2.167   -0.862  1.00 39.71 ? 127 LEU A C   1 
ATOM   1003 O O   . LEU A 1 127 ? 14.383  2.656   -0.178  1.00 33.13 ? 127 LEU A O   1 
ATOM   1004 C CB  . LEU A 1 127 ? 17.534  3.250   -0.989  1.00 41.45 ? 127 LEU A CB  1 
ATOM   1005 C CG  . LEU A 1 127 ? 17.148  4.680   -0.622  1.00 39.61 ? 127 LEU A CG  1 
ATOM   1006 C CD1 . LEU A 1 127 ? 17.314  4.890   0.873   1.00 42.53 ? 127 LEU A CD1 1 
ATOM   1007 C CD2 . LEU A 1 127 ? 17.988  5.704   -1.398  1.00 40.74 ? 127 LEU A CD2 1 
ATOM   1008 N N   . GLU A 1 128 ? 15.050  1.630   -2.060  1.00 34.68 ? 128 GLU A N   1 
ATOM   1009 C CA  . GLU A 1 128 ? 13.719  1.647   -2.663  1.00 31.02 ? 128 GLU A CA  1 
ATOM   1010 C C   . GLU A 1 128 ? 13.122  0.254   -2.853  1.00 31.71 ? 128 GLU A C   1 
ATOM   1011 O O   . GLU A 1 128 ? 12.257  0.065   -3.700  1.00 34.08 ? 128 GLU A O   1 
ATOM   1012 C CB  . GLU A 1 128 ? 13.765  2.362   -4.011  1.00 29.74 ? 128 GLU A CB  1 
ATOM   1013 C CG  . GLU A 1 128 ? 14.391  3.746   -3.926  1.00 35.10 ? 128 GLU A CG  1 
ATOM   1014 C CD  . GLU A 1 128 ? 14.389  4.481   -5.250  1.00 34.48 ? 128 GLU A CD  1 
ATOM   1015 O OE1 . GLU A 1 128 ? 13.538  4.171   -6.118  1.00 32.49 ? 128 GLU A OE1 1 
ATOM   1016 O OE2 . GLU A 1 128 ? 15.236  5.384   -5.405  1.00 32.94 ? 128 GLU A OE2 1 
ATOM   1017 N N   . ALA A 1 129 ? 13.579  -0.718  -2.068  1.00 32.17 ? 129 ALA A N   1 
ATOM   1018 C CA  . ALA A 1 129 ? 13.161  -2.105  -2.266  1.00 33.72 ? 129 ALA A CA  1 
ATOM   1019 C C   . ALA A 1 129 ? 12.744  -2.788  -0.969  1.00 33.67 ? 129 ALA A C   1 
ATOM   1020 O O   . ALA A 1 129 ? 13.413  -2.651  0.052   1.00 35.44 ? 129 ALA A O   1 
ATOM   1021 C CB  . ALA A 1 129 ? 14.284  -2.902  -2.929  1.00 37.14 ? 129 ALA A CB  1 
ATOM   1022 N N   . TRP A 1 130 ? 11.643  -3.532  -1.023  1.00 30.00 ? 130 TRP A N   1 
ATOM   1023 C CA  . TRP A 1 130 ? 11.174  -4.330  0.109   1.00 33.55 ? 130 TRP A CA  1 
ATOM   1024 C C   . TRP A 1 130 ? 10.939  -5.766  -0.319  1.00 34.28 ? 130 TRP A C   1 
ATOM   1025 O O   . TRP A 1 130 ? 10.588  -6.017  -1.473  1.00 38.05 ? 130 TRP A O   1 
ATOM   1026 C CB  . TRP A 1 130 ? 9.885   -3.754  0.684   1.00 29.62 ? 130 TRP A CB  1 
ATOM   1027 C CG  . TRP A 1 130 ? 10.048  -2.364  1.206   1.00 30.23 ? 130 TRP A CG  1 
ATOM   1028 C CD1 . TRP A 1 130 ? 10.333  -1.999  2.489   1.00 31.06 ? 130 TRP A CD1 1 
ATOM   1029 C CD2 . TRP A 1 130 ? 9.934   -1.153  0.455   1.00 30.97 ? 130 TRP A CD2 1 
ATOM   1030 N NE1 . TRP A 1 130 ? 10.402  -0.629  2.587   1.00 28.97 ? 130 TRP A NE1 1 
ATOM   1031 C CE2 . TRP A 1 130 ? 10.165  -0.083  1.350   1.00 30.21 ? 130 TRP A CE2 1 
ATOM   1032 C CE3 . TRP A 1 130 ? 9.658   -0.862  -0.884  1.00 29.85 ? 130 TRP A CE3 1 
ATOM   1033 C CZ2 . TRP A 1 130 ? 10.132  1.253   0.945   1.00 27.22 ? 130 TRP A CZ2 1 
ATOM   1034 C CZ3 . TRP A 1 130 ? 9.625   0.461   -1.286  1.00 30.39 ? 130 TRP A CZ3 1 
ATOM   1035 C CH2 . TRP A 1 130 ? 9.858   1.505   -0.373  1.00 29.06 ? 130 TRP A CH2 1 
ATOM   1036 N N   . SER A 1 131 ? 11.107  -6.702  0.610   1.00 37.62 ? 131 SER A N   1 
ATOM   1037 C CA  . SER A 1 131 ? 10.927  -8.117  0.290   1.00 37.24 ? 131 SER A CA  1 
ATOM   1038 C C   . SER A 1 131 ? 10.169  -8.888  1.371   1.00 41.59 ? 131 SER A C   1 
ATOM   1039 O O   . SER A 1 131 ? 9.952   -8.387  2.476   1.00 37.35 ? 131 SER A O   1 
ATOM   1040 C CB  . SER A 1 131 ? 12.284  -8.778  0.063   1.00 37.44 ? 131 SER A CB  1 
ATOM   1041 O OG  . SER A 1 131 ? 12.998  -8.881  1.285   1.00 40.91 ? 131 SER A OG  1 
ATOM   1042 N N   . GLY A 1 132 ? 9.775   -10.116 1.042   1.00 41.69 ? 132 GLY A N   1 
ATOM   1043 C CA  . GLY A 1 132 ? 9.164   -11.010 2.011   1.00 43.24 ? 132 GLY A CA  1 
ATOM   1044 C C   . GLY A 1 132 ? 10.204  -11.823 2.771   1.00 46.31 ? 132 GLY A C   1 
ATOM   1045 O O   . GLY A 1 132 ? 9.858   -12.741 3.527   1.00 46.20 ? 132 GLY A O   1 
ATOM   1046 N N   . ARG A 1 133 ? 11.477  -11.478 2.573   1.00 44.17 ? 133 ARG A N   1 
ATOM   1047 C CA  . ARG A 1 133 ? 12.598  -12.192 3.186   1.00 47.69 ? 133 ARG A CA  1 
ATOM   1048 C C   . ARG A 1 133 ? 12.691  -11.996 4.706   1.00 49.65 ? 133 ARG A C   1 
ATOM   1049 O O   . ARG A 1 133 ? 12.880  -10.880 5.200   1.00 47.05 ? 133 ARG A O   1 
ATOM   1050 C CB  . ARG A 1 133 ? 13.913  -11.757 2.525   1.00 51.37 ? 133 ARG A CB  1 
ATOM   1051 C CG  . ARG A 1 133 ? 15.172  -12.096 3.317   1.00 53.34 ? 133 ARG A CG  1 
ATOM   1052 C CD  . ARG A 1 133 ? 16.437  -11.660 2.586   1.00 47.77 ? 133 ARG A CD  1 
ATOM   1053 N NE  . ARG A 1 133 ? 17.589  -11.640 3.483   1.00 51.30 ? 133 ARG A NE  1 
ATOM   1054 C CZ  . ARG A 1 133 ? 18.143  -10.535 3.970   1.00 46.76 ? 133 ARG A CZ  1 
ATOM   1055 N NH1 . ARG A 1 133 ? 17.662  -9.345  3.639   1.00 52.64 ? 133 ARG A NH1 1 
ATOM   1056 N NH2 . ARG A 1 133 ? 19.187  -10.618 4.786   1.00 58.43 ? 133 ARG A NH2 1 
ATOM   1057 N N   . GLY A 1 134 ? 12.582  -13.093 5.446   1.00 45.56 ? 134 GLY A N   1 
ATOM   1058 C CA  . GLY A 1 134 ? 12.655  -13.036 6.896   1.00 50.44 ? 134 GLY A CA  1 
ATOM   1059 C C   . GLY A 1 134 ? 11.288  -12.807 7.513   1.00 45.70 ? 134 GLY A C   1 
ATOM   1060 O O   . GLY A 1 134 ? 11.151  -12.716 8.737   1.00 44.44 ? 134 GLY A O   1 
ATOM   1061 N N   . ILE A 1 135 ? 10.277  -12.707 6.652   1.00 45.26 ? 135 ILE A N   1 
ATOM   1062 C CA  . ILE A 1 135 ? 8.904   -12.496 7.085   1.00 42.24 ? 135 ILE A CA  1 
ATOM   1063 C C   . ILE A 1 135 ? 8.117   -13.791 6.992   1.00 39.96 ? 135 ILE A C   1 
ATOM   1064 O O   . ILE A 1 135 ? 7.905   -14.330 5.904   1.00 44.41 ? 135 ILE A O   1 
ATOM   1065 C CB  . ILE A 1 135 ? 8.187   -11.410 6.239   1.00 40.04 ? 135 ILE A CB  1 
ATOM   1066 C CG1 . ILE A 1 135 ? 9.004   -10.111 6.202   1.00 33.32 ? 135 ILE A CG1 1 
ATOM   1067 C CG2 . ILE A 1 135 ? 6.741   -11.195 6.736   1.00 31.99 ? 135 ILE A CG2 1 
ATOM   1068 C CD1 . ILE A 1 135 ? 9.205   -9.437  7.554   1.00 30.20 ? 135 ILE A CD1 1 
ATOM   1069 N N   . LYS A 1 136 ? 7.664   -14.272 8.139   1.00 40.02 ? 136 LYS A N   1 
ATOM   1070 C CA  . LYS A 1 136 ? 6.894   -15.506 8.208   1.00 39.85 ? 136 LYS A CA  1 
ATOM   1071 C C   . LYS A 1 136 ? 5.442   -15.281 7.799   1.00 41.52 ? 136 LYS A C   1 
ATOM   1072 O O   . LYS A 1 136 ? 4.925   -14.160 7.880   1.00 36.28 ? 136 LYS A O   1 
ATOM   1073 C CB  . LYS A 1 136 ? 6.960   -16.076 9.603   1.00 33.45 ? 136 LYS A CB  1 
ATOM   1074 N N   . GLU A 1 137 ? 4.787   -16.351 7.362   1.00 39.84 ? 137 GLU A N   1 
ATOM   1075 C CA  . GLU A 1 137 ? 3.357   -16.295 7.096   1.00 38.90 ? 137 GLU A CA  1 
ATOM   1076 C C   . GLU A 1 137 ? 2.631   -15.803 8.340   1.00 38.40 ? 137 GLU A C   1 
ATOM   1077 O O   . GLU A 1 137 ? 1.738   -14.968 8.256   1.00 36.40 ? 137 GLU A O   1 
ATOM   1078 C CB  . GLU A 1 137 ? 2.833   -17.668 6.679   1.00 45.89 ? 137 GLU A CB  1 
ATOM   1079 C CG  . GLU A 1 137 ? 2.517   -17.794 5.197   1.00 54.01 ? 137 GLU A CG  1 
ATOM   1080 C CD  . GLU A 1 137 ? 1.145   -17.260 4.846   1.00 58.80 ? 137 GLU A CD  1 
ATOM   1081 O OE1 . GLU A 1 137 ? 0.182   -17.558 5.590   1.00 61.44 ? 137 GLU A OE1 1 
ATOM   1082 O OE2 . GLU A 1 137 ? 1.029   -16.555 3.820   1.00 59.99 ? 137 GLU A OE2 1 
ATOM   1083 N N   . SER A 1 138 ? 3.057   -16.306 9.497   1.00 35.25 ? 138 SER A N   1 
ATOM   1084 C CA  . SER A 1 138 ? 2.434   -15.976 10.771  1.00 33.40 ? 138 SER A CA  1 
ATOM   1085 C C   . SER A 1 138 ? 2.720   -14.539 11.206  1.00 35.57 ? 138 SER A C   1 
ATOM   1086 O O   . SER A 1 138 ? 2.230   -14.092 12.251  1.00 37.18 ? 138 SER A O   1 
ATOM   1087 C CB  . SER A 1 138 ? 2.895   -16.953 11.855  1.00 37.68 ? 138 SER A CB  1 
ATOM   1088 O OG  . SER A 1 138 ? 4.283   -16.827 12.103  1.00 35.16 ? 138 SER A OG  1 
ATOM   1089 N N   . ASP A 1 139 ? 3.512   -13.816 10.415  1.00 31.37 ? 139 ASP A N   1 
ATOM   1090 C CA  . ASP A 1 139 ? 3.721   -12.403 10.672  1.00 29.82 ? 139 ASP A CA  1 
ATOM   1091 C C   . ASP A 1 139 ? 2.594   -11.556 10.051  1.00 27.68 ? 139 ASP A C   1 
ATOM   1092 O O   . ASP A 1 139 ? 2.448   -10.382 10.390  1.00 29.82 ? 139 ASP A O   1 
ATOM   1093 C CB  . ASP A 1 139 ? 5.087   -11.951 10.143  1.00 31.34 ? 139 ASP A CB  1 
ATOM   1094 C CG  . ASP A 1 139 ? 6.234   -12.392 11.039  1.00 40.21 ? 139 ASP A CG  1 
ATOM   1095 O OD1 . ASP A 1 139 ? 5.989   -12.693 12.229  1.00 36.59 ? 139 ASP A OD1 1 
ATOM   1096 O OD2 . ASP A 1 139 ? 7.385   -12.423 10.560  1.00 40.76 ? 139 ASP A OD2 1 
ATOM   1097 N N   . ASP A 1 140 ? 1.805   -12.147 9.156   1.00 28.00 ? 140 ASP A N   1 
ATOM   1098 C CA  . ASP A 1 140 ? 0.646   -11.446 8.605   1.00 30.73 ? 140 ASP A CA  1 
ATOM   1099 C C   . ASP A 1 140 ? -0.319  -11.088 9.715   1.00 30.44 ? 140 ASP A C   1 
ATOM   1100 O O   . ASP A 1 140 ? -0.291  -11.689 10.792  1.00 27.16 ? 140 ASP A O   1 
ATOM   1101 C CB  . ASP A 1 140 ? -0.104  -12.292 7.585   1.00 31.23 ? 140 ASP A CB  1 
ATOM   1102 C CG  . ASP A 1 140 ? 0.633   -12.436 6.282   1.00 31.34 ? 140 ASP A CG  1 
ATOM   1103 O OD1 . ASP A 1 140 ? 1.654   -11.739 6.069   1.00 30.12 ? 140 ASP A OD1 1 
ATOM   1104 O OD2 . ASP A 1 140 ? 0.159   -13.249 5.463   1.00 31.81 ? 140 ASP A OD2 1 
ATOM   1105 N N   . VAL A 1 141 ? -1.183  -10.120 9.441   1.00 23.98 ? 141 VAL A N   1 
ATOM   1106 C CA  . VAL A 1 141 ? -2.269  -9.792  10.346  1.00 24.93 ? 141 VAL A CA  1 
ATOM   1107 C C   . VAL A 1 141 ? -3.557  -9.923  9.572   1.00 28.19 ? 141 VAL A C   1 
ATOM   1108 O O   . VAL A 1 141 ? -3.713  -9.302  8.513   1.00 26.34 ? 141 VAL A O   1 
ATOM   1109 C CB  . VAL A 1 141 ? -2.149  -8.373  10.908  1.00 23.24 ? 141 VAL A CB  1 
ATOM   1110 C CG1 . VAL A 1 141 ? -3.284  -8.104  11.882  1.00 28.55 ? 141 VAL A CG1 1 
ATOM   1111 C CG2 . VAL A 1 141 ? -0.770  -8.146  11.570  1.00 23.87 ? 141 VAL A CG2 1 
ATOM   1112 N N   . VAL A 1 142 ? -4.473  -10.747 10.072  1.00 30.27 ? 142 VAL A N   1 
ATOM   1113 C CA  . VAL A 1 142 ? -5.693  -11.040 9.333   1.00 35.66 ? 142 VAL A CA  1 
ATOM   1114 C C   . VAL A 1 142 ? -6.920  -10.585 10.118  1.00 36.38 ? 142 VAL A C   1 
ATOM   1115 O O   . VAL A 1 142 ? -7.013  -10.811 11.326  1.00 42.80 ? 142 VAL A O   1 
ATOM   1116 C CB  . VAL A 1 142 ? -5.806  -12.553 9.001   1.00 37.94 ? 142 VAL A CB  1 
ATOM   1117 C CG1 . VAL A 1 142 ? -7.115  -12.859 8.286   1.00 37.97 ? 142 VAL A CG1 1 
ATOM   1118 C CG2 . VAL A 1 142 ? -4.639  -13.008 8.134   1.00 32.54 ? 142 VAL A CG2 1 
ATOM   1119 N N   . ILE A 1 143 ? -7.838  -9.908  9.432   1.00 36.76 ? 143 ILE A N   1 
ATOM   1120 C CA  . ILE A 1 143 ? -9.118  -9.505  10.011  1.00 34.12 ? 143 ILE A CA  1 
ATOM   1121 C C   . ILE A 1 143 ? -10.183 -9.655  8.946   1.00 31.41 ? 143 ILE A C   1 
ATOM   1122 O O   . ILE A 1 143 ? -9.870  -9.663  7.756   1.00 31.57 ? 143 ILE A O   1 
ATOM   1123 C CB  . ILE A 1 143 ? -9.119  -8.057  10.510  1.00 37.36 ? 143 ILE A CB  1 
ATOM   1124 C CG1 . ILE A 1 143 ? -8.744  -7.123  9.370   1.00 31.77 ? 143 ILE A CG1 1 
ATOM   1125 C CG2 . ILE A 1 143 ? -8.188  -7.858  11.719  1.00 32.57 ? 143 ILE A CG2 1 
ATOM   1126 C CD1 . ILE A 1 143 ? -8.739  -5.749  9.790   1.00 34.14 ? 143 ILE A CD1 1 
ATOM   1127 N N   . PRO A 1 144 ? -11.451 -9.788  9.358   1.00 30.18 ? 144 PRO A N   1 
ATOM   1128 C CA  . PRO A 1 144 ? -12.498 -9.918  8.332   1.00 33.48 ? 144 PRO A CA  1 
ATOM   1129 C C   . PRO A 1 144 ? -12.765 -8.600  7.606   1.00 30.53 ? 144 PRO A C   1 
ATOM   1130 O O   . PRO A 1 144 ? -12.584 -7.544  8.207   1.00 31.27 ? 144 PRO A O   1 
ATOM   1131 C CB  . PRO A 1 144 ? -13.727 -10.357 9.130   1.00 34.17 ? 144 PRO A CB  1 
ATOM   1132 C CG  . PRO A 1 144 ? -13.445 -9.962  10.533  1.00 34.51 ? 144 PRO A CG  1 
ATOM   1133 C CD  . PRO A 1 144 ? -11.960 -10.028 10.721  1.00 28.56 ? 144 PRO A CD  1 
ATOM   1134 N N   . ALA A 1 145 ? -13.195 -8.667  6.348   1.00 30.89 ? 145 ALA A N   1 
ATOM   1135 C CA  . ALA A 1 145 ? -13.381 -7.470  5.529   1.00 32.54 ? 145 ALA A CA  1 
ATOM   1136 C C   . ALA A 1 145 ? -14.502 -6.574  6.060   1.00 28.20 ? 145 ALA A C   1 
ATOM   1137 O O   . ALA A 1 145 ? -14.510 -5.370  5.805   1.00 29.96 ? 145 ALA A O   1 
ATOM   1138 C CB  . ALA A 1 145 ? -13.647 -7.857  4.075   1.00 31.30 ? 145 ALA A CB  1 
ATOM   1139 N N   . ASP A 1 146 ? -15.426 -7.145  6.829   1.00 28.53 ? 146 ASP A N   1 
ATOM   1140 C CA  . ASP A 1 146 ? -16.492 -6.341  7.416   1.00 29.02 ? 146 ASP A CA  1 
ATOM   1141 C C   . ASP A 1 146 ? -16.126 -5.837  8.811   1.00 30.58 ? 146 ASP A C   1 
ATOM   1142 O O   . ASP A 1 146 ? -16.994 -5.379  9.552   1.00 35.01 ? 146 ASP A O   1 
ATOM   1143 C CB  . ASP A 1 146 ? -17.803 -7.133  7.473   1.00 34.22 ? 146 ASP A CB  1 
ATOM   1144 C CG  . ASP A 1 146 ? -17.636 -8.496  8.114   1.00 37.03 ? 146 ASP A CG  1 
ATOM   1145 O OD1 . ASP A 1 146 ? -16.816 -8.631  9.045   1.00 38.03 ? 146 ASP A OD1 1 
ATOM   1146 O OD2 . ASP A 1 146 ? -18.321 -9.446  7.683   1.00 51.41 ? 146 ASP A OD2 1 
ATOM   1147 N N   . SER A 1 147 ? -14.847 -5.927  9.175   1.00 29.84 ? 147 SER A N   1 
ATOM   1148 C CA  . SER A 1 147 ? -14.373 -5.356  10.440  1.00 30.94 ? 147 SER A CA  1 
ATOM   1149 C C   . SER A 1 147 ? -14.707 -3.875  10.510  1.00 28.98 ? 147 SER A C   1 
ATOM   1150 O O   . SER A 1 147 ? -14.760 -3.203  9.477   1.00 29.15 ? 147 SER A O   1 
ATOM   1151 C CB  . SER A 1 147 ? -12.859 -5.544  10.601  1.00 28.84 ? 147 SER A CB  1 
ATOM   1152 O OG  . SER A 1 147 ? -12.506 -6.911  10.647  1.00 32.94 ? 147 SER A OG  1 
ATOM   1153 N N   . ILE A 1 148 ? -14.915 -3.350  11.714  1.00 28.30 ? 148 ILE A N   1 
ATOM   1154 C CA  . ILE A 1 148 ? -15.074 -1.914  11.858  1.00 27.30 ? 148 ILE A CA  1 
ATOM   1155 C C   . ILE A 1 148 ? -13.743 -1.265  11.489  1.00 26.17 ? 148 ILE A C   1 
ATOM   1156 O O   . ILE A 1 148 ? -12.690 -1.887  11.629  1.00 25.97 ? 148 ILE A O   1 
ATOM   1157 C CB  . ILE A 1 148 ? -15.506 -1.505  13.272  1.00 25.76 ? 148 ILE A CB  1 
ATOM   1158 C CG1 . ILE A 1 148 ? -14.451 -1.869  14.310  1.00 27.96 ? 148 ILE A CG1 1 
ATOM   1159 C CG2 . ILE A 1 148 ? -16.853 -2.142  13.621  1.00 28.46 ? 148 ILE A CG2 1 
ATOM   1160 C CD1 . ILE A 1 148 ? -14.822 -1.409  15.711  1.00 27.10 ? 148 ILE A CD1 1 
ATOM   1161 N N   . PRO A 1 149 ? -13.787 -0.034  10.964  1.00 25.42 ? 149 PRO A N   1 
ATOM   1162 C CA  . PRO A 1 149 ? -12.544 0.570   10.469  1.00 24.83 ? 149 PRO A CA  1 
ATOM   1163 C C   . PRO A 1 149 ? -11.481 0.694   11.560  1.00 25.03 ? 149 PRO A C   1 
ATOM   1164 O O   . PRO A 1 149 ? -10.295 0.619   11.263  1.00 25.08 ? 149 PRO A O   1 
ATOM   1165 C CB  . PRO A 1 149 ? -13.000 1.946   9.945   1.00 28.56 ? 149 PRO A CB  1 
ATOM   1166 C CG  . PRO A 1 149 ? -14.396 2.142   10.479  1.00 28.91 ? 149 PRO A CG  1 
ATOM   1167 C CD  . PRO A 1 149 ? -14.970 0.777   10.618  1.00 27.10 ? 149 PRO A CD  1 
ATOM   1168 N N   . GLU A 1 150 ? -11.896 0.829   12.816  1.00 25.99 ? 150 GLU A N   1 
ATOM   1169 C CA  . GLU A 1 150 ? -10.932 0.927   13.895  1.00 25.29 ? 150 GLU A CA  1 
ATOM   1170 C C   . GLU A 1 150 ? -10.089 -0.345  13.983  1.00 24.69 ? 150 GLU A C   1 
ATOM   1171 O O   . GLU A 1 150 ? -8.884  -0.289  14.240  1.00 22.72 ? 150 GLU A O   1 
ATOM   1172 C CB  . GLU A 1 150 ? -11.629 1.195   15.226  1.00 26.09 ? 150 GLU A CB  1 
ATOM   1173 C CG  . GLU A 1 150 ? -12.175 2.616   15.377  1.00 30.52 ? 150 GLU A CG  1 
ATOM   1174 C CD  . GLU A 1 150 ? -13.547 2.825   14.730  1.00 33.15 ? 150 GLU A CD  1 
ATOM   1175 O OE1 . GLU A 1 150 ? -14.067 1.910   14.050  1.00 30.25 ? 150 GLU A OE1 1 
ATOM   1176 O OE2 . GLU A 1 150 ? -14.108 3.926   14.908  1.00 37.77 ? 150 GLU A OE2 1 
ATOM   1177 N N   . GLU A 1 151 ? -10.720 -1.488  13.749  1.00 22.43 ? 151 GLU A N   1 
ATOM   1178 C CA  . GLU A 1 151 ? -10.015 -2.760  13.817  1.00 22.29 ? 151 GLU A CA  1 
ATOM   1179 C C   . GLU A 1 151 ? -9.038  -2.899  12.655  1.00 26.25 ? 151 GLU A C   1 
ATOM   1180 O O   . GLU A 1 151 ? -7.944  -3.456  12.806  1.00 23.08 ? 151 GLU A O   1 
ATOM   1181 C CB  . GLU A 1 151 ? -11.012 -3.920  13.833  1.00 23.72 ? 151 GLU A CB  1 
ATOM   1182 C CG  . GLU A 1 151 ? -11.627 -4.148  15.201  1.00 24.05 ? 151 GLU A CG  1 
ATOM   1183 C CD  . GLU A 1 151 ? -10.580 -4.583  16.205  1.00 26.82 ? 151 GLU A CD  1 
ATOM   1184 O OE1 . GLU A 1 151 ? -10.086 -5.729  16.105  1.00 27.11 ? 151 GLU A OE1 1 
ATOM   1185 O OE2 . GLU A 1 151 ? -10.238 -3.773  17.079  1.00 26.78 ? 151 GLU A OE2 1 
ATOM   1186 N N   . ILE A 1 152 ? -9.419  -2.367  11.505  1.00 24.12 ? 152 ILE A N   1 
ATOM   1187 C CA  . ILE A 1 152 ? -8.526  -2.398  10.343  1.00 24.63 ? 152 ILE A CA  1 
ATOM   1188 C C   . ILE A 1 152 ? -7.311  -1.538  10.609  1.00 25.39 ? 152 ILE A C   1 
ATOM   1189 O O   . ILE A 1 152 ? -6.178  -1.938  10.319  1.00 23.31 ? 152 ILE A O   1 
ATOM   1190 C CB  . ILE A 1 152 ? -9.240  -1.926  9.053   1.00 26.60 ? 152 ILE A CB  1 
ATOM   1191 C CG1 . ILE A 1 152 ? -10.492 -2.764  8.806   1.00 23.23 ? 152 ILE A CG1 1 
ATOM   1192 C CG2 . ILE A 1 152 ? -8.290  -2.007  7.849   1.00 21.74 ? 152 ILE A CG2 1 
ATOM   1193 C CD1 . ILE A 1 152 ? -11.334 -2.324  7.619   1.00 21.85 ? 152 ILE A CD1 1 
ATOM   1194 N N   . GLY A 1 153 ? -7.539  -0.365  11.198  1.00 20.21 ? 153 GLY A N   1 
ATOM   1195 C CA  . GLY A 1 153 ? -6.447  0.519   11.549  1.00 20.77 ? 153 GLY A CA  1 
ATOM   1196 C C   . GLY A 1 153 ? -5.479  -0.111  12.532  1.00 21.53 ? 153 GLY A C   1 
ATOM   1197 O O   . GLY A 1 153 ? -4.278  -0.074  12.330  1.00 21.09 ? 153 GLY A O   1 
ATOM   1198 N N   . ALA A 1 154 ? -6.000  -0.716  13.593  1.00 23.28 ? 154 ALA A N   1 
ATOM   1199 C CA  . ALA A 1 154 ? -5.139  -1.374  14.581  1.00 21.61 ? 154 ALA A CA  1 
ATOM   1200 C C   . ALA A 1 154 ? -4.340  -2.514  13.936  1.00 21.87 ? 154 ALA A C   1 
ATOM   1201 O O   . ALA A 1 154 ? -3.173  -2.746  14.289  1.00 21.67 ? 154 ALA A O   1 
ATOM   1202 C CB  . ALA A 1 154 ? -5.974  -1.901  15.749  1.00 25.17 ? 154 ALA A CB  1 
ATOM   1203 N N   . ALA A 1 155 ? -4.971  -3.217  12.998  1.00 23.47 ? 155 ALA A N   1 
ATOM   1204 C CA  . ALA A 1 155 ? -4.316  -4.325  12.304  1.00 21.83 ? 155 ALA A CA  1 
ATOM   1205 C C   . ALA A 1 155 ? -3.154  -3.817  11.441  1.00 24.55 ? 155 ALA A C   1 
ATOM   1206 O O   . ALA A 1 155 ? -2.094  -4.435  11.393  1.00 21.68 ? 155 ALA A O   1 
ATOM   1207 C CB  . ALA A 1 155 ? -5.304  -5.089  11.458  1.00 22.92 ? 155 ALA A CB  1 
ATOM   1208 N N   . LEU A 1 156 ? -3.342  -2.686  10.771  1.00 23.52 ? 156 LEU A N   1 
ATOM   1209 C CA  . LEU A 1 156 ? -2.252  -2.122  9.966   1.00 22.30 ? 156 LEU A CA  1 
ATOM   1210 C C   . LEU A 1 156 ? -1.121  -1.646  10.878  1.00 23.20 ? 156 LEU A C   1 
ATOM   1211 O O   . LEU A 1 156 ? 0.045   -1.856  10.573  1.00 23.06 ? 156 LEU A O   1 
ATOM   1212 C CB  . LEU A 1 156 ? -2.738  -0.966  9.085   1.00 22.28 ? 156 LEU A CB  1 
ATOM   1213 C CG  . LEU A 1 156 ? -1.683  -0.216  8.249   1.00 19.22 ? 156 LEU A CG  1 
ATOM   1214 C CD1 . LEU A 1 156 ? -0.885  -1.169  7.392   1.00 20.64 ? 156 LEU A CD1 1 
ATOM   1215 C CD2 . LEU A 1 156 ? -2.366  0.808   7.362   1.00 18.01 ? 156 LEU A CD2 1 
ATOM   1216 N N   . ARG A 1 157 ? -1.458  -1.009  12.002  1.00 23.74 ? 157 ARG A N   1 
ATOM   1217 C CA  . ARG A 1 157 ? -0.420  -0.573  12.937  1.00 27.10 ? 157 ARG A CA  1 
ATOM   1218 C C   . ARG A 1 157 ? 0.403   -1.776  13.422  1.00 26.64 ? 157 ARG A C   1 
ATOM   1219 O O   . ARG A 1 157 ? 1.622   -1.694  13.510  1.00 24.19 ? 157 ARG A O   1 
ATOM   1220 C CB  . ARG A 1 157 ? -1.020  0.192   14.131  1.00 25.46 ? 157 ARG A CB  1 
ATOM   1221 C CG  . ARG A 1 157 ? -1.548  1.616   13.783  1.00 26.27 ? 157 ARG A CG  1 
ATOM   1222 C CD  . ARG A 1 157 ? -0.435  2.598   13.419  1.00 27.77 ? 157 ARG A CD  1 
ATOM   1223 N NE  . ARG A 1 157 ? -0.917  3.971   13.251  1.00 28.30 ? 157 ARG A NE  1 
ATOM   1224 C CZ  . ARG A 1 157 ? -0.166  4.977   12.805  1.00 29.78 ? 157 ARG A CZ  1 
ATOM   1225 N NH1 . ARG A 1 157 ? 1.108   4.761   12.487  1.00 25.59 ? 157 ARG A NH1 1 
ATOM   1226 N NH2 . ARG A 1 157 ? -0.685  6.204   12.686  1.00 30.93 ? 157 ARG A NH2 1 
ATOM   1227 N N   . LEU A 1 158 ? -0.255  -2.890  13.725  1.00 22.19 ? 158 LEU A N   1 
ATOM   1228 C CA  . LEU A 1 158 ? 0.479   -4.080  14.175  1.00 23.72 ? 158 LEU A CA  1 
ATOM   1229 C C   . LEU A 1 158 ? 1.417   -4.576  13.053  1.00 25.85 ? 158 LEU A C   1 
ATOM   1230 O O   . LEU A 1 158 ? 2.576   -4.902  13.299  1.00 27.72 ? 158 LEU A O   1 
ATOM   1231 C CB  . LEU A 1 158 ? -0.489  -5.190  14.613  1.00 25.34 ? 158 LEU A CB  1 
ATOM   1232 C CG  . LEU A 1 158 ? 0.122   -6.529  15.082  1.00 25.57 ? 158 LEU A CG  1 
ATOM   1233 C CD1 . LEU A 1 158 ? 1.147   -6.326  16.200  1.00 24.33 ? 158 LEU A CD1 1 
ATOM   1234 C CD2 . LEU A 1 158 ? -0.947  -7.517  15.554  1.00 25.48 ? 158 LEU A CD2 1 
ATOM   1235 N N   . ALA A 1 159 ? 0.925   -4.607  11.817  1.00 27.67 ? 159 ALA A N   1 
ATOM   1236 C CA  . ALA A 1 159 ? 1.748   -5.081  10.703  1.00 24.74 ? 159 ALA A CA  1 
ATOM   1237 C C   . ALA A 1 159 ? 2.954   -4.163  10.525  1.00 23.58 ? 159 ALA A C   1 
ATOM   1238 O O   . ALA A 1 159 ? 4.066   -4.632  10.322  1.00 27.64 ? 159 ALA A O   1 
ATOM   1239 C CB  . ALA A 1 159 ? 0.933   -5.156  9.422   1.00 22.78 ? 159 ALA A CB  1 
ATOM   1240 N N   . LEU A 1 160 ? 2.740   -2.859  10.639  1.00 25.88 ? 160 LEU A N   1 
ATOM   1241 C CA  . LEU A 1 160 ? 3.841   -1.895  10.538  1.00 28.92 ? 160 LEU A CA  1 
ATOM   1242 C C   . LEU A 1 160 ? 4.898   -2.139  11.606  1.00 29.10 ? 160 LEU A C   1 
ATOM   1243 O O   . LEU A 1 160 ? 6.076   -1.947  11.360  1.00 25.37 ? 160 LEU A O   1 
ATOM   1244 C CB  . LEU A 1 160 ? 3.325   -0.452  10.642  1.00 27.00 ? 160 LEU A CB  1 
ATOM   1245 C CG  . LEU A 1 160 ? 2.663   0.032   9.353   1.00 26.04 ? 160 LEU A CG  1 
ATOM   1246 C CD1 . LEU A 1 160 ? 1.939   1.340   9.585   1.00 23.81 ? 160 LEU A CD1 1 
ATOM   1247 C CD2 . LEU A 1 160 ? 3.727   0.192   8.277   1.00 27.15 ? 160 LEU A CD2 1 
ATOM   1248 N N   . SER A 1 161 ? 4.472   -2.575  12.788  1.00 28.66 ? 161 SER A N   1 
ATOM   1249 C CA  . SER A 1 161 ? 5.416   -2.819  13.876  1.00 27.07 ? 161 SER A CA  1 
ATOM   1250 C C   . SER A 1 161 ? 6.207   -4.103  13.641  1.00 28.71 ? 161 SER A C   1 
ATOM   1251 O O   . SER A 1 161 ? 7.213   -4.352  14.299  1.00 30.49 ? 161 SER A O   1 
ATOM   1252 C CB  . SER A 1 161 ? 4.682   -2.891  15.223  1.00 26.16 ? 161 SER A CB  1 
ATOM   1253 O OG  . SER A 1 161 ? 3.952   -4.096  15.344  1.00 30.12 ? 161 SER A OG  1 
ATOM   1254 N N   . ARG A 1 162 ? 5.732   -4.929  12.712  1.00 27.60 ? 162 ARG A N   1 
ATOM   1255 C CA  . ARG A 1 162 ? 6.398   -6.181  12.403  1.00 29.01 ? 162 ARG A CA  1 
ATOM   1256 C C   . ARG A 1 162 ? 7.342   -6.062  11.199  1.00 27.64 ? 162 ARG A C   1 
ATOM   1257 O O   . ARG A 1 162 ? 7.961   -7.050  10.793  1.00 27.80 ? 162 ARG A O   1 
ATOM   1258 C CB  . ARG A 1 162 ? 5.364   -7.279  12.157  1.00 27.59 ? 162 ARG A CB  1 
ATOM   1259 C CG  . ARG A 1 162 ? 4.608   -7.699  13.410  1.00 27.58 ? 162 ARG A CG  1 
ATOM   1260 C CD  . ARG A 1 162 ? 3.549   -8.727  13.075  1.00 30.58 ? 162 ARG A CD  1 
ATOM   1261 N NE  . ARG A 1 162 ? 2.875   -9.242  14.261  1.00 28.66 ? 162 ARG A NE  1 
ATOM   1262 C CZ  . ARG A 1 162 ? 1.847   -10.083 14.212  1.00 31.22 ? 162 ARG A CZ  1 
ATOM   1263 N NH1 . ARG A 1 162 ? 1.394   -10.476 13.031  1.00 28.09 ? 162 ARG A NH1 1 
ATOM   1264 N NH2 . ARG A 1 162 ? 1.270   -10.526 15.331  1.00 25.38 ? 162 ARG A NH2 1 
ATOM   1265 N N   . CYS A 1 163 ? 7.438   -4.868  10.618  1.00 26.67 ? 163 CYS A N   1 
ATOM   1266 C CA  . CYS A 1 163 ? 8.351   -4.669  9.492   1.00 29.74 ? 163 CYS A CA  1 
ATOM   1267 C C   . CYS A 1 163 ? 9.785   -4.705  10.000  1.00 31.95 ? 163 CYS A C   1 
ATOM   1268 O O   . CYS A 1 163 ? 10.031  -4.373  11.155  1.00 30.93 ? 163 CYS A O   1 
ATOM   1269 C CB  . CYS A 1 163 ? 8.070   -3.351  8.757   1.00 24.92 ? 163 CYS A CB  1 
ATOM   1270 S SG  . CYS A 1 163 ? 6.572   -3.388  7.727   1.00 29.50 ? 163 CYS A SG  1 
ATOM   1271 N N   . LYS A 1 164 ? 10.724  -5.093  9.138   1.00 31.42 ? 164 LYS A N   1 
ATOM   1272 C CA  . LYS A 1 164 ? 12.121  -5.290  9.553   1.00 32.97 ? 164 LYS A CA  1 
ATOM   1273 C C   . LYS A 1 164 ? 13.136  -4.561  8.672   1.00 37.95 ? 164 LYS A C   1 
ATOM   1274 O O   . LYS A 1 164 ? 12.771  -3.922  7.690   1.00 34.20 ? 164 LYS A O   1 
ATOM   1275 C CB  . LYS A 1 164 ? 12.447  -6.786  9.578   1.00 37.29 ? 164 LYS A CB  1 
ATOM   1276 C CG  . LYS A 1 164 ? 11.824  -7.524  10.748  1.00 42.19 ? 164 LYS A CG  1 
ATOM   1277 C CD  . LYS A 1 164 ? 11.860  -9.025  10.546  1.00 45.55 ? 164 LYS A CD  1 
ATOM   1278 C CE  . LYS A 1 164 ? 11.209  -9.733  11.715  1.00 44.98 ? 164 LYS A CE  1 
ATOM   1279 N NZ  . LYS A 1 164 ? 10.952  -11.166 11.396  1.00 56.82 ? 164 LYS A NZ  1 
ATOM   1280 N N   . GLY A 1 165 ? 14.413  -4.658  9.035   1.00 40.17 ? 165 GLY A N   1 
ATOM   1281 C CA  . GLY A 1 165 ? 15.478  -4.048  8.258   1.00 40.14 ? 165 GLY A CA  1 
ATOM   1282 C C   . GLY A 1 165 ? 15.939  -2.715  8.812   1.00 50.33 ? 165 GLY A C   1 
ATOM   1283 O O   . GLY A 1 165 ? 15.220  -1.714  8.740   1.00 54.22 ? 165 GLY A O   1 
HETATM 1284 O O   . HOH B 2 .   ? -10.456 -0.194  -15.547 1.00 40.53 ? 201 HOH A O   1 
HETATM 1285 O O   . HOH B 2 .   ? 3.639   15.438  8.207   1.00 36.24 ? 202 HOH A O   1 
HETATM 1286 O O   . HOH B 2 .   ? -1.563  -14.944 6.131   1.00 41.18 ? 203 HOH A O   1 
HETATM 1287 O O   . HOH B 2 .   ? -13.507 -10.618 -2.663  1.00 37.38 ? 204 HOH A O   1 
HETATM 1288 O O   . HOH B 2 .   ? 3.088   0.207   14.355  1.00 27.18 ? 205 HOH A O   1 
HETATM 1289 O O   . HOH B 2 .   ? -15.731 -4.149  -6.464  1.00 31.25 ? 206 HOH A O   1 
HETATM 1290 O O   . HOH B 2 .   ? 6.038   -9.667  3.066   1.00 37.84 ? 207 HOH A O   1 
HETATM 1291 O O   . HOH B 2 .   ? 3.651   6.593   9.244   1.00 33.00 ? 208 HOH A O   1 
HETATM 1292 O O   . HOH B 2 .   ? 11.262  5.652   -12.640 1.00 31.54 ? 209 HOH A O   1 
HETATM 1293 O O   . HOH B 2 .   ? -7.299  -11.233 -9.477  1.00 34.40 ? 210 HOH A O   1 
HETATM 1294 O O   . HOH B 2 .   ? -18.352 -4.334  -5.465  1.00 40.50 ? 211 HOH A O   1 
HETATM 1295 O O   . HOH B 2 .   ? -3.119  -12.614 0.484   1.00 40.31 ? 212 HOH A O   1 
HETATM 1296 O O   . HOH B 2 .   ? 0.563   13.715  5.734   1.00 37.40 ? 213 HOH A O   1 
HETATM 1297 O O   . HOH B 2 .   ? -9.779  -9.835  -9.211  1.00 28.51 ? 214 HOH A O   1 
HETATM 1298 O O   . HOH B 2 .   ? -16.263 5.415   9.711   1.00 32.90 ? 215 HOH A O   1 
HETATM 1299 O O   . HOH B 2 .   ? 2.870   2.916   12.989  1.00 27.92 ? 216 HOH A O   1 
HETATM 1300 O O   . HOH B 2 .   ? -6.858  -11.972 2.555   1.00 30.80 ? 217 HOH A O   1 
HETATM 1301 O O   . HOH B 2 .   ? 11.102  17.195  -7.037  1.00 34.06 ? 218 HOH A O   1 
HETATM 1302 O O   . HOH B 2 .   ? -12.660 -2.346  -8.137  1.00 36.06 ? 219 HOH A O   1 
HETATM 1303 O O   . HOH B 2 .   ? 3.678   0.655   -16.351 1.00 28.21 ? 220 HOH A O   1 
HETATM 1304 O O   . HOH B 2 .   ? -0.648  -4.425  -2.976  1.00 29.92 ? 221 HOH A O   1 
HETATM 1305 O O   . HOH B 2 .   ? -1.740  -10.909 -7.159  1.00 34.46 ? 222 HOH A O   1 
HETATM 1306 O O   . HOH B 2 .   ? -2.235  -2.028  16.652  1.00 24.59 ? 223 HOH A O   1 
HETATM 1307 O O   . HOH B 2 .   ? 9.493   5.126   9.457   1.00 41.62 ? 224 HOH A O   1 
HETATM 1308 O O   . HOH B 2 .   ? 10.195  1.674   -4.159  1.00 39.69 ? 225 HOH A O   1 
HETATM 1309 O O   . HOH B 2 .   ? -6.433  -14.538 -4.574  1.00 33.22 ? 226 HOH A O   1 
HETATM 1310 O O   . HOH B 2 .   ? -16.300 -2.297  -0.025  1.00 38.11 ? 227 HOH A O   1 
HETATM 1311 O O   . HOH B 2 .   ? -13.213 6.309   -6.715  1.00 26.21 ? 228 HOH A O   1 
HETATM 1312 O O   . HOH B 2 .   ? 3.267   0.173   -4.517  1.00 23.64 ? 229 HOH A O   1 
HETATM 1313 O O   . HOH B 2 .   ? -2.899  4.462   -6.314  1.00 25.48 ? 230 HOH A O   1 
HETATM 1314 O O   . HOH B 2 .   ? 15.466  5.173   -18.590 1.00 32.49 ? 231 HOH A O   1 
HETATM 1315 O O   . HOH B 2 .   ? 0.020   -13.136 13.484  1.00 41.73 ? 232 HOH A O   1 
HETATM 1316 O O   . HOH B 2 .   ? -0.447  6.341   -5.124  1.00 26.81 ? 233 HOH A O   1 
HETATM 1317 O O   . HOH B 2 .   ? 12.129  7.813   5.850   1.00 39.35 ? 234 HOH A O   1 
HETATM 1318 O O   . HOH B 2 .   ? 1.294   1.756   -4.422  1.00 20.15 ? 235 HOH A O   1 
HETATM 1319 O O   . HOH B 2 .   ? -1.037  -8.579  1.987   1.00 33.59 ? 236 HOH A O   1 
HETATM 1320 O O   . HOH B 2 .   ? -13.523 2.859   -8.194  1.00 27.57 ? 237 HOH A O   1 
HETATM 1321 O O   . HOH B 2 .   ? -10.025 8.250   6.397   1.00 32.25 ? 238 HOH A O   1 
HETATM 1322 O O   . HOH B 2 .   ? -3.418  4.724   14.700  1.00 25.61 ? 239 HOH A O   1 
HETATM 1323 O O   . HOH B 2 .   ? -8.081  5.160   -3.529  1.00 19.12 ? 240 HOH A O   1 
HETATM 1324 O O   . HOH B 2 .   ? 2.726   -3.341  -0.881  1.00 29.14 ? 241 HOH A O   1 
HETATM 1325 O O   . HOH B 2 .   ? -13.440 -7.341  13.184  1.00 34.20 ? 242 HOH A O   1 
HETATM 1326 O O   . HOH B 2 .   ? 1.470   4.511   -10.718 1.00 21.76 ? 243 HOH A O   1 
HETATM 1327 O O   . HOH B 2 .   ? 7.185   4.557   10.073  1.00 33.35 ? 244 HOH A O   1 
HETATM 1328 O O   . HOH B 2 .   ? -10.309 -5.598  -8.389  1.00 25.28 ? 245 HOH A O   1 
HETATM 1329 O O   . HOH B 2 .   ? -10.120 -16.799 -1.105  1.00 43.72 ? 246 HOH A O   1 
HETATM 1330 O O   . HOH B 2 .   ? -11.943 -17.480 -4.671  1.00 37.61 ? 247 HOH A O   1 
HETATM 1331 O O   . HOH B 2 .   ? -2.975  12.699  -2.569  1.00 32.01 ? 248 HOH A O   1 
HETATM 1332 O O   . HOH B 2 .   ? -11.903 -4.071  -11.483 1.00 27.59 ? 249 HOH A O   1 
HETATM 1333 O O   . HOH B 2 .   ? 13.667  6.684   -20.320 1.00 28.24 ? 250 HOH A O   1 
HETATM 1334 O O   . HOH B 2 .   ? -11.350 -2.804  -21.482 1.00 44.06 ? 251 HOH A O   1 
HETATM 1335 O O   . HOH B 2 .   ? 0.504   -13.203 2.723   1.00 40.99 ? 252 HOH A O   1 
HETATM 1336 O O   . HOH B 2 .   ? -5.033  -13.272 -7.848  1.00 35.43 ? 253 HOH A O   1 
HETATM 1337 O O   . HOH B 2 .   ? -10.298 -1.039  17.537  1.00 25.27 ? 254 HOH A O   1 
HETATM 1338 O O   . HOH B 2 .   ? -1.263  7.616   -7.794  1.00 27.88 ? 255 HOH A O   1 
HETATM 1339 O O   . HOH B 2 .   ? -6.817  -5.881  -7.723  1.00 27.57 ? 256 HOH A O   1 
HETATM 1340 O O   . HOH B 2 .   ? -11.942 1.156   -9.556  1.00 32.65 ? 257 HOH A O   1 
HETATM 1341 O O   . HOH B 2 .   ? 5.244   2.669   -11.687 1.00 28.36 ? 258 HOH A O   1 
HETATM 1342 O O   . HOH B 2 .   ? 7.257   1.404   -4.597  1.00 33.44 ? 259 HOH A O   1 
HETATM 1343 O O   . HOH B 2 .   ? 10.896  -1.853  7.356   1.00 30.83 ? 260 HOH A O   1 
HETATM 1344 O O   . HOH B 2 .   ? -4.143  -14.829 4.483   1.00 38.49 ? 261 HOH A O   1 
HETATM 1345 O O   . HOH B 2 .   ? 8.971   -2.304  5.505   1.00 27.64 ? 262 HOH A O   1 
HETATM 1346 O O   . HOH B 2 .   ? -11.719 -3.664  -16.153 1.00 35.67 ? 263 HOH A O   1 
HETATM 1347 O O   . HOH B 2 .   ? -10.453 -15.493 1.446   1.00 41.33 ? 264 HOH A O   1 
HETATM 1348 O O   . HOH B 2 .   ? -10.077 -9.141  -15.983 1.00 29.47 ? 265 HOH A O   1 
HETATM 1349 O O   . HOH B 2 .   ? 2.601   8.898   -9.870  1.00 27.02 ? 266 HOH A O   1 
HETATM 1350 O O   . HOH B 2 .   ? -4.357  -10.576 -7.755  1.00 28.33 ? 267 HOH A O   1 
HETATM 1351 O O   . HOH B 2 .   ? 2.384   -2.950  -5.481  1.00 38.16 ? 268 HOH A O   1 
HETATM 1352 O O   . HOH B 2 .   ? 10.264  -3.484  -3.511  1.00 33.44 ? 269 HOH A O   1 
HETATM 1353 O O   . HOH B 2 .   ? 4.595   -11.821 14.561  1.00 37.48 ? 270 HOH A O   1 
HETATM 1354 O O   . HOH B 2 .   ? -4.394  5.495   -4.043  1.00 20.78 ? 271 HOH A O   1 
HETATM 1355 O O   . HOH B 2 .   ? -10.012 5.595   15.906  1.00 29.40 ? 272 HOH A O   1 
HETATM 1356 O O   . HOH B 2 .   ? -14.416 -9.742  -0.033  1.00 39.00 ? 273 HOH A O   1 
HETATM 1357 O O   . HOH B 2 .   ? 8.296   0.495   -15.548 1.00 28.96 ? 274 HOH A O   1 
HETATM 1358 O O   . HOH B 2 .   ? 11.980  10.838  -8.701  1.00 29.27 ? 275 HOH A O   1 
HETATM 1359 O O   . HOH B 2 .   ? 6.468   -1.977  -22.081 1.00 33.40 ? 276 HOH A O   1 
HETATM 1360 O O   . HOH B 2 .   ? 14.325  5.494   -8.578  1.00 41.94 ? 277 HOH A O   1 
HETATM 1361 O O   . HOH B 2 .   ? 11.757  1.858   9.670   1.00 38.94 ? 278 HOH A O   1 
HETATM 1362 O O   . HOH B 2 .   ? -6.668  5.090   17.216  1.00 32.76 ? 279 HOH A O   1 
HETATM 1363 O O   . HOH B 2 .   ? 6.413   1.486   -6.948  1.00 28.09 ? 280 HOH A O   1 
HETATM 1364 O O   . HOH B 2 .   ? -4.953  0.926   -19.235 1.00 33.11 ? 281 HOH A O   1 
HETATM 1365 O O   . HOH B 2 .   ? -4.425  12.768  1.152   1.00 27.98 ? 282 HOH A O   1 
HETATM 1366 O O   . HOH B 2 .   ? -15.135 -5.487  13.718  1.00 27.89 ? 283 HOH A O   1 
HETATM 1367 O O   . HOH B 2 .   ? 13.879  0.821   7.344   1.00 45.24 ? 284 HOH A O   1 
HETATM 1368 O O   . HOH B 2 .   ? 7.682   1.653   -22.851 1.00 34.20 ? 285 HOH A O   1 
HETATM 1369 O O   . HOH B 2 .   ? 3.967   4.395   -9.745  1.00 24.97 ? 286 HOH A O   1 
HETATM 1370 O O   . HOH B 2 .   ? -0.726  11.068  -4.824  1.00 30.31 ? 287 HOH A O   1 
HETATM 1371 O O   . HOH B 2 .   ? -7.719  7.814   -4.092  1.00 27.42 ? 288 HOH A O   1 
HETATM 1372 O O   . HOH B 2 .   ? 17.138  1.052   -4.114  1.00 36.85 ? 289 HOH A O   1 
HETATM 1373 O O   . HOH B 2 .   ? 3.521   6.424   11.898  1.00 35.96 ? 290 HOH A O   1 
HETATM 1374 O O   . HOH B 2 .   ? 4.386   -8.443  16.730  1.00 35.42 ? 291 HOH A O   1 
HETATM 1375 O O   . HOH B 2 .   ? -5.907  -6.839  -10.052 1.00 28.88 ? 292 HOH A O   1 
HETATM 1376 O O   . HOH B 2 .   ? -8.442  0.599   18.011  1.00 35.45 ? 293 HOH A O   1 
HETATM 1377 O O   . HOH B 2 .   ? 3.924   -0.234  -7.230  1.00 28.45 ? 294 HOH A O   1 
HETATM 1378 O O   . HOH B 2 .   ? -7.009  10.757  12.662  1.00 35.48 ? 295 HOH A O   1 
HETATM 1379 O O   . HOH B 2 .   ? 5.742   0.405   14.160  1.00 32.38 ? 296 HOH A O   1 
HETATM 1380 O O   . HOH B 2 .   ? -12.000 -7.923  -14.721 1.00 40.81 ? 297 HOH A O   1 
HETATM 1381 O O   . HOH B 2 .   ? -5.451  -9.483  -10.089 1.00 31.47 ? 298 HOH A O   1 
HETATM 1382 O O   . HOH B 2 .   ? -6.137  -10.656 14.312  1.00 32.41 ? 299 HOH A O   1 
HETATM 1383 O O   . HOH B 2 .   ? 2.660   -5.854  -5.916  1.00 31.62 ? 300 HOH A O   1 
HETATM 1384 O O   . HOH B 2 .   ? 20.355  1.829   -0.405  1.00 47.04 ? 301 HOH A O   1 
HETATM 1385 O O   . HOH B 2 .   ? 10.633  1.240   13.744  1.00 47.53 ? 302 HOH A O   1 
HETATM 1386 O O   . HOH B 2 .   ? -3.417  0.428   17.499  1.00 24.08 ? 303 HOH A O   1 
HETATM 1387 O O   . HOH B 2 .   ? 3.523   17.348  -4.365  1.00 36.80 ? 304 HOH A O   1 
HETATM 1388 O O   . HOH B 2 .   ? -4.571  3.513   -15.940 1.00 28.87 ? 305 HOH A O   1 
HETATM 1389 O O   . HOH B 2 .   ? -4.120  13.479  13.056  1.00 41.89 ? 306 HOH A O   1 
HETATM 1390 O O   . HOH B 2 .   ? 13.752  8.834   -9.302  1.00 35.95 ? 307 HOH A O   1 
HETATM 1391 O O   . HOH B 2 .   ? 11.253  8.719   7.959   1.00 40.62 ? 308 HOH A O   1 
HETATM 1392 O O   . HOH B 2 .   ? 12.061  -15.970 3.767   1.00 50.17 ? 309 HOH A O   1 
HETATM 1393 O O   . HOH B 2 .   ? -9.395  9.750   -7.989  1.00 30.46 ? 310 HOH A O   1 
HETATM 1394 O O   . HOH B 2 .   ? -0.654  -11.203 0.897   1.00 36.13 ? 311 HOH A O   1 
HETATM 1395 O O   . HOH B 2 .   ? 2.226   10.229  -7.621  1.00 32.81 ? 312 HOH A O   1 
HETATM 1396 O O   . HOH B 2 .   ? 6.141   -10.197 15.923  1.00 40.23 ? 313 HOH A O   1 
HETATM 1397 O O   . HOH B 2 .   ? 17.351  3.423   -20.086 1.00 39.20 ? 314 HOH A O   1 
HETATM 1398 O O   . HOH B 2 .   ? 5.034   -2.567  -7.642  1.00 32.78 ? 315 HOH A O   1 
HETATM 1399 O O   . HOH B 2 .   ? 2.218   0.427   16.852  1.00 29.76 ? 316 HOH A O   1 
HETATM 1400 O O   . HOH B 2 .   ? 0.695   6.890   -9.564  1.00 28.76 ? 317 HOH A O   1 
HETATM 1401 O O   . HOH B 2 .   ? -11.734 -1.960  -13.464 1.00 39.13 ? 318 HOH A O   1 
HETATM 1402 O O   . HOH B 2 .   ? -5.342  13.777  -2.719  1.00 30.98 ? 319 HOH A O   1 
HETATM 1403 O O   . HOH B 2 .   ? 12.822  13.252  -7.481  1.00 29.98 ? 320 HOH A O   1 
HETATM 1404 O O   . HOH B 2 .   ? -2.769  -14.902 2.065   1.00 43.94 ? 321 HOH A O   1 
HETATM 1405 O O   . HOH B 2 .   ? 0.165   2.320   17.033  1.00 35.05 ? 322 HOH A O   1 
HETATM 1406 O O   . HOH B 2 .   ? 7.351   5.459   12.411  1.00 42.99 ? 323 HOH A O   1 
HETATM 1407 O O   . HOH B 2 .   ? -6.159  12.457  10.003  1.00 43.43 ? 324 HOH A O   1 
HETATM 1408 O O   . HOH B 2 .   ? 1.325   -6.238  -3.415  1.00 36.17 ? 325 HOH A O   1 
HETATM 1409 O O   . HOH B 2 .   ? 13.118  6.612   -10.773 1.00 32.64 ? 326 HOH A O   1 
HETATM 1410 O O   . HOH B 2 .   ? -18.227 3.417   9.453   1.00 33.47 ? 327 HOH A O   1 
HETATM 1411 O O   . HOH B 2 .   ? 1.155   12.752  -8.377  1.00 34.00 ? 328 HOH A O   1 
HETATM 1412 O O   . HOH B 2 .   ? 11.391  2.679   -12.198 1.00 34.17 ? 329 HOH A O   1 
HETATM 1413 O O   . HOH B 2 .   ? 13.360  1.763   -13.934 1.00 38.96 ? 330 HOH A O   1 
# 
loop_
_pdbx_poly_seq_scheme.asym_id 
_pdbx_poly_seq_scheme.entity_id 
_pdbx_poly_seq_scheme.seq_id 
_pdbx_poly_seq_scheme.mon_id 
_pdbx_poly_seq_scheme.ndb_seq_num 
_pdbx_poly_seq_scheme.pdb_seq_num 
_pdbx_poly_seq_scheme.auth_seq_num 
_pdbx_poly_seq_scheme.pdb_mon_id 
_pdbx_poly_seq_scheme.auth_mon_id 
_pdbx_poly_seq_scheme.pdb_strand_id 
_pdbx_poly_seq_scheme.pdb_ins_code 
_pdbx_poly_seq_scheme.hetero 
A 1 1   MET 1   1   1   MET MET A . n 
A 1 2   PHE 2   2   2   PHE PHE A . n 
A 1 3   ASN 3   3   3   ASN ASN A . n 
A 1 4   LYS 4   4   4   LYS ALA A . n 
A 1 5   ASP 5   5   5   ASP ASP A . n 
A 1 6   GLN 6   6   6   GLN GLN A . n 
A 1 7   ASP 7   7   7   ASP ASP A . n 
A 1 8   TYR 8   8   8   TYR TYR A . n 
A 1 9   TRP 9   9   9   TRP TRP A . n 
A 1 10  VAL 10  10  10  VAL VAL A . n 
A 1 11  SER 11  11  11  SER SER A . n 
A 1 12  VAL 12  12  12  VAL VAL A . n 
A 1 13  TYR 13  13  13  TYR TYR A . n 
A 1 14  SER 14  14  14  SER SER A . n 
A 1 15  THR 15  15  15  THR THR A . n 
A 1 16  LYS 16  16  16  LYS LYS A . n 
A 1 17  ASP 17  17  17  ASP ASP A . n 
A 1 18  PHE 18  18  18  PHE PHE A . n 
A 1 19  LEU 19  19  19  LEU LEU A . n 
A 1 20  SER 20  20  20  SER SER A . n 
A 1 21  VAL 21  21  21  VAL VAL A . n 
A 1 22  GLU 22  22  22  GLU GLU A . n 
A 1 23  THR 23  23  23  THR THR A . n 
A 1 24  ASP 24  24  24  ASP ASP A . n 
A 1 25  SER 25  25  25  SER SER A . n 
A 1 26  GLY 26  26  26  GLY GLY A . n 
A 1 27  LEU 27  27  27  LEU LEU A . n 
A 1 28  GLY 28  28  28  GLY GLY A . n 
A 1 29  ARG 29  29  29  ARG ARG A . n 
A 1 30  VAL 30  30  30  VAL VAL A . n 
A 1 31  ARG 31  31  31  ARG ARG A . n 
A 1 32  ARG 32  32  32  ARG ARG A . n 
A 1 33  ASP 33  33  33  ASP ASP A . n 
A 1 34  PRO 34  34  34  PRO PRO A . n 
A 1 35  LEU 35  35  35  LEU LEU A . n 
A 1 36  PHE 36  36  36  PHE PHE A . n 
A 1 37  PRO 37  37  37  PRO PRO A . n 
A 1 38  SER 38  38  38  SER SER A . n 
A 1 39  HIS 39  39  39  HIS HIS A . n 
A 1 40  LEU 40  40  40  LEU LEU A . n 
A 1 41  LEU 41  41  41  LEU LEU A . n 
A 1 42  PRO 42  42  42  PRO PRO A . n 
A 1 43  PRO 43  43  43  PRO PRO A . n 
A 1 44  ASP 44  44  44  ASP ASP A . n 
A 1 45  ALA 45  45  45  ALA ALA A . n 
A 1 46  ASP 46  46  46  ASP ASP A . n 
A 1 47  ASN 47  47  47  ASN ASN A . n 
A 1 48  GLN 48  48  48  GLN GLN A . n 
A 1 49  THR 49  49  49  THR THR A . n 
A 1 50  ILE 50  50  50  ILE ILE A . n 
A 1 51  GLY 51  51  51  GLY GLY A . n 
A 1 52  ASP 52  52  52  ASP ASP A . n 
A 1 53  ALA 53  53  53  ALA ALA A . n 
A 1 54  VAL 54  54  54  VAL VAL A . n 
A 1 55  LEU 55  55  55  LEU LEU A . n 
A 1 56  ILE 56  56  56  ILE ILE A . n 
A 1 57  ALA 57  57  57  ALA ALA A . n 
A 1 58  LEU 58  58  58  LEU LEU A . n 
A 1 59  SER 59  59  59  SER SER A . n 
A 1 60  ASN 60  60  60  ASN ASN A . n 
A 1 61  SER 61  61  61  SER SER A . n 
A 1 62  ARG 62  62  62  ARG ARG A . n 
A 1 63  THR 63  63  63  THR THR A . n 
A 1 64  LEU 64  64  64  LEU LEU A . n 
A 1 65  SER 65  65  65  SER SER A . n 
A 1 66  LEU 66  66  66  LEU LEU A . n 
A 1 67  GLU 67  67  67  GLU ALA A . n 
A 1 68  GLU 68  68  68  GLU GLU A . n 
A 1 69  SER 69  69  69  SER SER A . n 
A 1 70  ALA 70  70  70  ALA ALA A . n 
A 1 71  ASP 71  71  71  ASP ASP A . n 
A 1 72  PHE 72  72  72  PHE PHE A . n 
A 1 73  PHE 73  73  73  PHE PHE A . n 
A 1 74  ASP 74  74  74  ASP ASP A . n 
A 1 75  LEU 75  75  75  LEU LEU A . n 
A 1 76  GLU 76  76  76  GLU GLU A . n 
A 1 77  THR 77  77  77  THR THR A . n 
A 1 78  GLY 78  78  78  GLY GLY A . n 
A 1 79  LYS 79  79  79  LYS LYS A . n 
A 1 80  GLU 80  80  80  GLU GLU A . n 
A 1 81  GLN 81  81  81  GLN GLN A . n 
A 1 82  TYR 82  82  82  TYR TYR A . n 
A 1 83  ALA 83  83  83  ALA ALA A . n 
A 1 84  THR 84  84  84  THR THR A . n 
A 1 85  TRP 85  85  85  TRP TRP A . n 
A 1 86  ILE 86  86  86  ILE ILE A . n 
A 1 87  ALA 87  87  87  ALA ALA A . n 
A 1 88  MET 88  88  88  MET MET A . n 
A 1 89  LEU 89  89  89  LEU LEU A . n 
A 1 90  MET 90  90  90  MET MET A . n 
A 1 91  GLU 91  91  91  GLU GLU A . n 
A 1 92  LYS 92  92  92  LYS LYS A . n 
A 1 93  TYR 93  93  93  TYR TYR A . n 
A 1 94  GLY 94  94  94  GLY GLY A . n 
A 1 95  TYR 95  95  95  TYR TYR A . n 
A 1 96  LYS 96  96  96  LYS ALA A . n 
A 1 97  THR 97  97  97  THR THR A . n 
A 1 98  LYS 98  98  98  LYS LYS A . n 
A 1 99  ARG 99  99  99  ARG ARG A . n 
A 1 100 ALA 100 100 100 ALA ALA A . n 
A 1 101 LEU 101 101 101 LEU LEU A . n 
A 1 102 PHE 102 102 102 PHE PHE A . n 
A 1 103 LYS 103 103 103 LYS LYS A . n 
A 1 104 ASP 104 104 104 ASP ASP A . n 
A 1 105 MET 105 105 105 MET MET A . n 
A 1 106 LYS 106 106 106 LYS LYS A . n 
A 1 107 ASN 107 107 107 ASN ASN A . n 
A 1 108 CYS 108 108 108 CYS CYS A . n 
A 1 109 SER 109 109 109 SER SER A . n 
A 1 110 ILE 110 110 110 ILE ILE A . n 
A 1 111 HIS 111 111 111 HIS HIS A . n 
A 1 112 CYS 112 112 112 CYS CYS A . n 
A 1 113 ILE 113 113 113 ILE ILE A . n 
A 1 114 ASN 114 114 114 ASN ASN A . n 
A 1 115 ASP 115 115 115 ASP ASP A . n 
A 1 116 LEU 116 116 116 LEU LEU A . n 
A 1 117 ILE 117 117 117 ILE ILE A . n 
A 1 118 THR 118 118 118 THR THR A . n 
A 1 119 ILE 119 119 119 ILE ILE A . n 
A 1 120 SER 120 120 120 SER SER A . n 
A 1 121 PRO 121 121 121 PRO PRO A . n 
A 1 122 THR 122 122 122 THR THR A . n 
A 1 123 ARG 123 123 123 ARG ARG A . n 
A 1 124 HIS 124 124 124 HIS HIS A . n 
A 1 125 GLU 125 125 125 GLU GLU A . n 
A 1 126 LYS 126 126 126 LYS ALA A . n 
A 1 127 LEU 127 127 127 LEU LEU A . n 
A 1 128 GLU 128 128 128 GLU GLU A . n 
A 1 129 ALA 129 129 129 ALA ALA A . n 
A 1 130 TRP 130 130 130 TRP TRP A . n 
A 1 131 SER 131 131 131 SER SER A . n 
A 1 132 GLY 132 132 132 GLY GLY A . n 
A 1 133 ARG 133 133 133 ARG ARG A . n 
A 1 134 GLY 134 134 134 GLY GLY A . n 
A 1 135 ILE 135 135 135 ILE ILE A . n 
A 1 136 LYS 136 136 136 LYS ALA A . n 
A 1 137 GLU 137 137 137 GLU GLU A . n 
A 1 138 SER 138 138 138 SER SER A . n 
A 1 139 ASP 139 139 139 ASP ASP A . n 
A 1 140 ASP 140 140 140 ASP ASP A . n 
A 1 141 VAL 141 141 141 VAL VAL A . n 
A 1 142 VAL 142 142 142 VAL VAL A . n 
A 1 143 ILE 143 143 143 ILE ILE A . n 
A 1 144 PRO 144 144 144 PRO PRO A . n 
A 1 145 ALA 145 145 145 ALA ALA A . n 
A 1 146 ASP 146 146 146 ASP ASP A . n 
A 1 147 SER 147 147 147 SER SER A . n 
A 1 148 ILE 148 148 148 ILE ILE A . n 
A 1 149 PRO 149 149 149 PRO PRO A . n 
A 1 150 GLU 150 150 150 GLU GLU A . n 
A 1 151 GLU 151 151 151 GLU GLU A . n 
A 1 152 ILE 152 152 152 ILE ILE A . n 
A 1 153 GLY 153 153 153 GLY GLY A . n 
A 1 154 ALA 154 154 154 ALA ALA A . n 
A 1 155 ALA 155 155 155 ALA ALA A . n 
A 1 156 LEU 156 156 156 LEU LEU A . n 
A 1 157 ARG 157 157 157 ARG ARG A . n 
A 1 158 LEU 158 158 158 LEU LEU A . n 
A 1 159 ALA 159 159 159 ALA ALA A . n 
A 1 160 LEU 160 160 160 LEU LEU A . n 
A 1 161 SER 161 161 161 SER SER A . n 
A 1 162 ARG 162 162 162 ARG ARG A . n 
A 1 163 CYS 163 163 163 CYS CYS A . n 
A 1 164 LYS 164 164 164 LYS LYS A . n 
A 1 165 GLY 165 165 165 GLY GLY A . n 
A 1 166 THR 166 166 ?   ?   ?   A . n 
A 1 167 SER 167 167 ?   ?   ?   A . n 
A 1 168 LEU 168 168 ?   ?   ?   A . n 
A 1 169 GLU 169 169 ?   ?   ?   A . n 
A 1 170 HIS 170 170 ?   ?   ?   A . n 
A 1 171 HIS 171 171 ?   ?   ?   A . n 
A 1 172 HIS 172 172 ?   ?   ?   A . n 
A 1 173 HIS 173 173 ?   ?   ?   A . n 
A 1 174 HIS 174 174 ?   ?   ?   A . n 
A 1 175 HIS 175 175 ?   ?   ?   A . n 
# 
loop_
_pdbx_nonpoly_scheme.asym_id 
_pdbx_nonpoly_scheme.entity_id 
_pdbx_nonpoly_scheme.mon_id 
_pdbx_nonpoly_scheme.ndb_seq_num 
_pdbx_nonpoly_scheme.pdb_seq_num 
_pdbx_nonpoly_scheme.auth_seq_num 
_pdbx_nonpoly_scheme.pdb_mon_id 
_pdbx_nonpoly_scheme.auth_mon_id 
_pdbx_nonpoly_scheme.pdb_strand_id 
_pdbx_nonpoly_scheme.pdb_ins_code 
B 2 HOH 1   201 97  HOH HOH A . 
B 2 HOH 2   202 101 HOH HOH A . 
B 2 HOH 3   203 96  HOH HOH A . 
B 2 HOH 4   204 71  HOH HOH A . 
B 2 HOH 5   205 28  HOH HOH A . 
B 2 HOH 6   206 47  HOH HOH A . 
B 2 HOH 7   207 115 HOH HOH A . 
B 2 HOH 8   208 16  HOH HOH A . 
B 2 HOH 9   209 56  HOH HOH A . 
B 2 HOH 10  210 53  HOH HOH A . 
B 2 HOH 11  211 83  HOH HOH A . 
B 2 HOH 12  212 122 HOH HOH A . 
B 2 HOH 13  213 88  HOH HOH A . 
B 2 HOH 14  214 30  HOH HOH A . 
B 2 HOH 15  215 52  HOH HOH A . 
B 2 HOH 16  216 26  HOH HOH A . 
B 2 HOH 17  217 29  HOH HOH A . 
B 2 HOH 18  218 37  HOH HOH A . 
B 2 HOH 19  219 59  HOH HOH A . 
B 2 HOH 20  220 10  HOH HOH A . 
B 2 HOH 21  221 38  HOH HOH A . 
B 2 HOH 22  222 93  HOH HOH A . 
B 2 HOH 23  223 12  HOH HOH A . 
B 2 HOH 24  224 50  HOH HOH A . 
B 2 HOH 25  225 128 HOH HOH A . 
B 2 HOH 26  226 67  HOH HOH A . 
B 2 HOH 27  227 98  HOH HOH A . 
B 2 HOH 28  228 14  HOH HOH A . 
B 2 HOH 29  229 5   HOH HOH A . 
B 2 HOH 30  230 6   HOH HOH A . 
B 2 HOH 31  231 72  HOH HOH A . 
B 2 HOH 32  232 84  HOH HOH A . 
B 2 HOH 33  233 82  HOH HOH A . 
B 2 HOH 34  234 60  HOH HOH A . 
B 2 HOH 35  235 9   HOH HOH A . 
B 2 HOH 36  236 57  HOH HOH A . 
B 2 HOH 37  237 81  HOH HOH A . 
B 2 HOH 38  238 24  HOH HOH A . 
B 2 HOH 39  239 11  HOH HOH A . 
B 2 HOH 40  240 8   HOH HOH A . 
B 2 HOH 41  241 65  HOH HOH A . 
B 2 HOH 42  242 75  HOH HOH A . 
B 2 HOH 43  243 1   HOH HOH A . 
B 2 HOH 44  244 76  HOH HOH A . 
B 2 HOH 45  245 2   HOH HOH A . 
B 2 HOH 46  246 123 HOH HOH A . 
B 2 HOH 47  247 61  HOH HOH A . 
B 2 HOH 48  248 22  HOH HOH A . 
B 2 HOH 49  249 23  HOH HOH A . 
B 2 HOH 50  250 41  HOH HOH A . 
B 2 HOH 51  251 130 HOH HOH A . 
B 2 HOH 52  252 121 HOH HOH A . 
B 2 HOH 53  253 70  HOH HOH A . 
B 2 HOH 54  254 44  HOH HOH A . 
B 2 HOH 55  255 33  HOH HOH A . 
B 2 HOH 56  256 3   HOH HOH A . 
B 2 HOH 57  257 13  HOH HOH A . 
B 2 HOH 58  258 40  HOH HOH A . 
B 2 HOH 59  259 126 HOH HOH A . 
B 2 HOH 60  260 92  HOH HOH A . 
B 2 HOH 61  261 63  HOH HOH A . 
B 2 HOH 62  262 4   HOH HOH A . 
B 2 HOH 63  263 85  HOH HOH A . 
B 2 HOH 64  264 87  HOH HOH A . 
B 2 HOH 65  265 31  HOH HOH A . 
B 2 HOH 66  266 15  HOH HOH A . 
B 2 HOH 67  267 42  HOH HOH A . 
B 2 HOH 68  268 32  HOH HOH A . 
B 2 HOH 69  269 51  HOH HOH A . 
B 2 HOH 70  270 43  HOH HOH A . 
B 2 HOH 71  271 18  HOH HOH A . 
B 2 HOH 72  272 19  HOH HOH A . 
B 2 HOH 73  273 104 HOH HOH A . 
B 2 HOH 74  274 62  HOH HOH A . 
B 2 HOH 75  275 39  HOH HOH A . 
B 2 HOH 76  276 25  HOH HOH A . 
B 2 HOH 77  277 45  HOH HOH A . 
B 2 HOH 78  278 109 HOH HOH A . 
B 2 HOH 79  279 48  HOH HOH A . 
B 2 HOH 80  280 46  HOH HOH A . 
B 2 HOH 81  281 34  HOH HOH A . 
B 2 HOH 82  282 36  HOH HOH A . 
B 2 HOH 83  283 58  HOH HOH A . 
B 2 HOH 84  284 77  HOH HOH A . 
B 2 HOH 85  285 64  HOH HOH A . 
B 2 HOH 86  286 54  HOH HOH A . 
B 2 HOH 87  287 113 HOH HOH A . 
B 2 HOH 88  288 117 HOH HOH A . 
B 2 HOH 89  289 89  HOH HOH A . 
B 2 HOH 90  290 66  HOH HOH A . 
B 2 HOH 91  291 49  HOH HOH A . 
B 2 HOH 92  292 86  HOH HOH A . 
B 2 HOH 93  293 125 HOH HOH A . 
B 2 HOH 94  294 20  HOH HOH A . 
B 2 HOH 95  295 35  HOH HOH A . 
B 2 HOH 96  296 78  HOH HOH A . 
B 2 HOH 97  297 100 HOH HOH A . 
B 2 HOH 98  298 108 HOH HOH A . 
B 2 HOH 99  299 99  HOH HOH A . 
B 2 HOH 100 300 118 HOH HOH A . 
B 2 HOH 101 301 103 HOH HOH A . 
B 2 HOH 102 302 112 HOH HOH A . 
B 2 HOH 103 303 7   HOH HOH A . 
B 2 HOH 104 304 102 HOH HOH A . 
B 2 HOH 105 305 110 HOH HOH A . 
B 2 HOH 106 306 114 HOH HOH A . 
B 2 HOH 107 307 27  HOH HOH A . 
B 2 HOH 108 308 95  HOH HOH A . 
B 2 HOH 109 309 116 HOH HOH A . 
B 2 HOH 110 310 129 HOH HOH A . 
B 2 HOH 111 311 80  HOH HOH A . 
B 2 HOH 112 312 68  HOH HOH A . 
B 2 HOH 113 313 74  HOH HOH A . 
B 2 HOH 114 314 120 HOH HOH A . 
B 2 HOH 115 315 69  HOH HOH A . 
B 2 HOH 116 316 91  HOH HOH A . 
B 2 HOH 117 317 17  HOH HOH A . 
B 2 HOH 118 318 73  HOH HOH A . 
B 2 HOH 119 319 124 HOH HOH A . 
B 2 HOH 120 320 21  HOH HOH A . 
B 2 HOH 121 321 106 HOH HOH A . 
B 2 HOH 122 322 94  HOH HOH A . 
B 2 HOH 123 323 107 HOH HOH A . 
B 2 HOH 124 324 111 HOH HOH A . 
B 2 HOH 125 325 119 HOH HOH A . 
B 2 HOH 126 326 55  HOH HOH A . 
B 2 HOH 127 327 105 HOH HOH A . 
B 2 HOH 128 328 90  HOH HOH A . 
B 2 HOH 129 329 79  HOH HOH A . 
B 2 HOH 130 330 127 HOH HOH A . 
# 
_pdbx_struct_assembly.id                   1 
_pdbx_struct_assembly.details              author_and_software_defined_assembly 
_pdbx_struct_assembly.method_details       PISA 
_pdbx_struct_assembly.oligomeric_details   monomeric 
_pdbx_struct_assembly.oligomeric_count     1 
# 
_pdbx_struct_assembly_gen.assembly_id       1 
_pdbx_struct_assembly_gen.oper_expression   1 
_pdbx_struct_assembly_gen.asym_id_list      A,B 
# 
_pdbx_struct_oper_list.id                   1 
_pdbx_struct_oper_list.type                 'identity operation' 
_pdbx_struct_oper_list.name                 1_555 
_pdbx_struct_oper_list.symmetry_operation   x,y,z 
_pdbx_struct_oper_list.matrix[1][1]         1.0000000000 
_pdbx_struct_oper_list.matrix[1][2]         0.0000000000 
_pdbx_struct_oper_list.matrix[1][3]         0.0000000000 
_pdbx_struct_oper_list.vector[1]            0.0000000000 
_pdbx_struct_oper_list.matrix[2][1]         0.0000000000 
_pdbx_struct_oper_list.matrix[2][2]         1.0000000000 
_pdbx_struct_oper_list.matrix[2][3]         0.0000000000 
_pdbx_struct_oper_list.vector[2]            0.0000000000 
_pdbx_struct_oper_list.matrix[3][1]         0.0000000000 
_pdbx_struct_oper_list.matrix[3][2]         0.0000000000 
_pdbx_struct_oper_list.matrix[3][3]         1.0000000000 
_pdbx_struct_oper_list.vector[3]            0.0000000000 
# 
loop_
_pdbx_audit_revision_history.ordinal 
_pdbx_audit_revision_history.data_content_type 
_pdbx_audit_revision_history.major_revision 
_pdbx_audit_revision_history.minor_revision 
_pdbx_audit_revision_history.revision_date 
1 'Structure model' 1 0 2015-10-28 
2 'Structure model' 1 1 2015-12-02 
3 'Structure model' 1 2 2017-09-13 
4 'Structure model' 1 3 2019-12-25 
5 'Structure model' 1 4 2023-09-27 
# 
_pdbx_audit_revision_details.ordinal             1 
_pdbx_audit_revision_details.revision_ordinal    1 
_pdbx_audit_revision_details.data_content_type   'Structure model' 
_pdbx_audit_revision_details.provider            repository 
_pdbx_audit_revision_details.type                'Initial release' 
_pdbx_audit_revision_details.description         ? 
_pdbx_audit_revision_details.details             ? 
# 
loop_
_pdbx_audit_revision_group.ordinal 
_pdbx_audit_revision_group.revision_ordinal 
_pdbx_audit_revision_group.data_content_type 
_pdbx_audit_revision_group.group 
1 2 'Structure model' 'Database references'        
2 3 'Structure model' 'Author supporting evidence' 
3 3 'Structure model' 'Database references'        
4 3 'Structure model' 'Derived calculations'       
5 4 'Structure model' 'Author supporting evidence' 
6 5 'Structure model' 'Data collection'            
7 5 'Structure model' 'Database references'        
8 5 'Structure model' 'Refinement description'     
# 
loop_
_pdbx_audit_revision_category.ordinal 
_pdbx_audit_revision_category.revision_ordinal 
_pdbx_audit_revision_category.data_content_type 
_pdbx_audit_revision_category.category 
1 3 'Structure model' citation                      
2 3 'Structure model' pdbx_audit_support            
3 3 'Structure model' pdbx_struct_oper_list         
4 4 'Structure model' pdbx_audit_support            
5 5 'Structure model' chem_comp_atom                
6 5 'Structure model' chem_comp_bond                
7 5 'Structure model' database_2                    
8 5 'Structure model' pdbx_initial_refinement_model 
# 
loop_
_pdbx_audit_revision_item.ordinal 
_pdbx_audit_revision_item.revision_ordinal 
_pdbx_audit_revision_item.data_content_type 
_pdbx_audit_revision_item.item 
1 3 'Structure model' '_citation.journal_id_CSD'                  
2 3 'Structure model' '_pdbx_audit_support.funding_organization'  
3 3 'Structure model' '_pdbx_struct_oper_list.symmetry_operation' 
4 4 'Structure model' '_pdbx_audit_support.funding_organization'  
5 5 'Structure model' '_database_2.pdbx_DOI'                      
6 5 'Structure model' '_database_2.pdbx_database_accession'       
# 
loop_
_software.citation_id 
_software.classification 
_software.compiler_name 
_software.compiler_version 
_software.contact_author 
_software.contact_author_email 
_software.date 
_software.description 
_software.dependencies 
_software.hardware 
_software.language 
_software.location 
_software.mods 
_software.name 
_software.os 
_software.os_version 
_software.type 
_software.version 
_software.pdbx_ordinal 
? refinement       ? ? ? ? ? ? ? ? ? ? ? PHENIX   ? ? ? '(phenix.refine: 1.8.4_1496)' 1 
? 'data reduction' ? ? ? ? ? ? ? ? ? ? ? HKL-2000 ? ? ? .                             2 
# 
loop_
_pdbx_validate_torsion.id 
_pdbx_validate_torsion.PDB_model_num 
_pdbx_validate_torsion.auth_comp_id 
_pdbx_validate_torsion.auth_asym_id 
_pdbx_validate_torsion.auth_seq_id 
_pdbx_validate_torsion.PDB_ins_code 
_pdbx_validate_torsion.label_alt_id 
_pdbx_validate_torsion.phi 
_pdbx_validate_torsion.psi 
1 1 LEU A 27  ? ? -160.10 90.92  
2 1 GLU A 125 ? ? -88.36  -93.01 
# 
loop_
_pdbx_unobs_or_zero_occ_atoms.id 
_pdbx_unobs_or_zero_occ_atoms.PDB_model_num 
_pdbx_unobs_or_zero_occ_atoms.polymer_flag 
_pdbx_unobs_or_zero_occ_atoms.occupancy_flag 
_pdbx_unobs_or_zero_occ_atoms.auth_asym_id 
_pdbx_unobs_or_zero_occ_atoms.auth_comp_id 
_pdbx_unobs_or_zero_occ_atoms.auth_seq_id 
_pdbx_unobs_or_zero_occ_atoms.PDB_ins_code 
_pdbx_unobs_or_zero_occ_atoms.auth_atom_id 
_pdbx_unobs_or_zero_occ_atoms.label_alt_id 
_pdbx_unobs_or_zero_occ_atoms.label_asym_id 
_pdbx_unobs_or_zero_occ_atoms.label_comp_id 
_pdbx_unobs_or_zero_occ_atoms.label_seq_id 
_pdbx_unobs_or_zero_occ_atoms.label_atom_id 
1  1 Y 1 A LYS 4   ? CG  ? A LYS 4   CG  
2  1 Y 1 A LYS 4   ? CD  ? A LYS 4   CD  
3  1 Y 1 A LYS 4   ? CE  ? A LYS 4   CE  
4  1 Y 1 A LYS 4   ? NZ  ? A LYS 4   NZ  
5  1 Y 1 A GLU 67  ? CG  ? A GLU 67  CG  
6  1 Y 1 A GLU 67  ? CD  ? A GLU 67  CD  
7  1 Y 1 A GLU 67  ? OE1 ? A GLU 67  OE1 
8  1 Y 1 A GLU 67  ? OE2 ? A GLU 67  OE2 
9  1 Y 1 A LYS 96  ? CG  ? A LYS 96  CG  
10 1 Y 1 A LYS 96  ? CD  ? A LYS 96  CD  
11 1 Y 1 A LYS 96  ? CE  ? A LYS 96  CE  
12 1 Y 1 A LYS 96  ? NZ  ? A LYS 96  NZ  
13 1 Y 1 A LYS 126 ? CG  ? A LYS 126 CG  
14 1 Y 1 A LYS 126 ? CD  ? A LYS 126 CD  
15 1 Y 1 A LYS 126 ? CE  ? A LYS 126 CE  
16 1 Y 1 A LYS 126 ? NZ  ? A LYS 126 NZ  
17 1 Y 1 A LYS 136 ? CG  ? A LYS 136 CG  
18 1 Y 1 A LYS 136 ? CD  ? A LYS 136 CD  
19 1 Y 1 A LYS 136 ? CE  ? A LYS 136 CE  
20 1 Y 1 A LYS 136 ? NZ  ? A LYS 136 NZ  
# 
loop_
_pdbx_unobs_or_zero_occ_residues.id 
_pdbx_unobs_or_zero_occ_residues.PDB_model_num 
_pdbx_unobs_or_zero_occ_residues.polymer_flag 
_pdbx_unobs_or_zero_occ_residues.occupancy_flag 
_pdbx_unobs_or_zero_occ_residues.auth_asym_id 
_pdbx_unobs_or_zero_occ_residues.auth_comp_id 
_pdbx_unobs_or_zero_occ_residues.auth_seq_id 
_pdbx_unobs_or_zero_occ_residues.PDB_ins_code 
_pdbx_unobs_or_zero_occ_residues.label_asym_id 
_pdbx_unobs_or_zero_occ_residues.label_comp_id 
_pdbx_unobs_or_zero_occ_residues.label_seq_id 
1  1 Y 1 A THR 166 ? A THR 166 
2  1 Y 1 A SER 167 ? A SER 167 
3  1 Y 1 A LEU 168 ? A LEU 168 
4  1 Y 1 A GLU 169 ? A GLU 169 
5  1 Y 1 A HIS 170 ? A HIS 170 
6  1 Y 1 A HIS 171 ? A HIS 171 
7  1 Y 1 A HIS 172 ? A HIS 172 
8  1 Y 1 A HIS 173 ? A HIS 173 
9  1 Y 1 A HIS 174 ? A HIS 174 
10 1 Y 1 A HIS 175 ? A HIS 175 
# 
loop_
_chem_comp_atom.comp_id 
_chem_comp_atom.atom_id 
_chem_comp_atom.type_symbol 
_chem_comp_atom.pdbx_aromatic_flag 
_chem_comp_atom.pdbx_stereo_config 
_chem_comp_atom.pdbx_ordinal 
ALA N    N N N 1   
ALA CA   C N S 2   
ALA C    C N N 3   
ALA O    O N N 4   
ALA CB   C N N 5   
ALA OXT  O N N 6   
ALA H    H N N 7   
ALA H2   H N N 8   
ALA HA   H N N 9   
ALA HB1  H N N 10  
ALA HB2  H N N 11  
ALA HB3  H N N 12  
ALA HXT  H N N 13  
ARG N    N N N 14  
ARG CA   C N S 15  
ARG C    C N N 16  
ARG O    O N N 17  
ARG CB   C N N 18  
ARG CG   C N N 19  
ARG CD   C N N 20  
ARG NE   N N N 21  
ARG CZ   C N N 22  
ARG NH1  N N N 23  
ARG NH2  N N N 24  
ARG OXT  O N N 25  
ARG H    H N N 26  
ARG H2   H N N 27  
ARG HA   H N N 28  
ARG HB2  H N N 29  
ARG HB3  H N N 30  
ARG HG2  H N N 31  
ARG HG3  H N N 32  
ARG HD2  H N N 33  
ARG HD3  H N N 34  
ARG HE   H N N 35  
ARG HH11 H N N 36  
ARG HH12 H N N 37  
ARG HH21 H N N 38  
ARG HH22 H N N 39  
ARG HXT  H N N 40  
ASN N    N N N 41  
ASN CA   C N S 42  
ASN C    C N N 43  
ASN O    O N N 44  
ASN CB   C N N 45  
ASN CG   C N N 46  
ASN OD1  O N N 47  
ASN ND2  N N N 48  
ASN OXT  O N N 49  
ASN H    H N N 50  
ASN H2   H N N 51  
ASN HA   H N N 52  
ASN HB2  H N N 53  
ASN HB3  H N N 54  
ASN HD21 H N N 55  
ASN HD22 H N N 56  
ASN HXT  H N N 57  
ASP N    N N N 58  
ASP CA   C N S 59  
ASP C    C N N 60  
ASP O    O N N 61  
ASP CB   C N N 62  
ASP CG   C N N 63  
ASP OD1  O N N 64  
ASP OD2  O N N 65  
ASP OXT  O N N 66  
ASP H    H N N 67  
ASP H2   H N N 68  
ASP HA   H N N 69  
ASP HB2  H N N 70  
ASP HB3  H N N 71  
ASP HD2  H N N 72  
ASP HXT  H N N 73  
CYS N    N N N 74  
CYS CA   C N R 75  
CYS C    C N N 76  
CYS O    O N N 77  
CYS CB   C N N 78  
CYS SG   S N N 79  
CYS OXT  O N N 80  
CYS H    H N N 81  
CYS H2   H N N 82  
CYS HA   H N N 83  
CYS HB2  H N N 84  
CYS HB3  H N N 85  
CYS HG   H N N 86  
CYS HXT  H N N 87  
GLN N    N N N 88  
GLN CA   C N S 89  
GLN C    C N N 90  
GLN O    O N N 91  
GLN CB   C N N 92  
GLN CG   C N N 93  
GLN CD   C N N 94  
GLN OE1  O N N 95  
GLN NE2  N N N 96  
GLN OXT  O N N 97  
GLN H    H N N 98  
GLN H2   H N N 99  
GLN HA   H N N 100 
GLN HB2  H N N 101 
GLN HB3  H N N 102 
GLN HG2  H N N 103 
GLN HG3  H N N 104 
GLN HE21 H N N 105 
GLN HE22 H N N 106 
GLN HXT  H N N 107 
GLU N    N N N 108 
GLU CA   C N S 109 
GLU C    C N N 110 
GLU O    O N N 111 
GLU CB   C N N 112 
GLU CG   C N N 113 
GLU CD   C N N 114 
GLU OE1  O N N 115 
GLU OE2  O N N 116 
GLU OXT  O N N 117 
GLU H    H N N 118 
GLU H2   H N N 119 
GLU HA   H N N 120 
GLU HB2  H N N 121 
GLU HB3  H N N 122 
GLU HG2  H N N 123 
GLU HG3  H N N 124 
GLU HE2  H N N 125 
GLU HXT  H N N 126 
GLY N    N N N 127 
GLY CA   C N N 128 
GLY C    C N N 129 
GLY O    O N N 130 
GLY OXT  O N N 131 
GLY H    H N N 132 
GLY H2   H N N 133 
GLY HA2  H N N 134 
GLY HA3  H N N 135 
GLY HXT  H N N 136 
HIS N    N N N 137 
HIS CA   C N S 138 
HIS C    C N N 139 
HIS O    O N N 140 
HIS CB   C N N 141 
HIS CG   C Y N 142 
HIS ND1  N Y N 143 
HIS CD2  C Y N 144 
HIS CE1  C Y N 145 
HIS NE2  N Y N 146 
HIS OXT  O N N 147 
HIS H    H N N 148 
HIS H2   H N N 149 
HIS HA   H N N 150 
HIS HB2  H N N 151 
HIS HB3  H N N 152 
HIS HD1  H N N 153 
HIS HD2  H N N 154 
HIS HE1  H N N 155 
HIS HE2  H N N 156 
HIS HXT  H N N 157 
HOH O    O N N 158 
HOH H1   H N N 159 
HOH H2   H N N 160 
ILE N    N N N 161 
ILE CA   C N S 162 
ILE C    C N N 163 
ILE O    O N N 164 
ILE CB   C N S 165 
ILE CG1  C N N 166 
ILE CG2  C N N 167 
ILE CD1  C N N 168 
ILE OXT  O N N 169 
ILE H    H N N 170 
ILE H2   H N N 171 
ILE HA   H N N 172 
ILE HB   H N N 173 
ILE HG12 H N N 174 
ILE HG13 H N N 175 
ILE HG21 H N N 176 
ILE HG22 H N N 177 
ILE HG23 H N N 178 
ILE HD11 H N N 179 
ILE HD12 H N N 180 
ILE HD13 H N N 181 
ILE HXT  H N N 182 
LEU N    N N N 183 
LEU CA   C N S 184 
LEU C    C N N 185 
LEU O    O N N 186 
LEU CB   C N N 187 
LEU CG   C N N 188 
LEU CD1  C N N 189 
LEU CD2  C N N 190 
LEU OXT  O N N 191 
LEU H    H N N 192 
LEU H2   H N N 193 
LEU HA   H N N 194 
LEU HB2  H N N 195 
LEU HB3  H N N 196 
LEU HG   H N N 197 
LEU HD11 H N N 198 
LEU HD12 H N N 199 
LEU HD13 H N N 200 
LEU HD21 H N N 201 
LEU HD22 H N N 202 
LEU HD23 H N N 203 
LEU HXT  H N N 204 
LYS N    N N N 205 
LYS CA   C N S 206 
LYS C    C N N 207 
LYS O    O N N 208 
LYS CB   C N N 209 
LYS CG   C N N 210 
LYS CD   C N N 211 
LYS CE   C N N 212 
LYS NZ   N N N 213 
LYS OXT  O N N 214 
LYS H    H N N 215 
LYS H2   H N N 216 
LYS HA   H N N 217 
LYS HB2  H N N 218 
LYS HB3  H N N 219 
LYS HG2  H N N 220 
LYS HG3  H N N 221 
LYS HD2  H N N 222 
LYS HD3  H N N 223 
LYS HE2  H N N 224 
LYS HE3  H N N 225 
LYS HZ1  H N N 226 
LYS HZ2  H N N 227 
LYS HZ3  H N N 228 
LYS HXT  H N N 229 
MET N    N N N 230 
MET CA   C N S 231 
MET C    C N N 232 
MET O    O N N 233 
MET CB   C N N 234 
MET CG   C N N 235 
MET SD   S N N 236 
MET CE   C N N 237 
MET OXT  O N N 238 
MET H    H N N 239 
MET H2   H N N 240 
MET HA   H N N 241 
MET HB2  H N N 242 
MET HB3  H N N 243 
MET HG2  H N N 244 
MET HG3  H N N 245 
MET HE1  H N N 246 
MET HE2  H N N 247 
MET HE3  H N N 248 
MET HXT  H N N 249 
PHE N    N N N 250 
PHE CA   C N S 251 
PHE C    C N N 252 
PHE O    O N N 253 
PHE CB   C N N 254 
PHE CG   C Y N 255 
PHE CD1  C Y N 256 
PHE CD2  C Y N 257 
PHE CE1  C Y N 258 
PHE CE2  C Y N 259 
PHE CZ   C Y N 260 
PHE OXT  O N N 261 
PHE H    H N N 262 
PHE H2   H N N 263 
PHE HA   H N N 264 
PHE HB2  H N N 265 
PHE HB3  H N N 266 
PHE HD1  H N N 267 
PHE HD2  H N N 268 
PHE HE1  H N N 269 
PHE HE2  H N N 270 
PHE HZ   H N N 271 
PHE HXT  H N N 272 
PRO N    N N N 273 
PRO CA   C N S 274 
PRO C    C N N 275 
PRO O    O N N 276 
PRO CB   C N N 277 
PRO CG   C N N 278 
PRO CD   C N N 279 
PRO OXT  O N N 280 
PRO H    H N N 281 
PRO HA   H N N 282 
PRO HB2  H N N 283 
PRO HB3  H N N 284 
PRO HG2  H N N 285 
PRO HG3  H N N 286 
PRO HD2  H N N 287 
PRO HD3  H N N 288 
PRO HXT  H N N 289 
SER N    N N N 290 
SER CA   C N S 291 
SER C    C N N 292 
SER O    O N N 293 
SER CB   C N N 294 
SER OG   O N N 295 
SER OXT  O N N 296 
SER H    H N N 297 
SER H2   H N N 298 
SER HA   H N N 299 
SER HB2  H N N 300 
SER HB3  H N N 301 
SER HG   H N N 302 
SER HXT  H N N 303 
THR N    N N N 304 
THR CA   C N S 305 
THR C    C N N 306 
THR O    O N N 307 
THR CB   C N R 308 
THR OG1  O N N 309 
THR CG2  C N N 310 
THR OXT  O N N 311 
THR H    H N N 312 
THR H2   H N N 313 
THR HA   H N N 314 
THR HB   H N N 315 
THR HG1  H N N 316 
THR HG21 H N N 317 
THR HG22 H N N 318 
THR HG23 H N N 319 
THR HXT  H N N 320 
TRP N    N N N 321 
TRP CA   C N S 322 
TRP C    C N N 323 
TRP O    O N N 324 
TRP CB   C N N 325 
TRP CG   C Y N 326 
TRP CD1  C Y N 327 
TRP CD2  C Y N 328 
TRP NE1  N Y N 329 
TRP CE2  C Y N 330 
TRP CE3  C Y N 331 
TRP CZ2  C Y N 332 
TRP CZ3  C Y N 333 
TRP CH2  C Y N 334 
TRP OXT  O N N 335 
TRP H    H N N 336 
TRP H2   H N N 337 
TRP HA   H N N 338 
TRP HB2  H N N 339 
TRP HB3  H N N 340 
TRP HD1  H N N 341 
TRP HE1  H N N 342 
TRP HE3  H N N 343 
TRP HZ2  H N N 344 
TRP HZ3  H N N 345 
TRP HH2  H N N 346 
TRP HXT  H N N 347 
TYR N    N N N 348 
TYR CA   C N S 349 
TYR C    C N N 350 
TYR O    O N N 351 
TYR CB   C N N 352 
TYR CG   C Y N 353 
TYR CD1  C Y N 354 
TYR CD2  C Y N 355 
TYR CE1  C Y N 356 
TYR CE2  C Y N 357 
TYR CZ   C Y N 358 
TYR OH   O N N 359 
TYR OXT  O N N 360 
TYR H    H N N 361 
TYR H2   H N N 362 
TYR HA   H N N 363 
TYR HB2  H N N 364 
TYR HB3  H N N 365 
TYR HD1  H N N 366 
TYR HD2  H N N 367 
TYR HE1  H N N 368 
TYR HE2  H N N 369 
TYR HH   H N N 370 
TYR HXT  H N N 371 
VAL N    N N N 372 
VAL CA   C N S 373 
VAL C    C N N 374 
VAL O    O N N 375 
VAL CB   C N N 376 
VAL CG1  C N N 377 
VAL CG2  C N N 378 
VAL OXT  O N N 379 
VAL H    H N N 380 
VAL H2   H N N 381 
VAL HA   H N N 382 
VAL HB   H N N 383 
VAL HG11 H N N 384 
VAL HG12 H N N 385 
VAL HG13 H N N 386 
VAL HG21 H N N 387 
VAL HG22 H N N 388 
VAL HG23 H N N 389 
VAL HXT  H N N 390 
# 
loop_
_chem_comp_bond.comp_id 
_chem_comp_bond.atom_id_1 
_chem_comp_bond.atom_id_2 
_chem_comp_bond.value_order 
_chem_comp_bond.pdbx_aromatic_flag 
_chem_comp_bond.pdbx_stereo_config 
_chem_comp_bond.pdbx_ordinal 
ALA N   CA   sing N N 1   
ALA N   H    sing N N 2   
ALA N   H2   sing N N 3   
ALA CA  C    sing N N 4   
ALA CA  CB   sing N N 5   
ALA CA  HA   sing N N 6   
ALA C   O    doub N N 7   
ALA C   OXT  sing N N 8   
ALA CB  HB1  sing N N 9   
ALA CB  HB2  sing N N 10  
ALA CB  HB3  sing N N 11  
ALA OXT HXT  sing N N 12  
ARG N   CA   sing N N 13  
ARG N   H    sing N N 14  
ARG N   H2   sing N N 15  
ARG CA  C    sing N N 16  
ARG CA  CB   sing N N 17  
ARG CA  HA   sing N N 18  
ARG C   O    doub N N 19  
ARG C   OXT  sing N N 20  
ARG CB  CG   sing N N 21  
ARG CB  HB2  sing N N 22  
ARG CB  HB3  sing N N 23  
ARG CG  CD   sing N N 24  
ARG CG  HG2  sing N N 25  
ARG CG  HG3  sing N N 26  
ARG CD  NE   sing N N 27  
ARG CD  HD2  sing N N 28  
ARG CD  HD3  sing N N 29  
ARG NE  CZ   sing N N 30  
ARG NE  HE   sing N N 31  
ARG CZ  NH1  sing N N 32  
ARG CZ  NH2  doub N N 33  
ARG NH1 HH11 sing N N 34  
ARG NH1 HH12 sing N N 35  
ARG NH2 HH21 sing N N 36  
ARG NH2 HH22 sing N N 37  
ARG OXT HXT  sing N N 38  
ASN N   CA   sing N N 39  
ASN N   H    sing N N 40  
ASN N   H2   sing N N 41  
ASN CA  C    sing N N 42  
ASN CA  CB   sing N N 43  
ASN CA  HA   sing N N 44  
ASN C   O    doub N N 45  
ASN C   OXT  sing N N 46  
ASN CB  CG   sing N N 47  
ASN CB  HB2  sing N N 48  
ASN CB  HB3  sing N N 49  
ASN CG  OD1  doub N N 50  
ASN CG  ND2  sing N N 51  
ASN ND2 HD21 sing N N 52  
ASN ND2 HD22 sing N N 53  
ASN OXT HXT  sing N N 54  
ASP N   CA   sing N N 55  
ASP N   H    sing N N 56  
ASP N   H2   sing N N 57  
ASP CA  C    sing N N 58  
ASP CA  CB   sing N N 59  
ASP CA  HA   sing N N 60  
ASP C   O    doub N N 61  
ASP C   OXT  sing N N 62  
ASP CB  CG   sing N N 63  
ASP CB  HB2  sing N N 64  
ASP CB  HB3  sing N N 65  
ASP CG  OD1  doub N N 66  
ASP CG  OD2  sing N N 67  
ASP OD2 HD2  sing N N 68  
ASP OXT HXT  sing N N 69  
CYS N   CA   sing N N 70  
CYS N   H    sing N N 71  
CYS N   H2   sing N N 72  
CYS CA  C    sing N N 73  
CYS CA  CB   sing N N 74  
CYS CA  HA   sing N N 75  
CYS C   O    doub N N 76  
CYS C   OXT  sing N N 77  
CYS CB  SG   sing N N 78  
CYS CB  HB2  sing N N 79  
CYS CB  HB3  sing N N 80  
CYS SG  HG   sing N N 81  
CYS OXT HXT  sing N N 82  
GLN N   CA   sing N N 83  
GLN N   H    sing N N 84  
GLN N   H2   sing N N 85  
GLN CA  C    sing N N 86  
GLN CA  CB   sing N N 87  
GLN CA  HA   sing N N 88  
GLN C   O    doub N N 89  
GLN C   OXT  sing N N 90  
GLN CB  CG   sing N N 91  
GLN CB  HB2  sing N N 92  
GLN CB  HB3  sing N N 93  
GLN CG  CD   sing N N 94  
GLN CG  HG2  sing N N 95  
GLN CG  HG3  sing N N 96  
GLN CD  OE1  doub N N 97  
GLN CD  NE2  sing N N 98  
GLN NE2 HE21 sing N N 99  
GLN NE2 HE22 sing N N 100 
GLN OXT HXT  sing N N 101 
GLU N   CA   sing N N 102 
GLU N   H    sing N N 103 
GLU N   H2   sing N N 104 
GLU CA  C    sing N N 105 
GLU CA  CB   sing N N 106 
GLU CA  HA   sing N N 107 
GLU C   O    doub N N 108 
GLU C   OXT  sing N N 109 
GLU CB  CG   sing N N 110 
GLU CB  HB2  sing N N 111 
GLU CB  HB3  sing N N 112 
GLU CG  CD   sing N N 113 
GLU CG  HG2  sing N N 114 
GLU CG  HG3  sing N N 115 
GLU CD  OE1  doub N N 116 
GLU CD  OE2  sing N N 117 
GLU OE2 HE2  sing N N 118 
GLU OXT HXT  sing N N 119 
GLY N   CA   sing N N 120 
GLY N   H    sing N N 121 
GLY N   H2   sing N N 122 
GLY CA  C    sing N N 123 
GLY CA  HA2  sing N N 124 
GLY CA  HA3  sing N N 125 
GLY C   O    doub N N 126 
GLY C   OXT  sing N N 127 
GLY OXT HXT  sing N N 128 
HIS N   CA   sing N N 129 
HIS N   H    sing N N 130 
HIS N   H2   sing N N 131 
HIS CA  C    sing N N 132 
HIS CA  CB   sing N N 133 
HIS CA  HA   sing N N 134 
HIS C   O    doub N N 135 
HIS C   OXT  sing N N 136 
HIS CB  CG   sing N N 137 
HIS CB  HB2  sing N N 138 
HIS CB  HB3  sing N N 139 
HIS CG  ND1  sing Y N 140 
HIS CG  CD2  doub Y N 141 
HIS ND1 CE1  doub Y N 142 
HIS ND1 HD1  sing N N 143 
HIS CD2 NE2  sing Y N 144 
HIS CD2 HD2  sing N N 145 
HIS CE1 NE2  sing Y N 146 
HIS CE1 HE1  sing N N 147 
HIS NE2 HE2  sing N N 148 
HIS OXT HXT  sing N N 149 
HOH O   H1   sing N N 150 
HOH O   H2   sing N N 151 
ILE N   CA   sing N N 152 
ILE N   H    sing N N 153 
ILE N   H2   sing N N 154 
ILE CA  C    sing N N 155 
ILE CA  CB   sing N N 156 
ILE CA  HA   sing N N 157 
ILE C   O    doub N N 158 
ILE C   OXT  sing N N 159 
ILE CB  CG1  sing N N 160 
ILE CB  CG2  sing N N 161 
ILE CB  HB   sing N N 162 
ILE CG1 CD1  sing N N 163 
ILE CG1 HG12 sing N N 164 
ILE CG1 HG13 sing N N 165 
ILE CG2 HG21 sing N N 166 
ILE CG2 HG22 sing N N 167 
ILE CG2 HG23 sing N N 168 
ILE CD1 HD11 sing N N 169 
ILE CD1 HD12 sing N N 170 
ILE CD1 HD13 sing N N 171 
ILE OXT HXT  sing N N 172 
LEU N   CA   sing N N 173 
LEU N   H    sing N N 174 
LEU N   H2   sing N N 175 
LEU CA  C    sing N N 176 
LEU CA  CB   sing N N 177 
LEU CA  HA   sing N N 178 
LEU C   O    doub N N 179 
LEU C   OXT  sing N N 180 
LEU CB  CG   sing N N 181 
LEU CB  HB2  sing N N 182 
LEU CB  HB3  sing N N 183 
LEU CG  CD1  sing N N 184 
LEU CG  CD2  sing N N 185 
LEU CG  HG   sing N N 186 
LEU CD1 HD11 sing N N 187 
LEU CD1 HD12 sing N N 188 
LEU CD1 HD13 sing N N 189 
LEU CD2 HD21 sing N N 190 
LEU CD2 HD22 sing N N 191 
LEU CD2 HD23 sing N N 192 
LEU OXT HXT  sing N N 193 
LYS N   CA   sing N N 194 
LYS N   H    sing N N 195 
LYS N   H2   sing N N 196 
LYS CA  C    sing N N 197 
LYS CA  CB   sing N N 198 
LYS CA  HA   sing N N 199 
LYS C   O    doub N N 200 
LYS C   OXT  sing N N 201 
LYS CB  CG   sing N N 202 
LYS CB  HB2  sing N N 203 
LYS CB  HB3  sing N N 204 
LYS CG  CD   sing N N 205 
LYS CG  HG2  sing N N 206 
LYS CG  HG3  sing N N 207 
LYS CD  CE   sing N N 208 
LYS CD  HD2  sing N N 209 
LYS CD  HD3  sing N N 210 
LYS CE  NZ   sing N N 211 
LYS CE  HE2  sing N N 212 
LYS CE  HE3  sing N N 213 
LYS NZ  HZ1  sing N N 214 
LYS NZ  HZ2  sing N N 215 
LYS NZ  HZ3  sing N N 216 
LYS OXT HXT  sing N N 217 
MET N   CA   sing N N 218 
MET N   H    sing N N 219 
MET N   H2   sing N N 220 
MET CA  C    sing N N 221 
MET CA  CB   sing N N 222 
MET CA  HA   sing N N 223 
MET C   O    doub N N 224 
MET C   OXT  sing N N 225 
MET CB  CG   sing N N 226 
MET CB  HB2  sing N N 227 
MET CB  HB3  sing N N 228 
MET CG  SD   sing N N 229 
MET CG  HG2  sing N N 230 
MET CG  HG3  sing N N 231 
MET SD  CE   sing N N 232 
MET CE  HE1  sing N N 233 
MET CE  HE2  sing N N 234 
MET CE  HE3  sing N N 235 
MET OXT HXT  sing N N 236 
PHE N   CA   sing N N 237 
PHE N   H    sing N N 238 
PHE N   H2   sing N N 239 
PHE CA  C    sing N N 240 
PHE CA  CB   sing N N 241 
PHE CA  HA   sing N N 242 
PHE C   O    doub N N 243 
PHE C   OXT  sing N N 244 
PHE CB  CG   sing N N 245 
PHE CB  HB2  sing N N 246 
PHE CB  HB3  sing N N 247 
PHE CG  CD1  doub Y N 248 
PHE CG  CD2  sing Y N 249 
PHE CD1 CE1  sing Y N 250 
PHE CD1 HD1  sing N N 251 
PHE CD2 CE2  doub Y N 252 
PHE CD2 HD2  sing N N 253 
PHE CE1 CZ   doub Y N 254 
PHE CE1 HE1  sing N N 255 
PHE CE2 CZ   sing Y N 256 
PHE CE2 HE2  sing N N 257 
PHE CZ  HZ   sing N N 258 
PHE OXT HXT  sing N N 259 
PRO N   CA   sing N N 260 
PRO N   CD   sing N N 261 
PRO N   H    sing N N 262 
PRO CA  C    sing N N 263 
PRO CA  CB   sing N N 264 
PRO CA  HA   sing N N 265 
PRO C   O    doub N N 266 
PRO C   OXT  sing N N 267 
PRO CB  CG   sing N N 268 
PRO CB  HB2  sing N N 269 
PRO CB  HB3  sing N N 270 
PRO CG  CD   sing N N 271 
PRO CG  HG2  sing N N 272 
PRO CG  HG3  sing N N 273 
PRO CD  HD2  sing N N 274 
PRO CD  HD3  sing N N 275 
PRO OXT HXT  sing N N 276 
SER N   CA   sing N N 277 
SER N   H    sing N N 278 
SER N   H2   sing N N 279 
SER CA  C    sing N N 280 
SER CA  CB   sing N N 281 
SER CA  HA   sing N N 282 
SER C   O    doub N N 283 
SER C   OXT  sing N N 284 
SER CB  OG   sing N N 285 
SER CB  HB2  sing N N 286 
SER CB  HB3  sing N N 287 
SER OG  HG   sing N N 288 
SER OXT HXT  sing N N 289 
THR N   CA   sing N N 290 
THR N   H    sing N N 291 
THR N   H2   sing N N 292 
THR CA  C    sing N N 293 
THR CA  CB   sing N N 294 
THR CA  HA   sing N N 295 
THR C   O    doub N N 296 
THR C   OXT  sing N N 297 
THR CB  OG1  sing N N 298 
THR CB  CG2  sing N N 299 
THR CB  HB   sing N N 300 
THR OG1 HG1  sing N N 301 
THR CG2 HG21 sing N N 302 
THR CG2 HG22 sing N N 303 
THR CG2 HG23 sing N N 304 
THR OXT HXT  sing N N 305 
TRP N   CA   sing N N 306 
TRP N   H    sing N N 307 
TRP N   H2   sing N N 308 
TRP CA  C    sing N N 309 
TRP CA  CB   sing N N 310 
TRP CA  HA   sing N N 311 
TRP C   O    doub N N 312 
TRP C   OXT  sing N N 313 
TRP CB  CG   sing N N 314 
TRP CB  HB2  sing N N 315 
TRP CB  HB3  sing N N 316 
TRP CG  CD1  doub Y N 317 
TRP CG  CD2  sing Y N 318 
TRP CD1 NE1  sing Y N 319 
TRP CD1 HD1  sing N N 320 
TRP CD2 CE2  doub Y N 321 
TRP CD2 CE3  sing Y N 322 
TRP NE1 CE2  sing Y N 323 
TRP NE1 HE1  sing N N 324 
TRP CE2 CZ2  sing Y N 325 
TRP CE3 CZ3  doub Y N 326 
TRP CE3 HE3  sing N N 327 
TRP CZ2 CH2  doub Y N 328 
TRP CZ2 HZ2  sing N N 329 
TRP CZ3 CH2  sing Y N 330 
TRP CZ3 HZ3  sing N N 331 
TRP CH2 HH2  sing N N 332 
TRP OXT HXT  sing N N 333 
TYR N   CA   sing N N 334 
TYR N   H    sing N N 335 
TYR N   H2   sing N N 336 
TYR CA  C    sing N N 337 
TYR CA  CB   sing N N 338 
TYR CA  HA   sing N N 339 
TYR C   O    doub N N 340 
TYR C   OXT  sing N N 341 
TYR CB  CG   sing N N 342 
TYR CB  HB2  sing N N 343 
TYR CB  HB3  sing N N 344 
TYR CG  CD1  doub Y N 345 
TYR CG  CD2  sing Y N 346 
TYR CD1 CE1  sing Y N 347 
TYR CD1 HD1  sing N N 348 
TYR CD2 CE2  doub Y N 349 
TYR CD2 HD2  sing N N 350 
TYR CE1 CZ   doub Y N 351 
TYR CE1 HE1  sing N N 352 
TYR CE2 CZ   sing Y N 353 
TYR CE2 HE2  sing N N 354 
TYR CZ  OH   sing N N 355 
TYR OH  HH   sing N N 356 
TYR OXT HXT  sing N N 357 
VAL N   CA   sing N N 358 
VAL N   H    sing N N 359 
VAL N   H2   sing N N 360 
VAL CA  C    sing N N 361 
VAL CA  CB   sing N N 362 
VAL CA  HA   sing N N 363 
VAL C   O    doub N N 364 
VAL C   OXT  sing N N 365 
VAL CB  CG1  sing N N 366 
VAL CB  CG2  sing N N 367 
VAL CB  HB   sing N N 368 
VAL CG1 HG11 sing N N 369 
VAL CG1 HG12 sing N N 370 
VAL CG1 HG13 sing N N 371 
VAL CG2 HG21 sing N N 372 
VAL CG2 HG22 sing N N 373 
VAL CG2 HG23 sing N N 374 
VAL OXT HXT  sing N N 375 
# 
_pdbx_audit_support.funding_organization   
'National Institutes of Health/National Institute of General Medical Sciences (NIH/NIGMS)' 
_pdbx_audit_support.country                'United States' 
_pdbx_audit_support.grant_number           GM102318 
_pdbx_audit_support.ordinal                1 
# 
_pdbx_entity_nonpoly.entity_id   2 
_pdbx_entity_nonpoly.name        water 
_pdbx_entity_nonpoly.comp_id     HOH 
# 
_pdbx_initial_refinement_model.id               1 
_pdbx_initial_refinement_model.entity_id_list   ? 
_pdbx_initial_refinement_model.type             'experimental model' 
_pdbx_initial_refinement_model.source_name      PDB 
_pdbx_initial_refinement_model.accession_code   4G6U 
_pdbx_initial_refinement_model.details          ? 
# 
